data_5ZG3
#
_entry.id   5ZG3
#
_cell.length_a   114.065
_cell.length_b   162.332
_cell.length_c   47.385
_cell.angle_alpha   90.00
_cell.angle_beta   90.02
_cell.angle_gamma   90.00
#
_symmetry.space_group_name_H-M   'P 1 21 1'
#
loop_
_entity.id
_entity.type
_entity.pdbx_description
1 polymer 'Glutamate receptor 2'
2 non-polymer 9-(4-phenoxyphenyl)-3,4-dihydro-2H-2lambda~6~-pyrido[2,1-c][1,2,4]thiadiazine-2,2-dione
3 non-polymer 'GLUTAMIC ACID'
4 non-polymer 'ZINC ION'
5 non-polymer 'ACETATE ION'
6 water water
#
_entity_poly.entity_id   1
_entity_poly.type   'polypeptide(L)'
_entity_poly.pdbx_seq_one_letter_code
;GSNKTVVVTTILESPYVMMKKNHEMLEGNERYEGYCVDLAAEIAKHCGFKYKLTIVGDGKYGARDADTKIWNGMVGELVY
GKADIAIAPLTITLVREEVIDFSKPFMSLGISIMIKKGTPIESAEDLSKQTEIAYGTLDSGSTKEFFRRSKIAVFDKMWT
YMRSAEPSVFVRTTAEGVARVRKSKGKYAYLLESTMNEYIEQRKPCDTMKVGGNLDSKGYGIATPKGSSLRNAVNLAVLK
LNEQGLLDKLKNKWWYDKGECGS
;
_entity_poly.pdbx_strand_id   A,B,C,D,E,F
#
loop_
_chem_comp.id
_chem_comp.type
_chem_comp.name
_chem_comp.formula
9C6 non-polymer 9-(4-phenoxyphenyl)-3,4-dihydro-2H-2lambda~6~-pyrido[2,1-c][1,2,4]thiadiazine-2,2-dione 'C19 H16 N2 O3 S'
ACT non-polymer 'ACETATE ION' 'C2 H3 O2 -1'
ZN non-polymer 'ZINC ION' 'Zn 2'
#
# COMPACT_ATOMS: atom_id res chain seq x y z
N ASN A 3 28.59 -28.04 -18.47
CA ASN A 3 29.06 -27.46 -17.17
C ASN A 3 29.07 -28.52 -16.07
N LYS A 4 30.22 -28.65 -15.42
CA LYS A 4 30.42 -29.63 -14.37
C LYS A 4 30.85 -28.93 -13.08
N THR A 5 30.38 -29.47 -11.96
CA THR A 5 30.78 -29.01 -10.64
C THR A 5 32.28 -29.26 -10.43
N VAL A 6 32.97 -28.19 -10.05
CA VAL A 6 34.43 -28.20 -9.87
C VAL A 6 34.74 -28.81 -8.47
N VAL A 7 35.62 -29.80 -8.43
CA VAL A 7 35.96 -30.43 -7.14
C VAL A 7 37.12 -29.67 -6.53
N VAL A 8 36.89 -29.10 -5.34
CA VAL A 8 37.91 -28.31 -4.64
C VAL A 8 38.50 -29.15 -3.53
N THR A 9 39.83 -29.32 -3.55
CA THR A 9 40.49 -29.99 -2.43
C THR A 9 41.03 -28.91 -1.47
N THR A 10 40.87 -29.16 -0.18
CA THR A 10 41.35 -28.21 0.82
C THR A 10 41.68 -29.02 2.06
N ILE A 11 42.06 -28.34 3.14
CA ILE A 11 42.61 -29.01 4.32
C ILE A 11 42.03 -28.37 5.58
N LEU A 12 41.72 -29.18 6.61
CA LEU A 12 41.23 -28.63 7.86
C LEU A 12 42.42 -28.06 8.62
N GLU A 13 42.56 -26.74 8.53
CA GLU A 13 43.64 -25.99 9.15
C GLU A 13 43.05 -24.64 9.52
N SER A 14 43.07 -24.30 10.82
CA SER A 14 42.51 -23.03 11.32
C SER A 14 43.40 -21.83 10.97
N PRO A 15 42.86 -20.68 10.57
CA PRO A 15 41.42 -20.41 10.37
C PRO A 15 41.00 -20.50 8.88
N TYR A 16 41.74 -21.26 8.09
CA TYR A 16 41.49 -21.38 6.64
C TYR A 16 40.23 -22.17 6.35
N VAL A 17 40.13 -23.38 6.92
CA VAL A 17 38.93 -24.20 6.82
C VAL A 17 38.72 -24.90 8.17
N MET A 18 37.52 -24.74 8.72
CA MET A 18 37.13 -25.30 10.01
C MET A 18 35.72 -25.85 9.89
N MET A 19 35.40 -26.84 10.71
CA MET A 19 34.02 -27.32 10.79
C MET A 19 33.19 -26.31 11.55
N LYS A 20 32.03 -25.93 10.98
CA LYS A 20 31.04 -25.12 11.71
C LYS A 20 30.50 -25.92 12.90
N LYS A 21 30.20 -25.21 13.98
CA LYS A 21 29.70 -25.84 15.24
C LYS A 21 28.43 -26.66 15.04
N ASN A 22 27.59 -26.27 14.09
CA ASN A 22 26.36 -27.03 13.81
C ASN A 22 26.43 -27.86 12.50
N HIS A 23 27.65 -28.26 12.12
CA HIS A 23 27.89 -28.91 10.80
C HIS A 23 27.07 -30.17 10.50
N GLU A 24 26.76 -30.97 11.53
CA GLU A 24 25.96 -32.19 11.41
C GLU A 24 24.56 -31.92 10.81
N MET A 25 24.07 -30.71 11.05
CA MET A 25 22.76 -30.28 10.61
C MET A 25 22.77 -29.49 9.28
N LEU A 26 23.96 -29.40 8.68
CA LEU A 26 24.17 -28.69 7.41
C LEU A 26 24.66 -29.63 6.29
N GLU A 27 24.57 -29.16 5.04
CA GLU A 27 24.85 -30.00 3.87
C GLU A 27 25.93 -29.37 3.01
N GLY A 28 26.75 -30.21 2.38
CA GLY A 28 27.73 -29.76 1.38
C GLY A 28 28.67 -28.66 1.85
N ASN A 29 28.83 -27.64 1.01
CA ASN A 29 29.75 -26.54 1.32
C ASN A 29 29.42 -25.76 2.60
N GLU A 30 28.14 -25.81 3.00
CA GLU A 30 27.67 -25.10 4.20
C GLU A 30 28.21 -25.66 5.51
N ARG A 31 28.79 -26.86 5.47
CA ARG A 31 29.41 -27.47 6.66
C ARG A 31 30.67 -26.74 7.18
N TYR A 32 31.28 -25.92 6.31
CA TYR A 32 32.63 -25.36 6.54
C TYR A 32 32.61 -23.84 6.66
N GLU A 33 33.59 -23.32 7.38
CA GLU A 33 33.81 -21.87 7.45
C GLU A 33 35.29 -21.55 7.54
N GLY A 34 35.63 -20.31 7.21
CA GLY A 34 37.03 -19.89 7.27
C GLY A 34 37.47 -19.06 6.09
N TYR A 35 38.71 -18.61 6.17
CA TYR A 35 39.30 -17.76 5.13
C TYR A 35 39.22 -18.41 3.75
N CYS A 36 39.61 -19.68 3.64
CA CYS A 36 39.61 -20.37 2.33
C CYS A 36 38.22 -20.71 1.83
N VAL A 37 37.27 -20.88 2.76
CA VAL A 37 35.86 -21.10 2.42
C VAL A 37 35.31 -19.82 1.78
N ASP A 38 35.60 -18.67 2.40
CA ASP A 38 35.21 -17.37 1.84
C ASP A 38 35.88 -17.10 0.50
N LEU A 39 37.17 -17.44 0.42
CA LEU A 39 37.94 -17.22 -0.82
C LEU A 39 37.40 -18.11 -1.94
N ALA A 40 37.10 -19.38 -1.62
CA ALA A 40 36.58 -20.30 -2.65
C ALA A 40 35.28 -19.79 -3.25
N ALA A 41 34.38 -19.26 -2.40
CA ALA A 41 33.11 -18.71 -2.86
C ALA A 41 33.33 -17.56 -3.84
N GLU A 42 34.31 -16.71 -3.54
CA GLU A 42 34.63 -15.56 -4.40
C GLU A 42 35.31 -15.97 -5.70
N ILE A 43 36.28 -16.87 -5.61
CA ILE A 43 36.92 -17.39 -6.83
C ILE A 43 35.88 -17.99 -7.76
N ALA A 44 34.97 -18.81 -7.21
CA ALA A 44 33.93 -19.46 -8.02
C ALA A 44 32.97 -18.48 -8.68
N LYS A 45 32.55 -17.45 -7.94
CA LYS A 45 31.65 -16.42 -8.46
C LYS A 45 32.32 -15.63 -9.59
N HIS A 46 33.59 -15.25 -9.42
CA HIS A 46 34.30 -14.43 -10.43
C HIS A 46 34.67 -15.24 -11.67
N CYS A 47 34.88 -16.54 -11.48
CA CYS A 47 35.21 -17.44 -12.60
C CYS A 47 33.99 -18.10 -13.24
N GLY A 48 32.84 -18.01 -12.59
CA GLY A 48 31.60 -18.54 -13.12
C GLY A 48 31.47 -20.04 -13.04
N PHE A 49 31.86 -20.63 -11.91
CA PHE A 49 31.68 -22.08 -11.71
C PHE A 49 31.00 -22.50 -10.41
N LYS A 50 30.32 -23.65 -10.47
CA LYS A 50 29.78 -24.33 -9.29
C LYS A 50 30.88 -25.23 -8.77
N TYR A 51 30.91 -25.45 -7.46
CA TYR A 51 32.00 -26.18 -6.83
C TYR A 51 31.53 -26.97 -5.63
N LYS A 52 32.31 -27.98 -5.28
CA LYS A 52 32.13 -28.81 -4.11
C LYS A 52 33.42 -28.84 -3.28
N LEU A 53 33.37 -28.34 -2.05
CA LEU A 53 34.52 -28.43 -1.15
C LEU A 53 34.69 -29.86 -0.65
N THR A 54 35.92 -30.38 -0.75
CA THR A 54 36.26 -31.72 -0.25
C THR A 54 37.51 -31.61 0.60
N ILE A 55 37.56 -32.34 1.73
CA ILE A 55 38.75 -32.31 2.60
C ILE A 55 39.72 -33.41 2.16
N VAL A 56 40.99 -33.02 1.92
CA VAL A 56 42.02 -33.96 1.46
C VAL A 56 42.03 -35.22 2.34
N GLY A 57 41.89 -36.36 1.69
CA GLY A 57 41.76 -37.67 2.37
C GLY A 57 42.84 -37.98 3.40
N ASP A 58 44.10 -37.67 3.07
CA ASP A 58 45.23 -38.03 3.97
C ASP A 58 45.65 -36.91 4.94
N GLY A 59 44.97 -35.77 4.89
CA GLY A 59 45.23 -34.64 5.79
C GLY A 59 46.56 -33.94 5.57
N LYS A 60 47.16 -34.15 4.39
CA LYS A 60 48.50 -33.61 4.09
C LYS A 60 48.49 -32.54 3.00
N TYR A 61 49.54 -31.72 3.02
CA TYR A 61 49.70 -30.65 2.02
C TYR A 61 50.20 -31.18 0.69
N GLY A 62 51.35 -31.88 0.71
CA GLY A 62 51.85 -32.49 -0.50
C GLY A 62 53.34 -32.59 -0.56
N ALA A 63 53.81 -33.84 -0.62
CA ALA A 63 55.23 -34.15 -0.78
C ALA A 63 55.36 -35.36 -1.68
N ARG A 64 56.51 -35.48 -2.34
CA ARG A 64 56.78 -36.64 -3.18
C ARG A 64 57.65 -37.62 -2.40
N ASP A 65 57.15 -38.85 -2.24
CA ASP A 65 57.90 -39.95 -1.62
C ASP A 65 59.18 -40.24 -2.43
N ALA A 66 60.33 -40.22 -1.74
CA ALA A 66 61.66 -40.43 -2.36
C ALA A 66 61.79 -41.76 -3.11
N ASP A 67 61.18 -42.81 -2.57
CA ASP A 67 61.22 -44.16 -3.16
C ASP A 67 60.20 -44.36 -4.28
N THR A 68 58.92 -44.23 -3.95
CA THR A 68 57.80 -44.52 -4.88
C THR A 68 57.60 -43.42 -5.94
N LYS A 69 58.08 -42.21 -5.63
CA LYS A 69 57.85 -40.99 -6.42
C LYS A 69 56.36 -40.58 -6.51
N ILE A 70 55.52 -41.16 -5.64
CA ILE A 70 54.11 -40.82 -5.56
C ILE A 70 53.91 -39.56 -4.71
N TRP A 71 53.15 -38.60 -5.26
CA TRP A 71 52.76 -37.39 -4.54
C TRP A 71 51.59 -37.67 -3.60
N ASN A 72 51.68 -37.18 -2.36
CA ASN A 72 50.57 -37.30 -1.42
C ASN A 72 49.82 -35.96 -1.25
N GLY A 73 48.83 -35.93 -0.36
CA GLY A 73 48.20 -34.66 0.01
C GLY A 73 47.41 -34.00 -1.10
N MET A 74 47.20 -32.70 -0.94
CA MET A 74 46.45 -31.93 -1.95
C MET A 74 47.12 -31.93 -3.32
N VAL A 75 48.45 -31.84 -3.33
CA VAL A 75 49.22 -31.87 -4.57
C VAL A 75 48.91 -33.18 -5.30
N GLY A 76 48.96 -34.30 -4.56
CA GLY A 76 48.60 -35.62 -5.13
C GLY A 76 47.19 -35.64 -5.70
N GLU A 77 46.24 -35.05 -4.99
CA GLU A 77 44.86 -35.03 -5.49
C GLU A 77 44.74 -34.32 -6.85
N LEU A 78 45.51 -33.25 -7.04
CA LEU A 78 45.56 -32.59 -8.35
C LEU A 78 46.29 -33.41 -9.42
N VAL A 79 47.46 -33.93 -9.04
CA VAL A 79 48.33 -34.64 -9.97
C VAL A 79 47.62 -35.88 -10.53
N TYR A 80 46.92 -36.61 -9.66
CA TYR A 80 46.29 -37.88 -10.02
C TYR A 80 44.83 -37.75 -10.46
N GLY A 81 44.37 -36.51 -10.58
CA GLY A 81 43.05 -36.23 -11.17
C GLY A 81 41.85 -36.41 -10.26
N LYS A 82 42.08 -36.41 -8.94
CA LYS A 82 41.01 -36.58 -7.95
C LYS A 82 40.29 -35.26 -7.62
N ALA A 83 40.96 -34.15 -7.87
CA ALA A 83 40.38 -32.80 -7.67
C ALA A 83 40.76 -31.89 -8.82
N ASP A 84 39.95 -30.86 -9.06
CA ASP A 84 40.16 -29.89 -10.12
C ASP A 84 40.94 -28.65 -9.70
N ILE A 85 40.92 -28.36 -8.40
CA ILE A 85 41.54 -27.13 -7.88
C ILE A 85 41.80 -27.31 -6.38
N ALA A 86 42.87 -26.68 -5.88
CA ALA A 86 43.16 -26.66 -4.45
C ALA A 86 43.09 -25.21 -4.01
N ILE A 87 42.23 -24.96 -3.02
CA ILE A 87 42.07 -23.63 -2.43
C ILE A 87 42.31 -23.80 -0.94
N ALA A 88 43.55 -23.46 -0.55
CA ALA A 88 44.10 -23.82 0.75
C ALA A 88 45.38 -23.03 1.00
N PRO A 89 45.90 -23.08 2.25
CA PRO A 89 47.20 -22.46 2.52
C PRO A 89 48.35 -23.32 1.96
N LEU A 90 48.36 -23.45 0.62
CA LEU A 90 49.32 -24.30 -0.09
C LEU A 90 50.46 -23.43 -0.63
N THR A 91 51.66 -23.73 -0.19
CA THR A 91 52.83 -22.89 -0.46
C THR A 91 53.32 -23.14 -1.88
N ILE A 92 53.53 -22.04 -2.60
CA ILE A 92 54.16 -22.07 -3.90
C ILE A 92 55.64 -22.50 -3.74
N THR A 93 56.03 -23.59 -4.38
CA THR A 93 57.44 -24.05 -4.36
C THR A 93 57.86 -24.52 -5.74
N LEU A 94 59.17 -24.51 -5.99
CA LEU A 94 59.69 -24.97 -7.26
C LEU A 94 59.28 -26.42 -7.59
N VAL A 95 59.47 -27.34 -6.64
CA VAL A 95 59.14 -28.75 -6.92
C VAL A 95 57.66 -28.94 -7.25
N ARG A 96 56.79 -28.17 -6.57
CA ARG A 96 55.36 -28.23 -6.86
C ARG A 96 55.00 -27.57 -8.21
N GLU A 97 55.59 -26.41 -8.49
CA GLU A 97 55.35 -25.71 -9.77
C GLU A 97 55.77 -26.52 -11.00
N GLU A 98 56.67 -27.49 -10.82
CA GLU A 98 57.03 -28.41 -11.90
C GLU A 98 55.92 -29.40 -12.26
N VAL A 99 54.99 -29.66 -11.33
CA VAL A 99 53.95 -30.69 -11.53
C VAL A 99 52.53 -30.15 -11.56
N ILE A 100 52.29 -28.98 -10.96
CA ILE A 100 50.96 -28.33 -10.99
C ILE A 100 51.17 -26.84 -11.30
N ASP A 101 50.08 -26.11 -11.56
CA ASP A 101 50.15 -24.65 -11.76
C ASP A 101 49.64 -23.92 -10.54
N PHE A 102 50.30 -22.84 -10.16
CA PHE A 102 49.80 -21.96 -9.12
C PHE A 102 49.39 -20.62 -9.70
N SER A 103 48.30 -20.06 -9.19
CA SER A 103 48.01 -18.63 -9.36
C SER A 103 49.10 -17.75 -8.74
N LYS A 104 49.08 -16.46 -9.07
CA LYS A 104 49.82 -15.50 -8.30
C LYS A 104 49.40 -15.63 -6.83
N PRO A 105 50.30 -15.30 -5.89
CA PRO A 105 49.96 -15.51 -4.48
C PRO A 105 48.75 -14.70 -3.99
N PHE A 106 47.96 -15.32 -3.10
CA PHE A 106 46.85 -14.61 -2.49
C PHE A 106 47.17 -14.18 -1.06
N MET A 107 48.32 -14.65 -0.55
CA MET A 107 48.71 -14.32 0.82
C MET A 107 50.22 -14.45 0.90
N SER A 108 50.87 -13.54 1.64
CA SER A 108 52.33 -13.64 1.84
C SER A 108 52.65 -14.33 3.17
N LEU A 109 53.81 -15.00 3.24
CA LEU A 109 54.24 -15.66 4.48
C LEU A 109 55.73 -15.94 4.40
N GLY A 110 56.29 -16.29 5.57
CA GLY A 110 57.63 -16.84 5.64
C GLY A 110 57.65 -17.81 6.79
N ILE A 111 58.65 -18.71 6.80
CA ILE A 111 58.86 -19.60 7.93
C ILE A 111 59.27 -18.75 9.14
N SER A 112 58.75 -19.11 10.31
CA SER A 112 58.92 -18.32 11.52
C SER A 112 59.06 -19.24 12.72
N ILE A 113 59.38 -18.64 13.87
CA ILE A 113 59.59 -19.39 15.11
C ILE A 113 58.46 -19.06 16.08
N MET A 114 57.79 -20.11 16.56
CA MET A 114 56.82 -20.00 17.64
C MET A 114 57.49 -20.49 18.92
N ILE A 115 57.45 -19.63 19.94
CA ILE A 115 57.89 -20.00 21.29
C ILE A 115 56.76 -19.88 22.29
N LYS A 116 56.88 -20.63 23.37
CA LYS A 116 56.10 -20.37 24.58
C LYS A 116 56.64 -19.06 25.18
N LYS A 117 55.74 -18.17 25.61
CA LYS A 117 56.18 -16.85 26.11
C LYS A 117 57.26 -16.99 27.19
N GLY A 118 58.33 -16.22 27.02
CA GLY A 118 59.45 -16.20 27.96
C GLY A 118 60.58 -17.17 27.67
N THR A 119 60.49 -17.89 26.55
CA THR A 119 61.57 -18.79 26.08
C THR A 119 62.76 -17.93 25.61
N PRO A 120 63.98 -18.23 26.08
CA PRO A 120 65.15 -17.40 25.75
C PRO A 120 65.70 -17.61 24.32
N ILE A 121 64.86 -17.33 23.33
CA ILE A 121 65.16 -17.52 21.91
C ILE A 121 64.65 -16.29 21.17
N GLU A 122 65.50 -15.74 20.30
CA GLU A 122 65.13 -14.57 19.48
C GLU A 122 65.27 -14.79 17.97
N SER A 123 65.93 -15.87 17.56
CA SER A 123 66.29 -16.09 16.15
C SER A 123 66.59 -17.57 15.85
N ALA A 124 66.63 -17.89 14.56
CA ALA A 124 67.05 -19.22 14.08
C ALA A 124 68.52 -19.48 14.42
N GLU A 125 69.34 -18.42 14.39
CA GLU A 125 70.73 -18.49 14.86
C GLU A 125 70.81 -18.98 16.31
N ASP A 126 69.99 -18.38 17.19
CA ASP A 126 69.89 -18.77 18.60
C ASP A 126 69.54 -20.26 18.77
N LEU A 127 68.52 -20.72 18.05
CA LEU A 127 68.13 -22.13 18.08
C LEU A 127 69.26 -23.07 17.64
N SER A 128 69.98 -22.70 16.57
CA SER A 128 71.06 -23.52 16.01
C SER A 128 72.29 -23.62 16.91
N LYS A 129 72.46 -22.68 17.84
CA LYS A 129 73.64 -22.60 18.72
C LYS A 129 73.50 -23.33 20.07
N GLN A 130 72.27 -23.77 20.39
CA GLN A 130 71.95 -24.39 21.68
C GLN A 130 71.24 -25.76 21.53
N THR A 131 71.07 -26.46 22.65
CA THR A 131 70.49 -27.82 22.65
C THR A 131 69.38 -28.11 23.67
N GLU A 132 69.25 -27.26 24.70
CA GLU A 132 68.22 -27.43 25.74
C GLU A 132 66.79 -27.34 25.20
N ILE A 133 66.60 -26.45 24.24
CA ILE A 133 65.30 -26.22 23.63
C ILE A 133 65.25 -26.99 22.30
N ALA A 134 64.38 -28.00 22.25
CA ALA A 134 64.15 -28.78 21.02
C ALA A 134 63.36 -27.94 20.03
N TYR A 135 63.48 -28.27 18.75
CA TYR A 135 62.69 -27.58 17.74
C TYR A 135 62.42 -28.47 16.54
N GLY A 136 61.27 -28.26 15.90
CA GLY A 136 60.85 -29.10 14.79
C GLY A 136 59.86 -28.43 13.87
N THR A 137 59.36 -29.21 12.91
CA THR A 137 58.46 -28.71 11.87
C THR A 137 57.27 -29.68 11.64
N LEU A 138 56.32 -29.25 10.81
CA LEU A 138 55.27 -30.14 10.29
C LEU A 138 55.90 -31.25 9.41
N ASP A 139 55.46 -32.49 9.59
CA ASP A 139 56.17 -33.69 9.10
C ASP A 139 56.17 -33.98 7.58
N SER A 140 55.34 -33.25 6.83
CA SER A 140 55.10 -33.51 5.39
C SER A 140 54.73 -32.26 4.55
N GLY A 141 55.46 -31.17 4.76
CA GLY A 141 55.16 -29.90 4.08
C GLY A 141 56.35 -29.13 3.57
N SER A 142 56.08 -27.88 3.17
CA SER A 142 57.10 -27.04 2.57
C SER A 142 58.15 -26.57 3.58
N THR A 143 57.77 -26.44 4.85
CA THR A 143 58.73 -26.00 5.88
C THR A 143 59.78 -27.09 6.10
N LYS A 144 59.35 -28.33 6.22
CA LYS A 144 60.31 -29.45 6.35
C LYS A 144 61.26 -29.51 5.14
N GLU A 145 60.71 -29.40 3.94
CA GLU A 145 61.49 -29.42 2.70
C GLU A 145 62.48 -28.26 2.59
N PHE A 146 62.12 -27.08 3.11
CA PHE A 146 63.00 -25.92 3.16
C PHE A 146 64.32 -26.26 3.87
N PHE A 147 64.20 -26.90 5.03
CA PHE A 147 65.37 -27.33 5.80
C PHE A 147 66.13 -28.48 5.14
N ARG A 148 65.40 -29.47 4.63
CA ARG A 148 66.01 -30.64 3.98
C ARG A 148 66.85 -30.29 2.76
N ARG A 149 66.37 -29.34 1.95
CA ARG A 149 66.97 -29.05 0.64
C ARG A 149 67.84 -27.80 0.65
N SER A 150 68.00 -27.21 1.83
CA SER A 150 68.69 -25.94 1.95
C SER A 150 70.16 -26.08 1.55
N LYS A 151 70.71 -25.02 0.97
CA LYS A 151 72.16 -24.98 0.65
C LYS A 151 72.83 -23.94 1.55
N ILE A 152 72.06 -23.41 2.51
CA ILE A 152 72.49 -22.37 3.45
C ILE A 152 73.00 -23.05 4.72
N ALA A 153 74.26 -22.75 5.07
CA ALA A 153 74.95 -23.38 6.22
C ALA A 153 74.14 -23.46 7.54
N VAL A 154 73.55 -22.34 7.96
CA VAL A 154 72.79 -22.22 9.23
C VAL A 154 71.54 -23.13 9.25
N PHE A 155 70.84 -23.18 8.11
CA PHE A 155 69.65 -24.01 7.98
C PHE A 155 70.02 -25.48 7.77
N ASP A 156 71.18 -25.74 7.16
CA ASP A 156 71.71 -27.10 7.06
C ASP A 156 72.05 -27.65 8.46
N LYS A 157 72.57 -26.79 9.34
CA LYS A 157 72.89 -27.17 10.73
C LYS A 157 71.63 -27.57 11.48
N MET A 158 70.60 -26.74 11.34
CA MET A 158 69.28 -26.99 11.93
C MET A 158 68.66 -28.30 11.43
N TRP A 159 68.77 -28.54 10.11
CA TRP A 159 68.28 -29.79 9.50
C TRP A 159 69.02 -30.99 10.03
N THR A 160 70.35 -30.87 10.10
CA THR A 160 71.19 -31.94 10.61
C THR A 160 70.77 -32.32 12.05
N TYR A 161 70.42 -31.32 12.86
CA TYR A 161 69.89 -31.59 14.22
C TYR A 161 68.50 -32.26 14.14
N MET A 162 67.57 -31.62 13.42
CA MET A 162 66.17 -32.09 13.37
C MET A 162 66.00 -33.50 12.82
N ARG A 163 66.75 -33.84 11.76
CA ARG A 163 66.59 -35.15 11.14
C ARG A 163 66.94 -36.30 12.08
N SER A 164 67.83 -36.02 13.04
CA SER A 164 68.36 -37.05 13.95
C SER A 164 67.88 -36.95 15.40
N ALA A 165 67.05 -35.94 15.71
CA ALA A 165 66.57 -35.73 17.08
C ALA A 165 65.65 -36.84 17.55
N GLU A 166 65.85 -37.25 18.80
CA GLU A 166 65.03 -38.29 19.42
C GLU A 166 64.56 -37.84 20.82
N PRO A 167 63.26 -37.96 21.13
CA PRO A 167 62.24 -38.47 20.19
C PRO A 167 61.98 -37.47 19.07
N SER A 168 61.25 -37.91 18.05
CA SER A 168 61.01 -37.08 16.86
C SER A 168 60.51 -35.67 17.18
N VAL A 169 61.13 -34.69 16.53
CA VAL A 169 60.70 -33.28 16.65
C VAL A 169 59.63 -32.91 15.61
N PHE A 170 59.29 -33.84 14.73
CA PHE A 170 58.31 -33.54 13.69
C PHE A 170 56.91 -33.88 14.18
N VAL A 171 55.93 -33.11 13.71
CA VAL A 171 54.52 -33.28 14.12
C VAL A 171 53.60 -33.55 12.92
N ARG A 172 52.44 -34.17 13.17
CA ARG A 172 51.51 -34.55 12.09
C ARG A 172 50.58 -33.41 11.63
N THR A 173 50.30 -32.48 12.55
CA THR A 173 49.41 -31.35 12.26
C THR A 173 49.93 -30.13 13.00
N THR A 174 49.54 -28.94 12.51
CA THR A 174 49.86 -27.69 13.18
C THR A 174 49.38 -27.68 14.62
N ALA A 175 48.15 -28.13 14.86
CA ALA A 175 47.60 -28.33 16.21
C ALA A 175 48.53 -29.11 17.15
N GLU A 176 49.12 -30.21 16.67
CA GLU A 176 50.08 -30.99 17.46
C GLU A 176 51.34 -30.19 17.82
N GLY A 177 51.84 -29.40 16.87
CA GLY A 177 53.01 -28.53 17.07
C GLY A 177 52.73 -27.50 18.14
N VAL A 178 51.54 -26.88 18.06
CA VAL A 178 51.12 -25.82 18.99
C VAL A 178 50.97 -26.39 20.38
N ALA A 179 50.28 -27.54 20.48
CA ALA A 179 50.12 -28.22 21.76
C ALA A 179 51.48 -28.60 22.40
N ARG A 180 52.43 -29.05 21.58
CA ARG A 180 53.77 -29.37 22.06
C ARG A 180 54.49 -28.15 22.64
N VAL A 181 54.41 -27.01 21.96
CA VAL A 181 54.96 -25.76 22.49
C VAL A 181 54.31 -25.45 23.85
N ARG A 182 52.97 -25.51 23.89
CA ARG A 182 52.22 -25.09 25.08
C ARG A 182 52.50 -25.98 26.28
N LYS A 183 52.76 -27.27 26.02
CA LYS A 183 53.00 -28.24 27.12
C LYS A 183 54.46 -28.47 27.53
N SER A 184 55.41 -27.90 26.78
CA SER A 184 56.84 -28.25 27.01
C SER A 184 57.64 -27.28 27.88
N LYS A 185 56.94 -26.31 28.49
CA LYS A 185 57.54 -25.36 29.45
C LYS A 185 58.75 -24.62 28.89
N GLY A 186 58.67 -24.24 27.62
CA GLY A 186 59.74 -23.50 26.93
C GLY A 186 60.84 -24.36 26.32
N LYS A 187 60.71 -25.69 26.41
CA LYS A 187 61.73 -26.62 25.90
C LYS A 187 61.48 -27.13 24.47
N TYR A 188 60.42 -26.63 23.83
CA TYR A 188 60.17 -26.95 22.42
C TYR A 188 59.72 -25.68 21.72
N ALA A 189 60.38 -25.38 20.61
CA ALA A 189 59.97 -24.28 19.74
C ALA A 189 59.52 -24.89 18.42
N TYR A 190 58.55 -24.27 17.78
CA TYR A 190 57.95 -24.84 16.57
C TYR A 190 58.21 -23.92 15.37
N LEU A 191 58.71 -24.51 14.28
CA LEU A 191 58.98 -23.80 13.04
C LEU A 191 57.81 -23.95 12.10
N LEU A 192 57.14 -22.83 11.81
CA LEU A 192 55.91 -22.88 11.05
C LEU A 192 55.75 -21.56 10.32
N GLU A 193 54.79 -21.54 9.40
CA GLU A 193 54.60 -20.37 8.57
C GLU A 193 54.02 -19.21 9.39
N SER A 194 54.47 -18.00 9.07
CA SER A 194 54.14 -16.81 9.86
C SER A 194 52.64 -16.56 10.00
N THR A 195 51.89 -16.93 8.97
CA THR A 195 50.43 -16.81 8.94
C THR A 195 49.78 -17.60 10.06
N MET A 196 50.21 -18.86 10.21
CA MET A 196 49.65 -19.69 11.25
CA MET A 196 49.68 -19.73 11.25
C MET A 196 50.16 -19.25 12.62
N ASN A 197 51.43 -18.84 12.68
CA ASN A 197 52.03 -18.35 13.93
C ASN A 197 51.22 -17.12 14.41
N GLU A 198 50.96 -16.16 13.50
CA GLU A 198 50.20 -14.93 13.82
C GLU A 198 48.78 -15.25 14.29
N TYR A 199 48.17 -16.27 13.69
CA TYR A 199 46.83 -16.63 14.08
C TYR A 199 46.81 -17.16 15.52
N ILE A 200 47.74 -18.07 15.84
CA ILE A 200 47.78 -18.72 17.14
C ILE A 200 48.09 -17.73 18.26
N GLU A 201 48.94 -16.75 17.94
CA GLU A 201 49.29 -15.67 18.85
C GLU A 201 48.05 -14.87 19.33
N GLN A 202 47.00 -14.88 18.51
CA GLN A 202 45.73 -14.19 18.84
C GLN A 202 44.66 -15.12 19.42
N ARG A 203 45.06 -16.33 19.81
CA ARG A 203 44.11 -17.30 20.39
C ARG A 203 44.42 -17.58 21.86
N LYS A 204 43.37 -17.66 22.68
CA LYS A 204 43.48 -18.17 24.05
C LYS A 204 44.25 -19.51 24.04
N PRO A 205 45.13 -19.76 25.01
CA PRO A 205 45.31 -18.92 26.21
C PRO A 205 46.40 -17.85 26.11
N CYS A 206 46.73 -17.43 24.88
CA CYS A 206 47.63 -16.30 24.63
C CYS A 206 49.02 -16.52 25.24
N ASP A 207 49.55 -17.74 25.10
CA ASP A 207 50.79 -18.16 25.76
C ASP A 207 51.95 -18.42 24.79
N THR A 208 51.69 -18.19 23.51
CA THR A 208 52.70 -18.28 22.48
C THR A 208 52.97 -16.94 21.82
N MET A 209 54.13 -16.84 21.19
CA MET A 209 54.41 -15.72 20.31
C MET A 209 55.38 -16.04 19.18
N LYS A 210 55.27 -15.26 18.11
CA LYS A 210 56.23 -15.25 17.02
C LYS A 210 57.44 -14.44 17.45
N VAL A 211 58.63 -15.03 17.33
CA VAL A 211 59.89 -14.30 17.56
C VAL A 211 60.83 -14.24 16.37
N GLY A 212 61.49 -13.08 16.22
CA GLY A 212 62.50 -12.87 15.18
C GLY A 212 61.90 -12.57 13.84
N GLY A 213 62.77 -12.47 12.83
CA GLY A 213 62.34 -12.25 11.46
C GLY A 213 61.93 -13.56 10.83
N ASN A 214 61.23 -13.49 9.70
CA ASN A 214 60.98 -14.70 8.92
C ASN A 214 62.26 -15.19 8.25
N LEU A 215 62.33 -16.50 8.06
CA LEU A 215 63.52 -17.14 7.50
C LEU A 215 63.55 -17.10 5.97
N ASP A 216 62.38 -16.91 5.37
CA ASP A 216 62.23 -16.78 3.91
C ASP A 216 61.00 -15.95 3.58
N SER A 217 60.71 -15.77 2.28
CA SER A 217 59.57 -14.99 1.83
C SER A 217 58.95 -15.71 0.67
N LYS A 218 57.66 -16.02 0.80
CA LYS A 218 56.95 -16.71 -0.26
C LYS A 218 55.45 -16.45 -0.17
N GLY A 219 54.66 -17.27 -0.85
CA GLY A 219 53.22 -17.05 -0.91
C GLY A 219 52.44 -18.33 -0.98
N TYR A 220 51.16 -18.25 -0.62
CA TYR A 220 50.20 -19.31 -0.98
C TYR A 220 49.57 -18.98 -2.31
N GLY A 221 49.35 -20.02 -3.11
CA GLY A 221 48.71 -19.87 -4.41
C GLY A 221 47.57 -20.86 -4.55
N ILE A 222 46.62 -20.53 -5.42
CA ILE A 222 45.57 -21.46 -5.77
CA ILE A 222 45.55 -21.44 -5.81
C ILE A 222 46.12 -22.37 -6.85
N ALA A 223 46.02 -23.69 -6.61
CA ALA A 223 46.66 -24.64 -7.53
C ALA A 223 45.68 -25.38 -8.42
N THR A 224 46.07 -25.57 -9.68
CA THR A 224 45.33 -26.35 -10.67
C THR A 224 46.24 -27.37 -11.34
N PRO A 225 45.69 -28.50 -11.80
CA PRO A 225 46.52 -29.47 -12.55
C PRO A 225 46.94 -28.87 -13.88
N LYS A 226 48.12 -29.25 -14.38
CA LYS A 226 48.57 -28.78 -15.69
C LYS A 226 47.51 -29.02 -16.77
N GLY A 227 47.35 -28.03 -17.65
CA GLY A 227 46.37 -28.10 -18.75
C GLY A 227 44.94 -27.73 -18.37
N SER A 228 44.71 -27.38 -17.10
CA SER A 228 43.38 -26.93 -16.64
C SER A 228 42.86 -25.72 -17.42
N SER A 229 41.60 -25.78 -17.82
CA SER A 229 40.92 -24.66 -18.46
C SER A 229 40.62 -23.53 -17.46
N LEU A 230 40.75 -23.83 -16.16
CA LEU A 230 40.54 -22.83 -15.07
C LEU A 230 41.72 -21.91 -14.80
N ARG A 231 42.92 -22.29 -15.26
CA ARG A 231 44.15 -21.61 -14.89
C ARG A 231 44.13 -20.08 -15.05
N ASN A 232 43.84 -19.60 -16.27
CA ASN A 232 43.86 -18.14 -16.53
C ASN A 232 42.86 -17.39 -15.67
N ALA A 233 41.62 -17.90 -15.64
CA ALA A 233 40.53 -17.18 -14.96
C ALA A 233 40.79 -17.10 -13.45
N VAL A 234 41.35 -18.18 -12.90
CA VAL A 234 41.65 -18.22 -11.47
C VAL A 234 42.73 -17.19 -11.15
N ASN A 235 43.75 -17.14 -12.00
CA ASN A 235 44.86 -16.20 -11.81
C ASN A 235 44.38 -14.75 -11.82
N LEU A 236 43.59 -14.41 -12.82
CA LEU A 236 43.04 -13.06 -12.91
C LEU A 236 42.09 -12.73 -11.76
N ALA A 237 41.31 -13.71 -11.31
CA ALA A 237 40.45 -13.51 -10.13
C ALA A 237 41.25 -13.18 -8.87
N VAL A 238 42.36 -13.88 -8.65
CA VAL A 238 43.21 -13.57 -7.50
C VAL A 238 43.73 -12.13 -7.56
N LEU A 239 44.21 -11.73 -8.75
CA LEU A 239 44.68 -10.33 -8.92
C LEU A 239 43.57 -9.31 -8.68
N LYS A 240 42.38 -9.59 -9.20
CA LYS A 240 41.22 -8.70 -9.00
C LYS A 240 40.88 -8.58 -7.52
N LEU A 241 40.83 -9.70 -6.81
CA LEU A 241 40.46 -9.67 -5.41
C LEU A 241 41.51 -9.00 -4.53
N ASN A 242 42.78 -9.10 -4.90
CA ASN A 242 43.80 -8.39 -4.15
C ASN A 242 43.64 -6.88 -4.36
N GLU A 243 43.44 -6.50 -5.61
CA GLU A 243 43.38 -5.07 -5.99
C GLU A 243 42.16 -4.36 -5.41
N GLN A 244 41.06 -5.11 -5.28
CA GLN A 244 39.82 -4.58 -4.68
C GLN A 244 39.80 -4.62 -3.14
N GLY A 245 40.90 -5.08 -2.54
CA GLY A 245 41.05 -5.08 -1.10
C GLY A 245 40.42 -6.26 -0.36
N LEU A 246 39.81 -7.20 -1.09
CA LEU A 246 39.15 -8.37 -0.45
C LEU A 246 40.08 -9.27 0.37
N LEU A 247 41.25 -9.57 -0.18
CA LEU A 247 42.17 -10.46 0.52
C LEU A 247 42.57 -9.89 1.89
N ASP A 248 42.86 -8.59 1.95
CA ASP A 248 43.19 -7.91 3.21
C ASP A 248 42.03 -7.95 4.20
N LYS A 249 40.82 -7.71 3.69
CA LYS A 249 39.59 -7.77 4.48
C LYS A 249 39.39 -9.17 5.09
N LEU A 250 39.60 -10.20 4.28
CA LEU A 250 39.45 -11.58 4.78
C LEU A 250 40.53 -11.97 5.79
N LYS A 251 41.75 -11.46 5.61
CA LYS A 251 42.78 -11.75 6.62
C LYS A 251 42.38 -11.08 7.95
N ASN A 252 41.94 -9.84 7.88
CA ASN A 252 41.48 -9.13 9.09
C ASN A 252 40.34 -9.88 9.79
N LYS A 253 39.35 -10.30 8.99
CA LYS A 253 38.18 -11.03 9.49
C LYS A 253 38.55 -12.27 10.31
N TRP A 254 39.49 -13.07 9.80
CA TRP A 254 39.76 -14.38 10.34
C TRP A 254 40.94 -14.44 11.32
N TRP A 255 41.77 -13.41 11.29
CA TRP A 255 42.94 -13.33 12.18
C TRP A 255 42.71 -12.42 13.37
N TYR A 256 42.24 -11.21 13.11
CA TYR A 256 42.35 -10.10 14.06
C TYR A 256 41.02 -9.56 14.58
N ASP A 257 40.03 -9.46 13.68
CA ASP A 257 38.71 -8.90 14.04
C ASP A 257 38.07 -9.53 15.28
N LYS A 258 38.10 -10.86 15.36
CA LYS A 258 37.65 -11.58 16.55
C LYS A 258 38.81 -12.30 17.27
N GLY A 259 39.99 -11.68 17.25
CA GLY A 259 41.14 -12.13 18.05
C GLY A 259 40.80 -12.14 19.54
N GLU A 260 41.33 -13.15 20.24
CA GLU A 260 40.96 -13.42 21.64
C GLU A 260 41.96 -12.89 22.67
N CYS A 261 42.98 -12.18 22.22
CA CYS A 261 44.10 -11.73 23.08
C CYS A 261 44.24 -10.20 23.10
N GLY A 262 43.09 -9.51 23.02
CA GLY A 262 43.03 -8.04 23.02
C GLY A 262 43.63 -7.40 21.77
N ASN B 3 70.99 -19.14 -29.28
CA ASN B 3 70.24 -18.86 -30.55
C ASN B 3 70.27 -17.35 -30.87
N LYS B 4 69.33 -16.60 -30.28
CA LYS B 4 69.23 -15.15 -30.47
C LYS B 4 69.52 -14.44 -29.15
N THR B 5 70.18 -13.29 -29.23
CA THR B 5 70.37 -12.43 -28.07
C THR B 5 69.01 -11.86 -27.63
N VAL B 6 68.71 -12.08 -26.37
CA VAL B 6 67.47 -11.64 -25.74
C VAL B 6 67.57 -10.14 -25.41
N VAL B 7 66.62 -9.35 -25.90
CA VAL B 7 66.54 -7.92 -25.57
C VAL B 7 65.78 -7.74 -24.27
N VAL B 8 66.49 -7.26 -23.26
CA VAL B 8 65.91 -7.02 -21.93
C VAL B 8 65.55 -5.54 -21.83
N THR B 9 64.28 -5.24 -21.59
CA THR B 9 63.88 -3.87 -21.26
C THR B 9 63.93 -3.67 -19.74
N THR B 10 64.44 -2.52 -19.33
CA THR B 10 64.54 -2.18 -17.91
C THR B 10 64.47 -0.66 -17.78
N ILE B 11 64.58 -0.16 -16.55
CA ILE B 11 64.36 1.24 -16.26
C ILE B 11 65.41 1.70 -15.25
N LEU B 12 65.91 2.93 -15.44
CA LEU B 12 66.87 3.49 -14.50
C LEU B 12 66.16 3.92 -13.21
N GLU B 13 66.32 3.09 -12.18
CA GLU B 13 65.61 3.29 -10.92
C GLU B 13 66.45 2.70 -9.83
N SER B 14 66.91 3.54 -8.89
CA SER B 14 67.77 3.07 -7.78
C SER B 14 67.00 2.23 -6.76
N PRO B 15 67.56 1.12 -6.25
CA PRO B 15 68.89 0.58 -6.59
C PRO B 15 68.78 -0.62 -7.56
N TYR B 16 67.74 -0.64 -8.39
CA TYR B 16 67.47 -1.75 -9.30
C TYR B 16 68.42 -1.71 -10.51
N VAL B 17 68.46 -0.56 -11.19
CA VAL B 17 69.37 -0.35 -12.32
C VAL B 17 69.93 1.08 -12.22
N MET B 18 71.26 1.18 -12.13
CA MET B 18 71.93 2.46 -11.99
C MET B 18 73.15 2.46 -12.90
N MET B 19 73.51 3.65 -13.38
CA MET B 19 74.77 3.78 -14.09
CA MET B 19 74.78 3.87 -14.08
C MET B 19 75.92 3.74 -13.09
N LYS B 20 76.93 2.94 -13.40
CA LYS B 20 78.14 2.89 -12.59
C LYS B 20 78.83 4.26 -12.62
N LYS B 21 79.54 4.61 -11.54
CA LYS B 21 80.27 5.90 -11.45
C LYS B 21 81.13 6.15 -12.69
N ASN B 22 81.79 5.10 -13.17
CA ASN B 22 82.70 5.20 -14.31
C ASN B 22 82.08 4.70 -15.62
N HIS B 23 80.75 4.79 -15.75
CA HIS B 23 80.00 4.25 -16.90
C HIS B 23 80.42 4.76 -18.30
N GLU B 24 80.89 6.00 -18.39
CA GLU B 24 81.27 6.54 -19.72
C GLU B 24 82.48 5.84 -20.35
N MET B 25 83.29 5.16 -19.52
CA MET B 25 84.45 4.35 -19.98
C MET B 25 84.08 2.86 -20.13
N LEU B 26 82.79 2.54 -19.97
CA LEU B 26 82.29 1.17 -20.09
C LEU B 26 81.31 1.00 -21.26
N GLU B 27 81.05 -0.25 -21.63
CA GLU B 27 80.25 -0.60 -22.82
C GLU B 27 79.22 -1.68 -22.50
N GLY B 28 78.09 -1.62 -23.20
CA GLY B 28 77.05 -2.67 -23.12
C GLY B 28 76.53 -2.84 -21.70
N ASN B 29 76.33 -4.09 -21.30
CA ASN B 29 75.78 -4.42 -19.98
C ASN B 29 76.66 -3.96 -18.81
N GLU B 30 77.97 -3.84 -19.06
CA GLU B 30 78.92 -3.37 -18.05
C GLU B 30 78.67 -1.94 -17.51
N ARG B 31 77.94 -1.12 -18.26
CA ARG B 31 77.62 0.26 -17.85
C ARG B 31 76.77 0.34 -16.58
N TYR B 32 76.02 -0.73 -16.31
CA TYR B 32 74.95 -0.75 -15.32
C TYR B 32 75.26 -1.62 -14.10
N GLU B 33 74.70 -1.24 -12.97
CA GLU B 33 74.76 -2.04 -11.75
C GLU B 33 73.45 -1.94 -11.00
N GLY B 34 73.19 -2.92 -10.15
CA GLY B 34 72.01 -2.89 -9.32
C GLY B 34 71.37 -4.24 -9.12
N TYR B 35 70.31 -4.25 -8.32
CA TYR B 35 69.58 -5.46 -8.02
C TYR B 35 69.14 -6.18 -9.30
N CYS B 36 68.54 -5.43 -10.22
CA CYS B 36 67.97 -6.03 -11.44
C CYS B 36 69.02 -6.41 -12.47
N VAL B 37 70.17 -5.72 -12.43
CA VAL B 37 71.34 -6.09 -13.23
C VAL B 37 71.86 -7.45 -12.76
N ASP B 38 71.98 -7.62 -11.43
CA ASP B 38 72.37 -8.93 -10.85
C ASP B 38 71.35 -10.04 -11.12
N LEU B 39 70.06 -9.71 -11.00
CA LEU B 39 68.97 -10.66 -11.25
C LEU B 39 68.94 -11.09 -12.71
N ALA B 40 69.12 -10.13 -13.63
CA ALA B 40 69.17 -10.46 -15.07
C ALA B 40 70.29 -11.46 -15.36
N ALA B 41 71.47 -11.22 -14.80
CA ALA B 41 72.61 -12.13 -14.95
C ALA B 41 72.29 -13.55 -14.46
N GLU B 42 71.63 -13.64 -13.31
CA GLU B 42 71.24 -14.93 -12.73
C GLU B 42 70.16 -15.66 -13.52
N ILE B 43 69.13 -14.94 -13.95
CA ILE B 43 68.06 -15.52 -14.76
C ILE B 43 68.63 -16.02 -16.09
N ALA B 44 69.44 -15.21 -16.74
CA ALA B 44 70.09 -15.61 -18.01
C ALA B 44 70.93 -16.88 -17.86
N LYS B 45 71.66 -16.98 -16.76
CA LYS B 45 72.52 -18.14 -16.47
C LYS B 45 71.68 -19.41 -16.35
N HIS B 46 70.63 -19.34 -15.52
CA HIS B 46 69.73 -20.49 -15.30
C HIS B 46 68.88 -20.88 -16.52
N CYS B 47 68.53 -19.92 -17.36
CA CYS B 47 67.73 -20.18 -18.57
C CYS B 47 68.57 -20.38 -19.83
N GLY B 48 69.87 -20.13 -19.72
CA GLY B 48 70.82 -20.36 -20.80
C GLY B 48 70.67 -19.45 -22.00
N PHE B 49 70.52 -18.15 -21.76
CA PHE B 49 70.53 -17.17 -22.87
C PHE B 49 71.50 -16.04 -22.66
N LYS B 50 71.97 -15.48 -23.78
CA LYS B 50 72.72 -14.22 -23.82
C LYS B 50 71.70 -13.10 -23.97
N TYR B 51 72.08 -11.91 -23.50
CA TYR B 51 71.12 -10.80 -23.41
C TYR B 51 71.77 -9.42 -23.54
N LYS B 52 70.95 -8.44 -23.91
CA LYS B 52 71.36 -7.03 -23.96
C LYS B 52 70.39 -6.21 -23.13
N LEU B 53 70.91 -5.53 -22.10
CA LEU B 53 70.10 -4.60 -21.31
C LEU B 53 69.89 -3.32 -22.11
N THR B 54 68.61 -2.93 -22.23
CA THR B 54 68.22 -1.72 -22.95
CA THR B 54 68.21 -1.75 -22.96
C THR B 54 67.29 -0.92 -22.07
N ILE B 55 67.61 0.36 -21.87
CA ILE B 55 66.78 1.20 -21.02
C ILE B 55 65.57 1.63 -21.83
N VAL B 56 64.39 1.45 -21.24
CA VAL B 56 63.11 1.81 -21.86
C VAL B 56 63.17 3.26 -22.38
N GLY B 57 62.77 3.41 -23.63
CA GLY B 57 62.92 4.67 -24.38
C GLY B 57 62.22 5.85 -23.76
N ASP B 58 60.98 5.63 -23.33
CA ASP B 58 60.16 6.72 -22.80
C ASP B 58 60.29 6.90 -21.28
N GLY B 59 61.12 6.07 -20.66
CA GLY B 59 61.43 6.18 -19.22
C GLY B 59 60.27 5.84 -18.28
N LYS B 60 59.26 5.15 -18.82
CA LYS B 60 58.05 4.79 -18.06
C LYS B 60 57.90 3.29 -17.76
N TYR B 61 57.10 2.99 -16.75
CA TYR B 61 56.78 1.59 -16.36
C TYR B 61 55.74 1.04 -17.34
N GLY B 62 54.59 1.69 -17.43
CA GLY B 62 53.63 1.33 -18.46
C GLY B 62 52.19 1.47 -18.08
N ALA B 63 51.46 2.20 -18.90
CA ALA B 63 50.02 2.35 -18.76
C ALA B 63 49.39 2.44 -20.14
N ARG B 64 48.08 2.25 -20.19
CA ARG B 64 47.34 2.25 -21.43
C ARG B 64 46.60 3.57 -21.56
N ASP B 65 46.83 4.28 -22.65
CA ASP B 65 46.05 5.48 -22.97
C ASP B 65 44.55 5.13 -23.09
N ALA B 66 43.72 5.79 -22.30
CA ALA B 66 42.27 5.53 -22.27
C ALA B 66 41.54 5.78 -23.60
N ASP B 67 42.10 6.66 -24.44
CA ASP B 67 41.50 7.01 -25.74
C ASP B 67 42.01 6.18 -26.90
N THR B 68 43.33 6.04 -27.01
CA THR B 68 43.94 5.32 -28.13
C THR B 68 44.10 3.82 -27.83
N LYS B 69 44.06 3.47 -26.54
CA LYS B 69 44.33 2.09 -26.05
C LYS B 69 45.77 1.59 -26.28
N ILE B 70 46.69 2.51 -26.60
CA ILE B 70 48.10 2.17 -26.79
C ILE B 70 48.83 2.15 -25.44
N TRP B 71 49.58 1.06 -25.20
CA TRP B 71 50.48 0.93 -24.04
C TRP B 71 51.81 1.66 -24.21
N ASN B 72 52.25 2.34 -23.15
CA ASN B 72 53.58 2.96 -23.16
C ASN B 72 54.52 2.19 -22.23
N GLY B 73 55.72 2.73 -22.04
CA GLY B 73 56.66 2.16 -21.08
C GLY B 73 57.18 0.78 -21.42
N MET B 74 57.68 0.08 -20.40
CA MET B 74 58.21 -1.28 -20.55
C MET B 74 57.09 -2.22 -21.00
N VAL B 75 55.88 -1.99 -20.49
CA VAL B 75 54.74 -2.80 -20.94
C VAL B 75 54.55 -2.70 -22.45
N GLY B 76 54.53 -1.48 -22.99
CA GLY B 76 54.43 -1.29 -24.45
C GLY B 76 55.56 -1.92 -25.22
N GLU B 77 56.78 -1.80 -24.70
CA GLU B 77 57.93 -2.46 -25.35
C GLU B 77 57.73 -3.97 -25.51
N LEU B 78 57.15 -4.63 -24.52
CA LEU B 78 56.82 -6.06 -24.66
C LEU B 78 55.63 -6.31 -25.60
N VAL B 79 54.56 -5.54 -25.41
CA VAL B 79 53.33 -5.70 -26.21
C VAL B 79 53.58 -5.51 -27.72
N TYR B 80 54.41 -4.53 -28.09
CA TYR B 80 54.62 -4.20 -29.51
C TYR B 80 55.84 -4.86 -30.14
N GLY B 81 56.50 -5.75 -29.40
CA GLY B 81 57.58 -6.60 -29.94
C GLY B 81 58.97 -5.96 -29.95
N LYS B 82 59.16 -4.92 -29.14
CA LYS B 82 60.42 -4.17 -29.09
C LYS B 82 61.47 -4.80 -28.15
N ALA B 83 61.00 -5.57 -27.18
CA ALA B 83 61.85 -6.28 -26.23
C ALA B 83 61.27 -7.64 -25.98
N ASP B 84 62.14 -8.55 -25.53
CA ASP B 84 61.77 -9.95 -25.29
C ASP B 84 61.36 -10.23 -23.84
N ILE B 85 61.83 -9.39 -22.92
CA ILE B 85 61.65 -9.63 -21.50
C ILE B 85 61.86 -8.31 -20.76
N ALA B 86 61.11 -8.09 -19.68
CA ALA B 86 61.35 -6.93 -18.81
C ALA B 86 61.84 -7.43 -17.46
N ILE B 87 63.01 -6.96 -17.04
CA ILE B 87 63.58 -7.32 -15.74
C ILE B 87 63.77 -6.01 -15.00
N ALA B 88 62.81 -5.69 -14.14
CA ALA B 88 62.70 -4.35 -13.53
C ALA B 88 61.77 -4.43 -12.31
N PRO B 89 61.70 -3.36 -11.50
CA PRO B 89 60.68 -3.32 -10.44
C PRO B 89 59.28 -3.05 -11.03
N LEU B 90 58.76 -4.02 -11.79
CA LEU B 90 57.52 -3.89 -12.54
C LEU B 90 56.42 -4.61 -11.78
N THR B 91 55.43 -3.85 -11.34
CA THR B 91 54.38 -4.35 -10.45
C THR B 91 53.42 -5.27 -11.21
N ILE B 92 53.14 -6.42 -10.62
CA ILE B 92 52.16 -7.37 -11.17
C ILE B 92 50.78 -6.80 -10.92
N THR B 93 50.06 -6.52 -12.00
CA THR B 93 48.70 -5.97 -11.88
C THR B 93 47.76 -6.70 -12.81
N LEU B 94 46.46 -6.62 -12.49
CA LEU B 94 45.43 -7.23 -13.32
C LEU B 94 45.45 -6.73 -14.76
N VAL B 95 45.44 -5.40 -14.97
CA VAL B 95 45.40 -4.89 -16.33
C VAL B 95 46.63 -5.27 -17.16
N ARG B 96 47.78 -5.41 -16.50
CA ARG B 96 49.01 -5.84 -17.18
C ARG B 96 49.01 -7.34 -17.49
N GLU B 97 48.58 -8.15 -16.53
CA GLU B 97 48.48 -9.60 -16.70
C GLU B 97 47.51 -10.01 -17.82
N GLU B 98 46.59 -9.11 -18.19
CA GLU B 98 45.74 -9.33 -19.33
C GLU B 98 46.44 -9.25 -20.69
N VAL B 99 47.58 -8.54 -20.75
CA VAL B 99 48.29 -8.30 -22.01
C VAL B 99 49.72 -8.85 -22.08
N ILE B 100 50.34 -9.10 -20.92
CA ILE B 100 51.69 -9.71 -20.84
C ILE B 100 51.65 -10.83 -19.78
N ASP B 101 52.68 -11.68 -19.73
CA ASP B 101 52.78 -12.67 -18.65
C ASP B 101 53.81 -12.22 -17.63
N PHE B 102 53.58 -12.54 -16.36
CA PHE B 102 54.54 -12.30 -15.28
C PHE B 102 54.96 -13.61 -14.65
N SER B 103 56.25 -13.68 -14.29
CA SER B 103 56.74 -14.72 -13.38
C SER B 103 56.04 -14.56 -12.01
N LYS B 104 56.13 -15.60 -11.18
CA LYS B 104 55.90 -15.41 -9.77
C LYS B 104 56.74 -14.23 -9.26
N PRO B 105 56.26 -13.55 -8.22
CA PRO B 105 57.01 -12.37 -7.74
C PRO B 105 58.41 -12.67 -7.18
N PHE B 106 59.36 -11.77 -7.44
CA PHE B 106 60.70 -11.91 -6.90
C PHE B 106 60.92 -10.98 -5.69
N MET B 107 59.98 -10.07 -5.45
CA MET B 107 60.08 -9.11 -4.34
C MET B 107 58.69 -8.65 -3.94
N SER B 108 58.49 -8.46 -2.64
CA SER B 108 57.24 -7.90 -2.12
C SER B 108 57.38 -6.39 -1.88
N LEU B 109 56.24 -5.68 -2.01
CA LEU B 109 56.19 -4.25 -1.74
C LEU B 109 54.76 -3.82 -1.44
N GLY B 110 54.60 -2.59 -0.95
CA GLY B 110 53.28 -1.97 -0.87
C GLY B 110 53.42 -0.49 -1.10
N ILE B 111 52.32 0.17 -1.45
CA ILE B 111 52.36 1.64 -1.55
C ILE B 111 52.58 2.22 -0.15
N SER B 112 53.39 3.27 -0.09
CA SER B 112 53.81 3.89 1.18
C SER B 112 53.92 5.39 1.02
N ILE B 113 54.08 6.09 2.14
CA ILE B 113 54.22 7.54 2.16
C ILE B 113 55.64 7.97 2.52
N MET B 114 56.21 8.85 1.69
CA MET B 114 57.48 9.50 1.95
C MET B 114 57.27 10.97 2.37
N ILE B 115 57.81 11.34 3.53
CA ILE B 115 57.79 12.71 4.02
C ILE B 115 59.20 13.23 4.26
N LYS B 116 59.35 14.56 4.20
CA LYS B 116 60.55 15.19 4.75
C LYS B 116 60.48 15.03 6.29
N LYS B 117 61.61 14.71 6.92
CA LYS B 117 61.65 14.52 8.38
C LYS B 117 61.00 15.70 9.10
N GLY B 118 60.09 15.36 10.02
CA GLY B 118 59.41 16.36 10.84
C GLY B 118 58.05 16.81 10.32
N THR B 119 57.68 16.35 9.12
CA THR B 119 56.39 16.66 8.50
C THR B 119 55.30 16.05 9.39
N PRO B 120 54.30 16.84 9.77
CA PRO B 120 53.29 16.35 10.71
C PRO B 120 52.22 15.51 10.01
N ILE B 121 52.65 14.33 9.53
CA ILE B 121 51.80 13.36 8.83
C ILE B 121 52.22 11.96 9.29
N GLU B 122 51.26 11.14 9.69
CA GLU B 122 51.53 9.77 10.15
C GLU B 122 50.83 8.67 9.32
N SER B 123 49.87 9.05 8.48
CA SER B 123 49.07 8.08 7.70
C SER B 123 48.42 8.69 6.46
N ALA B 124 47.85 7.83 5.61
CA ALA B 124 47.08 8.26 4.46
C ALA B 124 45.86 9.08 4.90
N GLU B 125 45.18 8.64 5.97
CA GLU B 125 44.11 9.43 6.60
C GLU B 125 44.54 10.86 6.95
N ASP B 126 45.73 11.01 7.53
CA ASP B 126 46.30 12.32 7.84
C ASP B 126 46.42 13.22 6.61
N LEU B 127 46.95 12.69 5.51
CA LEU B 127 47.08 13.46 4.27
C LEU B 127 45.73 13.95 3.74
N SER B 128 44.74 13.06 3.76
CA SER B 128 43.40 13.31 3.21
C SER B 128 42.58 14.33 4.02
N LYS B 129 42.96 14.55 5.28
CA LYS B 129 42.25 15.44 6.20
C LYS B 129 42.76 16.90 6.21
N GLN B 130 43.78 17.20 5.40
CA GLN B 130 44.39 18.53 5.37
C GLN B 130 44.64 19.01 3.94
N THR B 131 45.14 20.25 3.81
CA THR B 131 45.34 20.90 2.50
C THR B 131 46.71 21.57 2.36
N GLU B 132 47.37 21.87 3.49
CA GLU B 132 48.64 22.62 3.48
C GLU B 132 49.80 21.82 2.87
N ILE B 133 49.78 20.51 3.08
CA ILE B 133 50.77 19.59 2.52
C ILE B 133 50.21 18.91 1.26
N ALA B 134 50.83 19.21 0.13
CA ALA B 134 50.49 18.59 -1.16
C ALA B 134 51.04 17.17 -1.20
N TYR B 135 50.43 16.31 -2.01
CA TYR B 135 50.91 14.95 -2.21
C TYR B 135 50.54 14.40 -3.58
N GLY B 136 51.42 13.57 -4.13
CA GLY B 136 51.22 12.99 -5.46
C GLY B 136 51.86 11.63 -5.65
N THR B 137 51.84 11.15 -6.91
CA THR B 137 52.39 9.84 -7.27
C THR B 137 53.17 9.93 -8.59
N LEU B 138 53.85 8.86 -8.94
CA LEU B 138 54.46 8.73 -10.27
C LEU B 138 53.42 8.59 -11.39
N ASP B 139 53.64 9.28 -12.52
CA ASP B 139 52.86 9.08 -13.75
C ASP B 139 53.11 7.72 -14.39
N SER B 140 52.08 7.18 -15.04
CA SER B 140 52.20 5.97 -15.90
C SER B 140 52.64 4.71 -15.13
N GLY B 141 52.25 4.62 -13.86
CA GLY B 141 52.66 3.49 -13.02
C GLY B 141 51.50 2.92 -12.25
N SER B 142 51.80 1.89 -11.46
CA SER B 142 50.77 1.15 -10.75
C SER B 142 50.21 1.92 -9.54
N THR B 143 51.02 2.81 -8.95
CA THR B 143 50.57 3.58 -7.80
C THR B 143 49.46 4.55 -8.23
N LYS B 144 49.67 5.26 -9.35
CA LYS B 144 48.65 6.17 -9.86
C LYS B 144 47.33 5.42 -10.09
N GLU B 145 47.44 4.24 -10.71
CA GLU B 145 46.26 3.46 -11.06
C GLU B 145 45.49 2.99 -9.83
N PHE B 146 46.23 2.66 -8.77
CA PHE B 146 45.65 2.32 -7.48
C PHE B 146 44.71 3.40 -6.97
N PHE B 147 45.15 4.66 -7.03
CA PHE B 147 44.38 5.78 -6.52
C PHE B 147 43.20 6.13 -7.41
N ARG B 148 43.42 6.09 -8.74
CA ARG B 148 42.36 6.28 -9.75
C ARG B 148 41.19 5.31 -9.52
N ARG B 149 41.53 4.06 -9.23
CA ARG B 149 40.55 2.96 -9.13
C ARG B 149 39.95 2.72 -7.72
N SER B 150 40.56 3.26 -6.67
CA SER B 150 40.16 2.95 -5.29
C SER B 150 38.75 3.42 -4.95
N LYS B 151 38.04 2.58 -4.18
CA LYS B 151 36.71 2.88 -3.65
C LYS B 151 36.76 3.12 -2.14
N ILE B 152 37.92 2.87 -1.52
CA ILE B 152 38.17 3.14 -0.11
C ILE B 152 38.07 4.65 0.07
N ALA B 153 37.30 5.07 1.08
CA ALA B 153 36.94 6.48 1.29
C ALA B 153 38.14 7.43 1.34
N VAL B 154 39.14 7.07 2.14
CA VAL B 154 40.36 7.88 2.29
C VAL B 154 41.08 8.04 0.96
N PHE B 155 41.21 6.93 0.23
CA PHE B 155 41.98 6.91 -1.03
C PHE B 155 41.23 7.56 -2.18
N ASP B 156 39.90 7.47 -2.16
CA ASP B 156 39.03 8.16 -3.14
C ASP B 156 39.15 9.69 -2.97
N LYS B 157 39.09 10.14 -1.71
CA LYS B 157 39.29 11.55 -1.37
C LYS B 157 40.67 12.06 -1.82
N MET B 158 41.70 11.24 -1.61
CA MET B 158 43.06 11.57 -2.02
C MET B 158 43.18 11.76 -3.53
N TRP B 159 42.59 10.82 -4.27
CA TRP B 159 42.56 10.88 -5.74
C TRP B 159 41.80 12.10 -6.26
N THR B 160 40.64 12.38 -5.64
CA THR B 160 39.82 13.53 -6.04
C THR B 160 40.68 14.79 -5.93
N TYR B 161 41.42 14.89 -4.81
CA TYR B 161 42.35 15.99 -4.62
C TYR B 161 43.47 15.96 -5.67
N MET B 162 44.12 14.80 -5.86
CA MET B 162 45.33 14.71 -6.69
C MET B 162 45.08 15.02 -8.16
N ARG B 163 44.03 14.44 -8.71
CA ARG B 163 43.72 14.56 -10.14
C ARG B 163 43.56 16.01 -10.64
N SER B 164 43.09 16.90 -9.77
CA SER B 164 42.82 18.31 -10.15
C SER B 164 43.65 19.38 -9.41
N ALA B 165 44.56 18.95 -8.53
CA ALA B 165 45.43 19.87 -7.77
C ALA B 165 46.30 20.73 -8.67
N GLU B 166 46.46 22.00 -8.29
CA GLU B 166 47.25 22.96 -9.05
C GLU B 166 48.29 23.65 -8.15
N PRO B 167 49.59 23.62 -8.52
CA PRO B 167 50.08 22.93 -9.73
C PRO B 167 50.09 21.40 -9.58
N SER B 168 50.26 20.71 -10.71
CA SER B 168 50.23 19.25 -10.76
C SER B 168 51.08 18.60 -9.67
N VAL B 169 50.51 17.55 -9.06
CA VAL B 169 51.17 16.81 -7.99
C VAL B 169 51.89 15.56 -8.51
N PHE B 170 51.63 15.18 -9.77
CA PHE B 170 52.23 13.99 -10.36
C PHE B 170 53.62 14.31 -10.91
N VAL B 171 54.50 13.31 -10.87
CA VAL B 171 55.89 13.47 -11.33
C VAL B 171 56.21 12.44 -12.42
N ARG B 172 57.25 12.73 -13.22
CA ARG B 172 57.68 11.85 -14.33
C ARG B 172 58.59 10.69 -13.90
N THR B 173 59.37 10.90 -12.85
CA THR B 173 60.31 9.90 -12.34
C THR B 173 60.31 9.91 -10.81
N THR B 174 60.69 8.77 -10.22
CA THR B 174 60.90 8.71 -8.78
C THR B 174 61.87 9.79 -8.29
N ALA B 175 62.98 9.99 -9.01
CA ALA B 175 63.95 11.02 -8.63
C ALA B 175 63.31 12.39 -8.50
N GLU B 176 62.37 12.72 -9.41
CA GLU B 176 61.60 13.96 -9.37
C GLU B 176 60.69 14.06 -8.14
N GLY B 177 60.04 12.96 -7.78
CA GLY B 177 59.19 12.90 -6.58
C GLY B 177 60.01 13.11 -5.32
N VAL B 178 61.15 12.42 -5.23
CA VAL B 178 62.04 12.53 -4.07
C VAL B 178 62.62 13.94 -3.94
N ALA B 179 63.11 14.50 -5.06
CA ALA B 179 63.65 15.86 -5.07
C ALA B 179 62.63 16.89 -4.60
N ARG B 180 61.38 16.73 -5.07
CA ARG B 180 60.26 17.56 -4.64
C ARG B 180 60.03 17.52 -3.14
N VAL B 181 60.02 16.32 -2.56
CA VAL B 181 59.87 16.17 -1.09
C VAL B 181 60.98 16.94 -0.36
N ARG B 182 62.22 16.74 -0.83
CA ARG B 182 63.42 17.26 -0.18
C ARG B 182 63.50 18.78 -0.23
N LYS B 183 62.98 19.34 -1.32
CA LYS B 183 63.05 20.80 -1.58
C LYS B 183 61.86 21.61 -1.04
N SER B 184 60.77 20.93 -0.68
CA SER B 184 59.50 21.61 -0.36
C SER B 184 59.25 21.97 1.11
N LYS B 185 60.28 21.84 1.95
CA LYS B 185 60.23 22.27 3.37
C LYS B 185 59.06 21.64 4.17
N GLY B 186 58.67 20.43 3.79
CA GLY B 186 57.59 19.70 4.46
C GLY B 186 56.21 19.81 3.84
N LYS B 187 56.10 20.57 2.75
CA LYS B 187 54.79 20.85 2.12
C LYS B 187 54.43 19.90 0.96
N TYR B 188 55.31 18.93 0.70
CA TYR B 188 54.99 17.88 -0.28
C TYR B 188 55.33 16.51 0.31
N ALA B 189 54.38 15.60 0.19
CA ALA B 189 54.58 14.19 0.54
C ALA B 189 54.38 13.34 -0.72
N TYR B 190 55.18 12.29 -0.84
CA TYR B 190 55.18 11.51 -2.07
C TYR B 190 54.69 10.08 -1.81
N LEU B 191 53.79 9.60 -2.67
CA LEU B 191 53.27 8.23 -2.56
C LEU B 191 54.03 7.33 -3.53
N LEU B 192 54.70 6.32 -2.99
CA LEU B 192 55.62 5.50 -3.77
C LEU B 192 55.77 4.14 -3.10
N GLU B 193 56.38 3.20 -3.82
CA GLU B 193 56.47 1.84 -3.33
C GLU B 193 57.49 1.74 -2.20
N SER B 194 57.17 0.88 -1.24
CA SER B 194 57.90 0.76 0.03
C SER B 194 59.38 0.45 -0.19
N THR B 195 59.66 -0.36 -1.22
CA THR B 195 61.02 -0.74 -1.62
C THR B 195 61.87 0.48 -1.94
N MET B 196 61.31 1.38 -2.74
CA MET B 196 62.03 2.57 -3.15
CA MET B 196 62.00 2.62 -3.16
C MET B 196 62.14 3.53 -1.96
N ASN B 197 61.04 3.69 -1.22
CA ASN B 197 61.01 4.54 -0.02
C ASN B 197 62.10 4.14 0.99
N GLU B 198 62.16 2.84 1.31
CA GLU B 198 63.13 2.29 2.27
C GLU B 198 64.59 2.47 1.82
N TYR B 199 64.83 2.33 0.51
CA TYR B 199 66.16 2.60 -0.03
C TYR B 199 66.57 4.06 0.20
N ILE B 200 65.69 4.98 -0.23
CA ILE B 200 65.96 6.41 -0.14
C ILE B 200 66.16 6.87 1.32
N GLU B 201 65.39 6.27 2.24
CA GLU B 201 65.54 6.56 3.68
C GLU B 201 66.97 6.31 4.21
N GLN B 202 67.67 5.33 3.64
CA GLN B 202 69.04 4.98 4.06
C GLN B 202 70.14 5.61 3.20
N ARG B 203 69.82 6.68 2.48
CA ARG B 203 70.82 7.38 1.64
C ARG B 203 70.94 8.84 2.04
N LYS B 204 72.16 9.38 1.96
CA LYS B 204 72.40 10.83 2.16
C LYS B 204 71.50 11.64 1.21
N PRO B 205 70.94 12.77 1.64
CA PRO B 205 71.23 13.43 2.93
C PRO B 205 70.41 12.99 4.14
N CYS B 206 69.76 11.82 4.07
CA CYS B 206 69.07 11.23 5.23
C CYS B 206 68.01 12.17 5.81
N ASP B 207 67.26 12.81 4.92
CA ASP B 207 66.27 13.82 5.31
C ASP B 207 64.84 13.40 5.01
N THR B 208 64.67 12.15 4.58
CA THR B 208 63.33 11.61 4.33
C THR B 208 63.02 10.44 5.24
N MET B 209 61.72 10.12 5.36
CA MET B 209 61.32 8.88 6.01
C MET B 209 59.98 8.33 5.53
N LYS B 210 59.84 7.01 5.68
CA LYS B 210 58.60 6.30 5.43
C LYS B 210 57.75 6.39 6.69
N VAL B 211 56.49 6.78 6.51
CA VAL B 211 55.55 6.87 7.65
C VAL B 211 54.31 6.04 7.38
N GLY B 212 53.77 5.45 8.44
CA GLY B 212 52.56 4.64 8.35
C GLY B 212 52.80 3.27 7.75
N GLY B 213 51.74 2.46 7.76
CA GLY B 213 51.82 1.13 7.18
C GLY B 213 51.73 1.23 5.67
N ASN B 214 52.01 0.13 5.00
CA ASN B 214 51.78 0.07 3.56
C ASN B 214 50.28 0.07 3.27
N LEU B 215 49.90 0.65 2.13
CA LEU B 215 48.48 0.75 1.76
C LEU B 215 47.94 -0.52 1.11
N ASP B 216 48.85 -1.31 0.54
CA ASP B 216 48.50 -2.57 -0.11
C ASP B 216 49.65 -3.55 -0.02
N SER B 217 49.47 -4.75 -0.58
CA SER B 217 50.49 -5.78 -0.59
C SER B 217 50.52 -6.41 -1.97
N LYS B 218 51.68 -6.36 -2.63
CA LYS B 218 51.79 -6.90 -3.98
C LYS B 218 53.24 -7.24 -4.30
N GLY B 219 53.53 -7.53 -5.56
CA GLY B 219 54.87 -8.00 -5.92
C GLY B 219 55.33 -7.47 -7.26
N TYR B 220 56.64 -7.48 -7.46
CA TYR B 220 57.24 -7.29 -8.76
C TYR B 220 57.45 -8.64 -9.42
N GLY B 221 57.24 -8.71 -10.73
CA GLY B 221 57.53 -9.93 -11.47
C GLY B 221 58.33 -9.65 -12.73
N ILE B 222 58.97 -10.69 -13.27
CA ILE B 222 59.66 -10.62 -14.55
C ILE B 222 58.60 -10.84 -15.63
N ALA B 223 58.50 -9.92 -16.58
CA ALA B 223 57.42 -9.99 -17.57
C ALA B 223 57.93 -10.40 -18.95
N THR B 224 57.11 -11.19 -19.64
CA THR B 224 57.38 -11.62 -21.02
C THR B 224 56.12 -11.38 -21.87
N PRO B 225 56.29 -11.16 -23.19
CA PRO B 225 55.11 -11.04 -24.06
C PRO B 225 54.38 -12.36 -24.16
N LYS B 226 53.08 -12.32 -24.41
CA LYS B 226 52.33 -13.57 -24.57
C LYS B 226 52.88 -14.37 -25.77
N GLY B 227 52.92 -15.69 -25.59
CA GLY B 227 53.51 -16.59 -26.57
C GLY B 227 55.02 -16.78 -26.46
N SER B 228 55.67 -16.09 -25.52
CA SER B 228 57.15 -16.22 -25.34
C SER B 228 57.62 -17.65 -24.98
N SER B 229 58.66 -18.13 -25.67
CA SER B 229 59.31 -19.40 -25.31
C SER B 229 60.09 -19.36 -23.98
N LEU B 230 60.29 -18.17 -23.43
CA LEU B 230 60.99 -17.97 -22.17
C LEU B 230 60.10 -18.11 -20.93
N ARG B 231 58.78 -18.04 -21.10
CA ARG B 231 57.86 -17.91 -19.96
C ARG B 231 58.08 -18.94 -18.85
N ASN B 232 58.03 -20.23 -19.19
CA ASN B 232 58.16 -21.30 -18.17
C ASN B 232 59.52 -21.27 -17.47
N ALA B 233 60.61 -21.17 -18.26
CA ALA B 233 61.96 -21.25 -17.72
C ALA B 233 62.21 -20.10 -16.73
N VAL B 234 61.75 -18.91 -17.11
CA VAL B 234 61.94 -17.70 -16.31
C VAL B 234 61.19 -17.85 -14.98
N ASN B 235 59.95 -18.33 -15.07
CA ASN B 235 59.15 -18.56 -13.87
C ASN B 235 59.83 -19.52 -12.88
N LEU B 236 60.30 -20.65 -13.41
CA LEU B 236 60.99 -21.63 -12.58
C LEU B 236 62.31 -21.09 -12.03
N ALA B 237 63.00 -20.28 -12.85
CA ALA B 237 64.24 -19.65 -12.41
C ALA B 237 64.02 -18.71 -11.23
N VAL B 238 62.95 -17.89 -11.27
CA VAL B 238 62.62 -17.01 -10.15
C VAL B 238 62.41 -17.80 -8.85
N LEU B 239 61.65 -18.90 -8.95
CA LEU B 239 61.45 -19.77 -7.80
C LEU B 239 62.75 -20.41 -7.27
N LYS B 240 63.58 -20.89 -8.19
CA LYS B 240 64.91 -21.47 -7.87
C LYS B 240 65.77 -20.44 -7.12
N LEU B 241 65.86 -19.21 -7.66
CA LEU B 241 66.62 -18.15 -7.00
C LEU B 241 66.11 -17.79 -5.61
N ASN B 242 64.79 -17.81 -5.42
CA ASN B 242 64.26 -17.51 -4.11
C ASN B 242 64.63 -18.61 -3.13
N GLU B 243 64.46 -19.86 -3.56
CA GLU B 243 64.69 -21.01 -2.68
C GLU B 243 66.17 -21.21 -2.33
N GLN B 244 67.07 -20.80 -3.23
CA GLN B 244 68.52 -20.91 -2.96
C GLN B 244 69.07 -19.74 -2.11
N GLY B 245 68.18 -18.79 -1.80
CA GLY B 245 68.47 -17.64 -0.92
C GLY B 245 69.08 -16.43 -1.61
N LEU B 246 69.23 -16.52 -2.93
CA LEU B 246 69.88 -15.47 -3.74
C LEU B 246 69.10 -14.15 -3.75
N LEU B 247 67.77 -14.22 -3.83
CA LEU B 247 66.98 -12.99 -3.82
C LEU B 247 67.14 -12.23 -2.52
N ASP B 248 67.20 -12.95 -1.39
CA ASP B 248 67.40 -12.32 -0.08
C ASP B 248 68.79 -11.71 0.05
N LYS B 249 69.78 -12.41 -0.50
CA LYS B 249 71.16 -11.93 -0.53
C LYS B 249 71.25 -10.64 -1.33
N LEU B 250 70.58 -10.62 -2.49
CA LEU B 250 70.59 -9.43 -3.35
C LEU B 250 69.90 -8.22 -2.72
N LYS B 251 68.82 -8.46 -1.97
CA LYS B 251 68.13 -7.39 -1.26
C LYS B 251 69.05 -6.81 -0.19
N ASN B 252 69.77 -7.66 0.55
CA ASN B 252 70.72 -7.17 1.56
C ASN B 252 71.88 -6.39 0.92
N LYS B 253 72.35 -6.85 -0.23
CA LYS B 253 73.48 -6.25 -0.95
C LYS B 253 73.15 -4.81 -1.39
N TRP B 254 71.94 -4.62 -1.92
CA TRP B 254 71.55 -3.35 -2.54
C TRP B 254 70.76 -2.41 -1.64
N TRP B 255 70.19 -2.94 -0.55
CA TRP B 255 69.55 -2.09 0.46
C TRP B 255 70.44 -1.94 1.72
N TYR B 256 70.53 -2.98 2.54
CA TYR B 256 71.25 -2.91 3.84
C TYR B 256 72.72 -2.46 3.71
N ASP B 257 73.46 -3.13 2.83
CA ASP B 257 74.90 -2.89 2.65
C ASP B 257 75.17 -1.51 2.01
N LYS B 258 74.18 -0.97 1.29
CA LYS B 258 74.30 0.36 0.67
C LYS B 258 73.84 1.52 1.57
N GLY B 259 73.60 1.23 2.85
CA GLY B 259 73.10 2.21 3.81
C GLY B 259 74.13 3.26 4.17
N GLU B 260 73.71 4.53 4.14
CA GLU B 260 74.57 5.70 4.42
C GLU B 260 74.16 6.46 5.68
N CYS B 261 73.06 6.06 6.32
CA CYS B 261 72.49 6.82 7.42
C CYS B 261 72.66 6.10 8.77
N GLY B 262 73.70 5.25 8.84
CA GLY B 262 74.06 4.54 10.08
C GLY B 262 73.76 3.05 10.00
N ASN C 3 -8.66 -33.28 -15.75
CA ASN C 3 -7.94 -34.28 -16.59
C ASN C 3 -6.52 -34.56 -16.07
N LYS C 4 -5.63 -33.56 -16.09
CA LYS C 4 -4.22 -33.73 -15.72
C LYS C 4 -3.91 -32.99 -14.42
N THR C 5 -3.09 -33.62 -13.58
CA THR C 5 -2.57 -32.98 -12.37
C THR C 5 -1.65 -31.83 -12.77
N VAL C 6 -1.98 -30.66 -12.23
CA VAL C 6 -1.27 -29.42 -12.50
C VAL C 6 0.01 -29.37 -11.66
N VAL C 7 1.16 -29.19 -12.31
CA VAL C 7 2.43 -29.07 -11.59
C VAL C 7 2.64 -27.62 -11.17
N VAL C 8 2.66 -27.39 -9.86
CA VAL C 8 2.86 -26.03 -9.29
C VAL C 8 4.31 -25.88 -8.87
N THR C 9 4.98 -24.85 -9.39
CA THR C 9 6.32 -24.51 -8.93
C THR C 9 6.20 -23.39 -7.88
N THR C 10 6.95 -23.55 -6.81
CA THR C 10 6.96 -22.54 -5.74
C THR C 10 8.34 -22.53 -5.10
N ILE C 11 8.52 -21.74 -4.04
CA ILE C 11 9.86 -21.52 -3.50
C ILE C 11 9.78 -21.53 -1.97
N LEU C 12 10.81 -22.09 -1.32
CA LEU C 12 10.86 -22.09 0.14
C LEU C 12 11.19 -20.69 0.64
N GLU C 13 10.16 -19.97 1.07
CA GLU C 13 10.27 -18.57 1.52
C GLU C 13 9.22 -18.35 2.59
N SER C 14 9.64 -17.99 3.80
CA SER C 14 8.69 -17.70 4.90
C SER C 14 8.01 -16.33 4.74
N PRO C 15 6.69 -16.22 5.01
CA PRO C 15 5.80 -17.30 5.46
C PRO C 15 4.94 -17.83 4.31
N TYR C 16 5.48 -17.80 3.10
CA TYR C 16 4.72 -18.22 1.92
C TYR C 16 4.67 -19.73 1.76
N VAL C 17 5.82 -20.39 1.82
CA VAL C 17 5.89 -21.85 1.75
C VAL C 17 6.99 -22.29 2.70
N MET C 18 6.60 -23.15 3.64
CA MET C 18 7.49 -23.65 4.67
C MET C 18 7.28 -25.12 4.88
N MET C 19 8.38 -25.83 5.17
CA MET C 19 8.29 -27.23 5.55
C MET C 19 7.72 -27.30 6.95
N LYS C 20 6.60 -28.00 7.12
CA LYS C 20 6.01 -28.20 8.45
C LYS C 20 7.01 -28.96 9.30
N LYS C 21 7.06 -28.58 10.58
CA LYS C 21 7.89 -29.25 11.57
C LYS C 21 7.63 -30.75 11.52
N ASN C 22 8.73 -31.53 11.43
CA ASN C 22 8.70 -33.00 11.42
C ASN C 22 8.02 -33.64 10.21
N HIS C 23 7.90 -32.90 9.10
CA HIS C 23 7.30 -33.46 7.88
C HIS C 23 8.33 -33.74 6.77
N GLU C 24 9.61 -33.55 7.07
CA GLU C 24 10.72 -33.68 6.09
C GLU C 24 10.79 -35.06 5.45
N MET C 25 10.54 -36.09 6.27
CA MET C 25 10.61 -37.50 5.86
C MET C 25 9.30 -38.00 5.24
N LEU C 26 8.31 -37.12 5.14
CA LEU C 26 6.99 -37.50 4.63
C LEU C 26 6.86 -37.15 3.14
N GLU C 27 5.65 -37.26 2.58
CA GLU C 27 5.45 -37.03 1.13
C GLU C 27 4.15 -36.28 0.82
N GLY C 28 4.08 -35.68 -0.37
CA GLY C 28 2.86 -35.01 -0.86
C GLY C 28 2.70 -33.57 -0.41
N ASN C 29 1.59 -32.96 -0.84
CA ASN C 29 1.30 -31.54 -0.59
C ASN C 29 1.23 -31.17 0.89
N GLU C 30 0.79 -32.13 1.70
CA GLU C 30 0.57 -31.97 3.13
C GLU C 30 1.85 -31.58 3.93
N ARG C 31 3.03 -31.82 3.35
CA ARG C 31 4.31 -31.43 3.96
C ARG C 31 4.45 -29.93 4.19
N TYR C 32 3.80 -29.12 3.35
CA TYR C 32 4.05 -27.69 3.30
C TYR C 32 2.94 -26.88 3.93
N GLU C 33 3.31 -25.70 4.46
CA GLU C 33 2.36 -24.74 5.00
C GLU C 33 2.76 -23.33 4.62
N GLY C 34 1.81 -22.41 4.67
CA GLY C 34 2.09 -21.02 4.46
C GLY C 34 1.04 -20.31 3.61
N TYR C 35 1.25 -19.01 3.43
CA TYR C 35 0.32 -18.18 2.66
C TYR C 35 0.07 -18.75 1.24
N CYS C 36 1.15 -19.12 0.56
CA CYS C 36 1.00 -19.60 -0.82
C CYS C 36 0.48 -21.03 -0.92
N VAL C 37 0.67 -21.81 0.14
CA VAL C 37 0.09 -23.16 0.21
C VAL C 37 -1.44 -23.01 0.32
N ASP C 38 -1.87 -22.09 1.17
CA ASP C 38 -3.31 -21.77 1.34
C ASP C 38 -3.88 -21.16 0.05
N LEU C 39 -3.11 -20.29 -0.60
CA LEU C 39 -3.52 -19.65 -1.84
C LEU C 39 -3.69 -20.69 -2.96
N ALA C 40 -2.72 -21.61 -3.06
CA ALA C 40 -2.82 -22.69 -4.06
C ALA C 40 -4.05 -23.54 -3.90
N ALA C 41 -4.40 -23.86 -2.65
CA ALA C 41 -5.58 -24.68 -2.38
C ALA C 41 -6.85 -23.97 -2.87
N GLU C 42 -6.94 -22.67 -2.62
CA GLU C 42 -8.08 -21.85 -3.04
C GLU C 42 -8.15 -21.71 -4.56
N ILE C 43 -7.01 -21.42 -5.19
CA ILE C 43 -6.99 -21.29 -6.65
C ILE C 43 -7.42 -22.60 -7.32
N ALA C 44 -6.89 -23.73 -6.84
CA ALA C 44 -7.24 -25.02 -7.39
C ALA C 44 -8.74 -25.32 -7.21
N LYS C 45 -9.29 -24.94 -6.05
CA LYS C 45 -10.71 -25.14 -5.74
C LYS C 45 -11.60 -24.36 -6.70
N HIS C 46 -11.30 -23.07 -6.85
CA HIS C 46 -12.09 -22.17 -7.69
C HIS C 46 -11.95 -22.49 -9.18
N CYS C 47 -10.78 -22.97 -9.59
CA CYS C 47 -10.53 -23.35 -11.00
C CYS C 47 -10.85 -24.80 -11.36
N GLY C 48 -11.00 -25.66 -10.34
CA GLY C 48 -11.36 -27.06 -10.54
C GLY C 48 -10.24 -27.98 -11.03
N PHE C 49 -9.06 -27.83 -10.46
CA PHE C 49 -7.97 -28.74 -10.80
C PHE C 49 -7.33 -29.37 -9.57
N LYS C 50 -6.74 -30.53 -9.80
CA LYS C 50 -5.87 -31.21 -8.83
C LYS C 50 -4.43 -30.78 -9.13
N TYR C 51 -3.59 -30.76 -8.10
CA TYR C 51 -2.24 -30.20 -8.24
C TYR C 51 -1.20 -30.87 -7.36
N LYS C 52 0.07 -30.76 -7.77
CA LYS C 52 1.22 -31.21 -7.00
C LYS C 52 2.14 -30.01 -6.76
N LEU C 53 2.41 -29.71 -5.48
CA LEU C 53 3.38 -28.66 -5.13
C LEU C 53 4.80 -29.17 -5.31
N THR C 54 5.63 -28.40 -6.00
CA THR C 54 7.04 -28.75 -6.22
C THR C 54 7.86 -27.53 -5.88
N ILE C 55 9.04 -27.75 -5.32
CA ILE C 55 9.95 -26.66 -5.02
C ILE C 55 10.92 -26.48 -6.17
N VAL C 56 10.96 -25.25 -6.70
CA VAL C 56 11.87 -24.88 -7.76
C VAL C 56 13.29 -25.44 -7.54
N GLY C 57 13.76 -26.16 -8.54
CA GLY C 57 15.00 -26.95 -8.44
C GLY C 57 16.22 -26.11 -8.09
N ASP C 58 16.34 -24.93 -8.70
CA ASP C 58 17.51 -24.09 -8.46
C ASP C 58 17.36 -23.10 -7.31
N GLY C 59 16.17 -23.07 -6.69
CA GLY C 59 15.90 -22.22 -5.52
C GLY C 59 15.83 -20.72 -5.82
N LYS C 60 15.64 -20.39 -7.10
CA LYS C 60 15.62 -18.98 -7.57
C LYS C 60 14.24 -18.50 -8.03
N TYR C 61 14.04 -17.19 -7.98
CA TYR C 61 12.81 -16.59 -8.48
C TYR C 61 12.78 -16.57 -9.99
N GLY C 62 13.78 -15.95 -10.61
CA GLY C 62 13.89 -16.03 -12.05
C GLY C 62 14.45 -14.81 -12.72
N ALA C 63 15.57 -15.00 -13.40
CA ALA C 63 16.15 -13.97 -14.23
C ALA C 63 16.75 -14.60 -15.50
N ARG C 64 16.96 -13.76 -16.51
CA ARG C 64 17.48 -14.17 -17.79
C ARG C 64 18.97 -13.89 -17.77
N ASP C 65 19.78 -14.92 -17.96
CA ASP C 65 21.24 -14.75 -18.11
C ASP C 65 21.57 -13.82 -19.30
N ALA C 66 22.38 -12.79 -19.05
CA ALA C 66 22.74 -11.81 -20.08
C ALA C 66 23.45 -12.40 -21.30
N ASP C 67 24.24 -13.45 -21.05
CA ASP C 67 25.02 -14.10 -22.11
C ASP C 67 24.28 -15.24 -22.82
N THR C 68 23.79 -16.23 -22.05
CA THR C 68 23.12 -17.41 -22.62
C THR C 68 21.66 -17.14 -23.06
N LYS C 69 21.05 -16.09 -22.49
CA LYS C 69 19.63 -15.71 -22.69
C LYS C 69 18.63 -16.73 -22.11
N ILE C 70 19.12 -17.64 -21.26
CA ILE C 70 18.29 -18.70 -20.65
C ILE C 70 17.71 -18.18 -19.33
N TRP C 71 16.40 -18.40 -19.13
CA TRP C 71 15.75 -18.08 -17.87
C TRP C 71 15.98 -19.15 -16.79
N ASN C 72 16.29 -18.71 -15.57
CA ASN C 72 16.41 -19.63 -14.45
C ASN C 72 15.20 -19.49 -13.52
N GLY C 73 15.26 -20.19 -12.39
CA GLY C 73 14.23 -20.10 -11.35
C GLY C 73 12.87 -20.56 -11.76
N MET C 74 11.86 -20.06 -11.03
CA MET C 74 10.46 -20.37 -11.31
C MET C 74 10.05 -19.91 -12.70
N VAL C 75 10.54 -18.74 -13.10
CA VAL C 75 10.23 -18.23 -14.44
C VAL C 75 10.70 -19.23 -15.50
N GLY C 76 11.95 -19.70 -15.39
CA GLY C 76 12.46 -20.73 -16.32
C GLY C 76 11.63 -22.01 -16.30
N GLU C 77 11.20 -22.43 -15.12
CA GLU C 77 10.39 -23.65 -15.07
C GLU C 77 9.10 -23.51 -15.90
N LEU C 78 8.50 -22.33 -15.90
CA LEU C 78 7.33 -22.08 -16.75
C LEU C 78 7.70 -21.94 -18.23
N VAL C 79 8.74 -21.16 -18.50
CA VAL C 79 9.15 -20.88 -19.88
C VAL C 79 9.49 -22.18 -20.62
N TYR C 80 10.21 -23.10 -19.94
CA TYR C 80 10.70 -24.32 -20.59
C TYR C 80 9.78 -25.55 -20.43
N GLY C 81 8.60 -25.33 -19.84
CA GLY C 81 7.60 -26.40 -19.74
C GLY C 81 7.75 -27.40 -18.61
N LYS C 82 8.51 -27.05 -17.57
CA LYS C 82 8.80 -27.94 -16.45
C LYS C 82 7.68 -27.89 -15.39
N ALA C 83 6.94 -26.78 -15.39
CA ALA C 83 5.77 -26.60 -14.52
C ALA C 83 4.65 -25.86 -15.23
N ASP C 84 3.43 -26.03 -14.71
CA ASP C 84 2.22 -25.47 -15.30
C ASP C 84 1.79 -24.13 -14.74
N ILE C 85 2.23 -23.84 -13.51
CA ILE C 85 1.82 -22.60 -12.85
C ILE C 85 2.81 -22.33 -11.72
N ALA C 86 3.06 -21.05 -11.44
CA ALA C 86 3.90 -20.64 -10.28
C ALA C 86 3.02 -19.91 -9.29
N ILE C 87 2.99 -20.42 -8.05
CA ILE C 87 2.21 -19.81 -6.99
C ILE C 87 3.17 -19.52 -5.86
N ALA C 88 3.65 -18.27 -5.82
CA ALA C 88 4.80 -17.86 -5.04
C ALA C 88 4.83 -16.34 -4.90
N PRO C 89 5.68 -15.80 -3.99
CA PRO C 89 5.85 -14.33 -3.97
C PRO C 89 6.68 -13.84 -5.16
N LEU C 90 6.10 -13.96 -6.35
CA LEU C 90 6.78 -13.70 -7.60
C LEU C 90 6.31 -12.35 -8.11
N THR C 91 7.27 -11.42 -8.19
CA THR C 91 6.99 -10.03 -8.55
C THR C 91 6.65 -9.88 -10.03
N ILE C 92 5.55 -9.15 -10.28
CA ILE C 92 5.14 -8.82 -11.63
C ILE C 92 6.12 -7.76 -12.17
N THR C 93 6.81 -8.09 -13.25
CA THR C 93 7.76 -7.15 -13.88
C THR C 93 7.54 -7.18 -15.39
N LEU C 94 7.92 -6.09 -16.06
CA LEU C 94 7.85 -6.02 -17.50
C LEU C 94 8.60 -7.15 -18.21
N VAL C 95 9.88 -7.37 -17.83
CA VAL C 95 10.65 -8.39 -18.54
C VAL C 95 10.07 -9.78 -18.39
N ARG C 96 9.48 -10.06 -17.22
CA ARG C 96 8.79 -11.34 -17.03
C ARG C 96 7.47 -11.45 -17.80
N GLU C 97 6.67 -10.37 -17.78
CA GLU C 97 5.37 -10.36 -18.46
C GLU C 97 5.52 -10.49 -19.99
N GLU C 98 6.71 -10.21 -20.50
CA GLU C 98 7.03 -10.45 -21.90
C GLU C 98 7.15 -11.94 -22.24
N VAL C 99 7.45 -12.78 -21.24
CA VAL C 99 7.71 -14.22 -21.50
C VAL C 99 6.72 -15.18 -20.83
N ILE C 100 6.08 -14.74 -19.75
CA ILE C 100 5.01 -15.51 -19.06
C ILE C 100 3.80 -14.59 -18.83
N ASP C 101 2.65 -15.18 -18.46
CA ASP C 101 1.46 -14.38 -18.11
C ASP C 101 1.29 -14.30 -16.61
N PHE C 102 0.93 -13.11 -16.11
CA PHE C 102 0.61 -12.98 -14.70
C PHE C 102 -0.86 -12.71 -14.51
N SER C 103 -1.42 -13.27 -13.45
CA SER C 103 -2.71 -12.83 -12.92
C SER C 103 -2.61 -11.38 -12.43
N LYS C 104 -3.76 -10.74 -12.21
CA LYS C 104 -3.78 -9.55 -11.42
C LYS C 104 -3.10 -9.84 -10.07
N PRO C 105 -2.51 -8.82 -9.43
CA PRO C 105 -1.76 -9.08 -8.19
C PRO C 105 -2.62 -9.56 -7.04
N PHE C 106 -2.02 -10.39 -6.19
CA PHE C 106 -2.72 -10.85 -4.98
C PHE C 106 -2.17 -10.21 -3.72
N MET C 107 -1.10 -9.43 -3.85
CA MET C 107 -0.51 -8.76 -2.68
C MET C 107 0.28 -7.58 -3.20
N SER C 108 0.26 -6.48 -2.44
CA SER C 108 1.09 -5.32 -2.73
C SER C 108 2.39 -5.34 -1.89
N LEU C 109 3.45 -4.75 -2.43
CA LEU C 109 4.74 -4.68 -1.75
C LEU C 109 5.58 -3.58 -2.35
N GLY C 110 6.66 -3.26 -1.66
CA GLY C 110 7.71 -2.41 -2.22
C GLY C 110 9.06 -2.80 -1.66
N ILE C 111 10.12 -2.37 -2.33
CA ILE C 111 11.48 -2.64 -1.83
C ILE C 111 11.66 -1.79 -0.57
N SER C 112 12.31 -2.38 0.42
CA SER C 112 12.49 -1.73 1.74
C SER C 112 13.86 -2.07 2.31
N ILE C 113 14.21 -1.40 3.42
CA ILE C 113 15.52 -1.60 4.07
C ILE C 113 15.34 -2.34 5.38
N MET C 114 16.09 -3.44 5.56
CA MET C 114 16.18 -4.12 6.84
C MET C 114 17.51 -3.81 7.50
N ILE C 115 17.45 -3.37 8.76
CA ILE C 115 18.64 -3.12 9.57
C ILE C 115 18.64 -3.96 10.85
N LYS C 116 19.84 -4.22 11.39
CA LYS C 116 19.96 -4.66 12.78
C LYS C 116 19.56 -3.47 13.65
N LYS C 117 18.75 -3.74 14.68
CA LYS C 117 18.30 -2.68 15.61
C LYS C 117 19.48 -1.83 16.07
N GLY C 118 19.29 -0.51 15.96
CA GLY C 118 20.29 0.46 16.39
C GLY C 118 21.26 0.94 15.33
N THR C 119 21.18 0.35 14.12
CA THR C 119 22.02 0.79 12.99
C THR C 119 21.65 2.24 12.63
N PRO C 120 22.64 3.13 12.46
CA PRO C 120 22.33 4.56 12.17
C PRO C 120 21.99 4.83 10.70
N ILE C 121 20.89 4.24 10.24
CA ILE C 121 20.37 4.36 8.88
C ILE C 121 18.87 4.51 8.97
N GLU C 122 18.34 5.54 8.31
CA GLU C 122 16.90 5.76 8.22
C GLU C 122 16.31 5.67 6.82
N SER C 123 17.15 5.63 5.78
CA SER C 123 16.69 5.79 4.40
C SER C 123 17.70 5.27 3.39
N ALA C 124 17.26 5.09 2.14
CA ALA C 124 18.18 4.73 1.05
C ALA C 124 19.22 5.81 0.86
N GLU C 125 18.77 7.07 0.92
CA GLU C 125 19.69 8.20 0.83
C GLU C 125 20.80 8.10 1.88
N ASP C 126 20.45 7.74 3.12
CA ASP C 126 21.44 7.51 4.19
C ASP C 126 22.46 6.45 3.78
N LEU C 127 21.98 5.33 3.24
CA LEU C 127 22.91 4.26 2.80
C LEU C 127 23.86 4.75 1.71
N SER C 128 23.30 5.48 0.74
CA SER C 128 24.05 5.97 -0.42
C SER C 128 25.16 6.97 -0.08
N LYS C 129 25.04 7.65 1.07
CA LYS C 129 25.94 8.74 1.48
C LYS C 129 27.04 8.33 2.47
N GLN C 130 27.18 7.01 2.69
CA GLN C 130 28.19 6.48 3.61
C GLN C 130 28.80 5.19 3.04
N THR C 131 29.90 4.74 3.65
CA THR C 131 30.61 3.53 3.22
C THR C 131 30.91 2.51 4.34
N GLU C 132 30.65 2.87 5.59
CA GLU C 132 30.91 2.01 6.74
C GLU C 132 30.02 0.76 6.75
N ILE C 133 28.77 0.95 6.31
CA ILE C 133 27.75 -0.09 6.34
C ILE C 133 27.56 -0.57 4.90
N ALA C 134 27.78 -1.87 4.71
CA ALA C 134 27.55 -2.51 3.41
C ALA C 134 26.07 -2.80 3.22
N TYR C 135 25.64 -3.03 1.98
CA TYR C 135 24.24 -3.34 1.70
C TYR C 135 24.10 -4.03 0.37
N GLY C 136 23.14 -4.92 0.28
CA GLY C 136 22.93 -5.69 -0.93
C GLY C 136 21.52 -6.21 -1.03
N THR C 137 21.31 -7.08 -2.02
CA THR C 137 19.99 -7.61 -2.37
C THR C 137 20.09 -9.12 -2.63
N LEU C 138 18.93 -9.75 -2.83
CA LEU C 138 18.88 -11.14 -3.31
C LEU C 138 19.40 -11.23 -4.74
N ASP C 139 20.14 -12.30 -5.06
CA ASP C 139 20.43 -12.68 -6.47
C ASP C 139 19.22 -13.16 -7.25
N SER C 140 19.24 -12.97 -8.58
CA SER C 140 18.26 -13.56 -9.51
C SER C 140 16.83 -13.16 -9.25
N GLY C 141 16.65 -11.94 -8.72
CA GLY C 141 15.33 -11.42 -8.37
C GLY C 141 15.05 -10.02 -8.86
N SER C 142 13.83 -9.56 -8.59
CA SER C 142 13.38 -8.27 -9.06
C SER C 142 14.01 -7.08 -8.35
N THR C 143 14.43 -7.25 -7.10
CA THR C 143 15.08 -6.15 -6.35
C THR C 143 16.41 -5.79 -6.99
N LYS C 144 17.20 -6.81 -7.33
CA LYS C 144 18.48 -6.60 -7.97
C LYS C 144 18.27 -5.86 -9.29
N GLU C 145 17.26 -6.28 -10.06
CA GLU C 145 16.97 -5.66 -11.37
C GLU C 145 16.50 -4.21 -11.23
N PHE C 146 15.75 -3.89 -10.18
CA PHE C 146 15.35 -2.51 -9.88
C PHE C 146 16.55 -1.56 -9.78
N PHE C 147 17.58 -2.00 -9.05
CA PHE C 147 18.78 -1.19 -8.89
C PHE C 147 19.62 -1.12 -10.15
N ARG C 148 19.73 -2.25 -10.84
CA ARG C 148 20.49 -2.34 -12.12
C ARG C 148 19.94 -1.34 -13.14
N ARG C 149 18.62 -1.15 -13.13
CA ARG C 149 17.96 -0.33 -14.15
C ARG C 149 17.68 1.12 -13.75
N SER C 150 17.74 1.44 -12.45
CA SER C 150 17.31 2.76 -11.98
C SER C 150 18.12 3.94 -12.52
N LYS C 151 17.39 5.00 -12.87
CA LYS C 151 17.99 6.27 -13.27
C LYS C 151 17.82 7.35 -12.19
N ILE C 152 17.21 6.98 -11.06
CA ILE C 152 17.07 7.85 -9.89
C ILE C 152 18.44 7.96 -9.23
N ALA C 153 18.90 9.19 -8.96
CA ALA C 153 20.29 9.45 -8.50
C ALA C 153 20.75 8.57 -7.33
N VAL C 154 19.95 8.56 -6.26
CA VAL C 154 20.25 7.77 -5.07
C VAL C 154 20.38 6.26 -5.39
N PHE C 155 19.46 5.73 -6.18
CA PHE C 155 19.45 4.29 -6.48
C PHE C 155 20.54 3.92 -7.49
N ASP C 156 20.80 4.82 -8.45
CA ASP C 156 21.95 4.67 -9.34
C ASP C 156 23.28 4.62 -8.58
N LYS C 157 23.42 5.49 -7.59
CA LYS C 157 24.62 5.54 -6.74
C LYS C 157 24.74 4.23 -5.96
N MET C 158 23.62 3.71 -5.47
CA MET C 158 23.63 2.46 -4.70
C MET C 158 24.04 1.28 -5.56
N TRP C 159 23.50 1.22 -6.78
CA TRP C 159 23.84 0.16 -7.73
C TRP C 159 25.33 0.20 -8.12
N THR C 160 25.84 1.41 -8.37
CA THR C 160 27.27 1.56 -8.67
C THR C 160 28.17 0.97 -7.58
N TYR C 161 27.81 1.23 -6.32
CA TYR C 161 28.51 0.59 -5.20
C TYR C 161 28.28 -0.92 -5.16
N MET C 162 27.01 -1.35 -5.18
CA MET C 162 26.71 -2.79 -4.99
C MET C 162 27.36 -3.71 -6.02
N ARG C 163 27.36 -3.28 -7.29
CA ARG C 163 27.78 -4.12 -8.39
C ARG C 163 29.26 -4.53 -8.34
N SER C 164 30.07 -3.74 -7.63
CA SER C 164 31.51 -3.98 -7.56
C SER C 164 32.04 -4.12 -6.12
N ALA C 165 31.13 -4.19 -5.14
CA ALA C 165 31.50 -4.35 -3.73
C ALA C 165 32.16 -5.71 -3.51
N GLU C 166 33.19 -5.74 -2.67
CA GLU C 166 33.84 -7.00 -2.29
C GLU C 166 33.95 -7.04 -0.77
N PRO C 167 33.61 -8.18 -0.13
CA PRO C 167 33.00 -9.35 -0.79
C PRO C 167 31.61 -9.05 -1.33
N SER C 168 31.10 -9.95 -2.18
CA SER C 168 29.78 -9.78 -2.76
C SER C 168 28.75 -9.40 -1.71
N VAL C 169 27.98 -8.37 -2.02
CA VAL C 169 26.88 -7.98 -1.15
C VAL C 169 25.60 -8.72 -1.48
N PHE C 170 25.61 -9.53 -2.54
CA PHE C 170 24.41 -10.26 -2.93
C PHE C 170 24.33 -11.59 -2.19
N VAL C 171 23.10 -12.05 -1.97
CA VAL C 171 22.85 -13.33 -1.26
C VAL C 171 22.02 -14.29 -2.10
N ARG C 172 22.10 -15.58 -1.80
CA ARG C 172 21.41 -16.61 -2.59
C ARG C 172 19.96 -16.78 -2.19
N THR C 173 19.66 -16.52 -0.91
CA THR C 173 18.29 -16.68 -0.37
C THR C 173 18.01 -15.55 0.61
N THR C 174 16.72 -15.22 0.78
CA THR C 174 16.31 -14.24 1.80
C THR C 174 16.88 -14.59 3.19
N ALA C 175 16.85 -15.87 3.56
CA ALA C 175 17.40 -16.30 4.86
C ALA C 175 18.88 -15.94 5.04
N GLU C 176 19.66 -16.09 3.97
CA GLU C 176 21.07 -15.70 3.99
C GLU C 176 21.24 -14.21 4.24
N GLY C 177 20.44 -13.37 3.57
CA GLY C 177 20.44 -11.92 3.76
C GLY C 177 20.12 -11.55 5.20
N VAL C 178 19.05 -12.12 5.74
CA VAL C 178 18.66 -11.90 7.13
C VAL C 178 19.74 -12.36 8.12
N ALA C 179 20.32 -13.55 7.89
CA ALA C 179 21.42 -14.01 8.75
C ALA C 179 22.62 -13.05 8.74
N ARG C 180 22.89 -12.49 7.55
CA ARG C 180 23.99 -11.57 7.38
C ARG C 180 23.77 -10.26 8.13
N VAL C 181 22.55 -9.72 8.05
CA VAL C 181 22.18 -8.57 8.88
C VAL C 181 22.38 -8.90 10.37
N ARG C 182 21.87 -10.06 10.80
CA ARG C 182 21.90 -10.44 12.24
C ARG C 182 23.29 -10.65 12.79
N LYS C 183 24.20 -11.13 11.94
CA LYS C 183 25.57 -11.46 12.33
C LYS C 183 26.58 -10.34 12.15
N SER C 184 26.19 -9.24 11.51
CA SER C 184 27.18 -8.25 11.08
C SER C 184 27.36 -7.02 12.01
N LYS C 185 26.74 -7.04 13.19
CA LYS C 185 26.88 -5.99 14.23
C LYS C 185 26.50 -4.59 13.72
N GLY C 186 25.55 -4.55 12.79
CA GLY C 186 25.08 -3.31 12.19
C GLY C 186 25.84 -2.88 10.94
N LYS C 187 26.78 -3.70 10.49
CA LYS C 187 27.61 -3.34 9.32
C LYS C 187 27.10 -3.88 7.98
N TYR C 188 25.95 -4.54 7.98
CA TYR C 188 25.26 -4.93 6.74
C TYR C 188 23.79 -4.63 6.88
N ALA C 189 23.23 -4.00 5.85
CA ALA C 189 21.80 -3.76 5.75
C ALA C 189 21.30 -4.48 4.49
N TYR C 190 20.06 -4.97 4.52
CA TYR C 190 19.58 -5.82 3.44
C TYR C 190 18.38 -5.18 2.79
N LEU C 191 18.39 -5.14 1.46
CA LEU C 191 17.30 -4.54 0.69
C LEU C 191 16.42 -5.68 0.22
N LEU C 192 15.16 -5.66 0.65
CA LEU C 192 14.27 -6.77 0.37
C LEU C 192 12.85 -6.26 0.37
N GLU C 193 11.94 -7.11 -0.12
CA GLU C 193 10.53 -6.68 -0.21
C GLU C 193 9.87 -6.48 1.14
N SER C 194 9.04 -5.45 1.22
CA SER C 194 8.40 -5.04 2.48
C SER C 194 7.64 -6.18 3.17
N THR C 195 7.02 -7.06 2.39
CA THR C 195 6.29 -8.23 2.89
C THR C 195 7.20 -9.14 3.72
N MET C 196 8.36 -9.49 3.15
CA MET C 196 9.29 -10.34 3.86
CA MET C 196 9.36 -10.32 3.84
C MET C 196 9.91 -9.59 5.06
N ASN C 197 10.22 -8.31 4.89
CA ASN C 197 10.83 -7.50 5.97
C ASN C 197 9.87 -7.43 7.18
N GLU C 198 8.60 -7.12 6.91
CA GLU C 198 7.57 -7.00 7.96
C GLU C 198 7.33 -8.33 8.69
N TYR C 199 7.40 -9.44 7.96
CA TYR C 199 7.36 -10.77 8.58
C TYR C 199 8.50 -11.02 9.58
N ILE C 200 9.74 -10.77 9.14
CA ILE C 200 10.92 -11.08 9.92
C ILE C 200 10.98 -10.19 11.15
N GLU C 201 10.52 -8.94 11.02
CA GLU C 201 10.53 -7.98 12.15
C GLU C 201 9.68 -8.48 13.33
N GLN C 202 8.69 -9.33 13.03
CA GLN C 202 7.85 -9.86 14.11
C GLN C 202 8.19 -11.30 14.50
N ARG C 203 9.37 -11.77 14.10
CA ARG C 203 9.85 -13.09 14.53
C ARG C 203 11.05 -12.97 15.45
N LYS C 204 11.12 -13.87 16.45
CA LYS C 204 12.30 -14.07 17.29
C LYS C 204 13.56 -14.25 16.42
N PRO C 205 14.71 -13.67 16.78
CA PRO C 205 14.92 -12.99 18.07
C PRO C 205 14.62 -11.49 18.07
N CYS C 206 13.78 -11.01 17.16
CA CYS C 206 13.27 -9.63 17.24
C CYS C 206 14.40 -8.60 17.26
N ASP C 207 15.39 -8.79 16.39
CA ASP C 207 16.61 -7.98 16.40
C ASP C 207 16.79 -7.16 15.13
N THR C 208 15.79 -7.20 14.25
CA THR C 208 15.78 -6.44 13.01
C THR C 208 14.62 -5.49 12.95
N MET C 209 14.72 -4.52 12.04
CA MET C 209 13.56 -3.72 11.71
C MET C 209 13.63 -3.11 10.35
N LYS C 210 12.44 -2.76 9.87
CA LYS C 210 12.27 -2.04 8.63
C LYS C 210 12.43 -0.56 8.90
N VAL C 211 13.24 0.11 8.07
CA VAL C 211 13.39 1.57 8.18
C VAL C 211 13.08 2.30 6.88
N GLY C 212 12.53 3.51 7.01
CA GLY C 212 12.17 4.33 5.86
C GLY C 212 10.91 3.87 5.14
N GLY C 213 10.58 4.56 4.06
CA GLY C 213 9.41 4.22 3.27
C GLY C 213 9.85 3.17 2.25
N ASN C 214 8.87 2.61 1.54
CA ASN C 214 9.19 1.71 0.42
C ASN C 214 9.76 2.52 -0.74
N LEU C 215 10.69 1.90 -1.47
CA LEU C 215 11.36 2.56 -2.59
C LEU C 215 10.54 2.51 -3.87
N ASP C 216 9.59 1.58 -3.93
CA ASP C 216 8.72 1.43 -5.11
C ASP C 216 7.40 0.77 -4.69
N SER C 217 6.52 0.55 -5.66
CA SER C 217 5.20 -0.04 -5.39
C SER C 217 4.90 -1.01 -6.49
N LYS C 218 4.62 -2.25 -6.12
CA LYS C 218 4.32 -3.27 -7.14
C LYS C 218 3.57 -4.43 -6.49
N GLY C 219 3.37 -5.50 -7.26
CA GLY C 219 2.62 -6.64 -6.71
C GLY C 219 3.20 -8.00 -7.06
N TYR C 220 2.74 -9.01 -6.32
CA TYR C 220 3.00 -10.41 -6.70
C TYR C 220 1.82 -10.93 -7.50
N GLY C 221 2.10 -11.76 -8.49
CA GLY C 221 1.05 -12.38 -9.29
C GLY C 221 1.27 -13.87 -9.45
N ILE C 222 0.19 -14.59 -9.77
CA ILE C 222 0.29 -16.00 -10.12
C ILE C 222 0.65 -16.08 -11.60
N ALA C 223 1.67 -16.88 -11.93
CA ALA C 223 2.19 -16.91 -13.28
C ALA C 223 1.90 -18.22 -13.99
N THR C 224 1.59 -18.10 -15.28
CA THR C 224 1.35 -19.27 -16.14
C THR C 224 2.14 -19.11 -17.44
N PRO C 225 2.59 -20.24 -18.04
CA PRO C 225 3.28 -20.15 -19.35
C PRO C 225 2.34 -19.56 -20.41
N LYS C 226 2.89 -18.85 -21.39
CA LYS C 226 2.08 -18.38 -22.51
C LYS C 226 1.38 -19.58 -23.16
N GLY C 227 0.09 -19.38 -23.47
CA GLY C 227 -0.75 -20.40 -24.11
C GLY C 227 -1.50 -21.33 -23.17
N SER C 228 -1.32 -21.15 -21.85
CA SER C 228 -1.97 -21.97 -20.82
C SER C 228 -3.49 -21.88 -20.84
N SER C 229 -4.15 -23.04 -20.77
CA SER C 229 -5.62 -23.07 -20.62
C SER C 229 -6.11 -22.56 -19.27
N LEU C 230 -5.18 -22.38 -18.32
CA LEU C 230 -5.50 -21.89 -16.99
C LEU C 230 -5.55 -20.37 -16.85
N ARG C 231 -4.99 -19.64 -17.81
CA ARG C 231 -4.78 -18.19 -17.63
C ARG C 231 -6.01 -17.41 -17.18
N ASN C 232 -7.13 -17.52 -17.91
CA ASN C 232 -8.36 -16.74 -17.60
CA ASN C 232 -8.31 -16.73 -17.59
C ASN C 232 -8.95 -17.11 -16.25
N ALA C 233 -9.07 -18.42 -15.99
CA ALA C 233 -9.69 -18.88 -14.74
C ALA C 233 -8.87 -18.44 -13.54
N VAL C 234 -7.54 -18.52 -13.66
CA VAL C 234 -6.66 -18.13 -12.55
C VAL C 234 -6.80 -16.64 -12.25
N ASN C 235 -6.82 -15.83 -13.32
CA ASN C 235 -6.96 -14.41 -13.20
C ASN C 235 -8.28 -14.01 -12.49
N LEU C 236 -9.38 -14.59 -12.93
CA LEU C 236 -10.68 -14.36 -12.29
C LEU C 236 -10.72 -14.87 -10.86
N ALA C 237 -10.07 -16.01 -10.59
CA ALA C 237 -10.02 -16.55 -9.23
C ALA C 237 -9.30 -15.62 -8.27
N VAL C 238 -8.16 -15.05 -8.69
CA VAL C 238 -7.46 -14.10 -7.83
C VAL C 238 -8.36 -12.90 -7.48
N LEU C 239 -9.14 -12.42 -8.45
CA LEU C 239 -10.02 -11.28 -8.16
C LEU C 239 -11.15 -11.66 -7.20
N LYS C 240 -11.68 -12.87 -7.38
CA LYS C 240 -12.73 -13.42 -6.49
C LYS C 240 -12.18 -13.56 -5.08
N LEU C 241 -10.98 -14.14 -4.93
CA LEU C 241 -10.37 -14.22 -3.60
C LEU C 241 -10.20 -12.88 -2.90
N ASN C 242 -9.78 -11.85 -3.64
CA ASN C 242 -9.60 -10.55 -3.01
C ASN C 242 -10.91 -9.97 -2.49
N GLU C 243 -11.93 -10.04 -3.32
CA GLU C 243 -13.21 -9.45 -2.97
C GLU C 243 -13.97 -10.18 -1.90
N GLN C 244 -13.69 -11.49 -1.77
CA GLN C 244 -14.34 -12.31 -0.73
C GLN C 244 -13.64 -12.13 0.62
N GLY C 245 -12.58 -11.32 0.62
CA GLY C 245 -11.82 -11.01 1.82
C GLY C 245 -10.80 -12.07 2.20
N LEU C 246 -10.66 -13.08 1.33
CA LEU C 246 -9.78 -14.24 1.58
C LEU C 246 -8.30 -13.81 1.65
N LEU C 247 -7.86 -12.98 0.72
CA LEU C 247 -6.45 -12.57 0.74
C LEU C 247 -6.07 -11.80 2.02
N ASP C 248 -6.97 -10.92 2.47
CA ASP C 248 -6.79 -10.25 3.76
C ASP C 248 -6.74 -11.22 4.95
N LYS C 249 -7.62 -12.22 4.94
CA LYS C 249 -7.64 -13.27 5.97
C LYS C 249 -6.30 -14.01 6.03
N LEU C 250 -5.78 -14.35 4.84
CA LEU C 250 -4.51 -15.07 4.78
C LEU C 250 -3.31 -14.25 5.24
N LYS C 251 -3.32 -12.96 4.89
CA LYS C 251 -2.27 -12.05 5.31
C LYS C 251 -2.25 -11.95 6.85
N ASN C 252 -3.42 -11.79 7.46
CA ASN C 252 -3.54 -11.75 8.92
C ASN C 252 -3.12 -13.07 9.58
N LYS C 253 -3.46 -14.19 8.96
CA LYS C 253 -3.07 -15.52 9.46
C LYS C 253 -1.55 -15.71 9.51
N TRP C 254 -0.85 -15.28 8.44
CA TRP C 254 0.55 -15.63 8.30
C TRP C 254 1.51 -14.53 8.77
N TRP C 255 1.00 -13.31 8.93
CA TRP C 255 1.80 -12.19 9.42
C TRP C 255 1.36 -11.86 10.87
N TYR C 256 0.22 -11.18 11.03
CA TYR C 256 -0.26 -10.70 12.34
C TYR C 256 -0.36 -11.81 13.40
N ASP C 257 -1.06 -12.88 13.03
CA ASP C 257 -1.32 -13.99 13.96
C ASP C 257 -0.04 -14.80 14.28
N LYS C 258 0.95 -14.74 13.39
CA LYS C 258 2.21 -15.43 13.63
C LYS C 258 3.27 -14.59 14.38
N GLY C 259 2.89 -13.38 14.79
CA GLY C 259 3.75 -12.46 15.56
C GLY C 259 4.29 -13.03 16.86
N GLU C 260 5.59 -12.81 17.08
CA GLU C 260 6.31 -13.34 18.25
C GLU C 260 6.91 -12.22 19.10
N CYS C 261 6.95 -11.00 18.57
CA CYS C 261 7.69 -9.92 19.19
C CYS C 261 6.84 -8.96 20.02
N GLY C 262 5.58 -9.34 20.24
CA GLY C 262 4.63 -8.55 21.03
C GLY C 262 3.40 -8.14 20.24
N GLY D 1 -5.91 -1.79 -40.91
CA GLY D 1 -5.91 -0.70 -41.94
C GLY D 1 -5.17 0.54 -41.48
N SER D 2 -5.78 1.70 -41.73
CA SER D 2 -5.22 2.99 -41.33
C SER D 2 -5.38 3.25 -39.84
N ASN D 3 -4.41 3.96 -39.25
CA ASN D 3 -4.45 4.33 -37.83
C ASN D 3 -5.53 5.37 -37.56
N LYS D 4 -6.45 5.04 -36.66
CA LYS D 4 -7.51 5.97 -36.28
C LYS D 4 -7.30 6.53 -34.87
N THR D 5 -7.88 7.71 -34.65
CA THR D 5 -7.84 8.39 -33.37
C THR D 5 -8.60 7.59 -32.33
N VAL D 6 -7.90 7.27 -31.27
CA VAL D 6 -8.43 6.48 -30.17
C VAL D 6 -9.31 7.36 -29.28
N VAL D 7 -10.57 6.93 -29.05
CA VAL D 7 -11.47 7.68 -28.17
C VAL D 7 -11.26 7.22 -26.74
N VAL D 8 -10.81 8.15 -25.90
CA VAL D 8 -10.53 7.86 -24.47
C VAL D 8 -11.71 8.34 -23.65
N THR D 9 -12.31 7.46 -22.85
CA THR D 9 -13.34 7.89 -21.90
C THR D 9 -12.68 8.09 -20.54
N THR D 10 -13.03 9.18 -19.87
CA THR D 10 -12.48 9.45 -18.54
C THR D 10 -13.53 10.22 -17.75
N ILE D 11 -13.20 10.65 -16.53
CA ILE D 11 -14.22 11.23 -15.62
C ILE D 11 -13.61 12.43 -14.92
N LEU D 12 -14.43 13.48 -14.73
CA LEU D 12 -13.97 14.65 -14.00
C LEU D 12 -13.91 14.31 -12.51
N GLU D 13 -12.68 14.04 -12.07
CA GLU D 13 -12.39 13.64 -10.70
C GLU D 13 -11.00 14.16 -10.31
N SER D 14 -10.91 15.00 -9.28
CA SER D 14 -9.60 15.55 -8.85
C SER D 14 -8.78 14.53 -8.06
N PRO D 15 -7.44 14.46 -8.26
CA PRO D 15 -6.66 15.25 -9.21
C PRO D 15 -6.36 14.45 -10.50
N TYR D 16 -7.27 13.58 -10.88
CA TYR D 16 -7.03 12.71 -12.04
C TYR D 16 -7.31 13.46 -13.35
N VAL D 17 -8.48 14.07 -13.47
CA VAL D 17 -8.84 14.87 -14.65
C VAL D 17 -9.63 16.08 -14.17
N MET D 18 -9.11 17.25 -14.53
CA MET D 18 -9.68 18.53 -14.12
C MET D 18 -9.67 19.49 -15.27
N MET D 19 -10.69 20.34 -15.33
CA MET D 19 -10.73 21.42 -16.30
C MET D 19 -9.74 22.50 -15.85
N LYS D 20 -8.78 22.84 -16.72
CA LYS D 20 -7.83 23.90 -16.41
C LYS D 20 -8.61 25.20 -16.26
N LYS D 21 -8.15 26.02 -15.32
CA LYS D 21 -8.72 27.35 -15.09
C LYS D 21 -8.74 28.11 -16.41
N ASN D 22 -9.92 28.68 -16.72
CA ASN D 22 -10.15 29.51 -17.93
C ASN D 22 -10.05 28.78 -19.25
N HIS D 23 -10.20 27.45 -19.25
CA HIS D 23 -10.17 26.68 -20.50
C HIS D 23 -11.55 26.15 -20.91
N GLU D 24 -12.59 26.52 -20.15
CA GLU D 24 -13.97 26.01 -20.36
C GLU D 24 -14.49 26.26 -21.78
N MET D 25 -14.15 27.44 -22.32
CA MET D 25 -14.61 27.90 -23.63
C MET D 25 -13.69 27.46 -24.80
N LEU D 26 -12.62 26.74 -24.47
CA LEU D 26 -11.66 26.25 -25.46
C LEU D 26 -12.03 24.86 -25.96
N GLU D 27 -11.17 24.27 -26.79
CA GLU D 27 -11.40 22.91 -27.34
C GLU D 27 -10.17 22.00 -27.28
N GLY D 28 -10.40 20.70 -27.42
CA GLY D 28 -9.33 19.71 -27.51
C GLY D 28 -8.74 19.23 -26.19
N ASN D 29 -7.72 18.37 -26.29
CA ASN D 29 -7.14 17.69 -25.13
C ASN D 29 -6.50 18.66 -24.12
N GLU D 30 -6.01 19.76 -24.66
CA GLU D 30 -5.30 20.81 -23.91
C GLU D 30 -6.12 21.44 -22.77
N ARG D 31 -7.46 21.31 -22.82
CA ARG D 31 -8.38 21.81 -21.78
C ARG D 31 -8.18 21.17 -20.42
N TYR D 32 -7.67 19.94 -20.40
CA TYR D 32 -7.66 19.12 -19.19
C TYR D 32 -6.27 18.96 -18.61
N GLU D 33 -6.22 18.79 -17.28
CA GLU D 33 -4.98 18.50 -16.57
C GLU D 33 -5.23 17.46 -15.49
N GLY D 34 -4.16 16.80 -15.06
CA GLY D 34 -4.25 15.87 -13.97
C GLY D 34 -3.44 14.60 -14.16
N TYR D 35 -3.48 13.76 -13.13
CA TYR D 35 -2.73 12.50 -13.15
C TYR D 35 -3.08 11.65 -14.38
N CYS D 36 -4.37 11.51 -14.65
CA CYS D 36 -4.80 10.66 -15.75
C CYS D 36 -4.59 11.29 -17.11
N VAL D 37 -4.56 12.63 -17.18
CA VAL D 37 -4.24 13.34 -18.41
C VAL D 37 -2.76 13.05 -18.76
N ASP D 38 -1.90 13.13 -17.76
CA ASP D 38 -0.46 12.82 -17.93
C ASP D 38 -0.25 11.34 -18.25
N LEU D 39 -1.01 10.47 -17.58
CA LEU D 39 -0.95 9.05 -17.83
C LEU D 39 -1.38 8.72 -19.28
N ALA D 40 -2.47 9.33 -19.76
CA ALA D 40 -2.92 9.12 -21.14
C ALA D 40 -1.86 9.51 -22.17
N ALA D 41 -1.18 10.62 -21.91
CA ALA D 41 -0.16 11.09 -22.82
C ALA D 41 0.99 10.07 -22.91
N GLU D 42 1.38 9.52 -21.77
CA GLU D 42 2.45 8.51 -21.73
C GLU D 42 2.02 7.20 -22.40
N ILE D 43 0.82 6.72 -22.07
CA ILE D 43 0.31 5.49 -22.69
C ILE D 43 0.24 5.62 -24.21
N ALA D 44 -0.26 6.75 -24.70
CA ALA D 44 -0.37 6.97 -26.14
C ALA D 44 1.01 7.03 -26.79
N LYS D 45 1.98 7.64 -26.10
CA LYS D 45 3.36 7.72 -26.58
C LYS D 45 3.99 6.33 -26.74
N HIS D 46 3.89 5.53 -25.69
CA HIS D 46 4.50 4.20 -25.66
C HIS D 46 3.80 3.21 -26.61
N CYS D 47 2.49 3.38 -26.83
CA CYS D 47 1.72 2.50 -27.73
C CYS D 47 1.61 2.99 -29.16
N GLY D 48 1.95 4.26 -29.39
CA GLY D 48 1.98 4.85 -30.73
C GLY D 48 0.63 5.18 -31.33
N PHE D 49 -0.25 5.78 -30.52
CA PHE D 49 -1.53 6.22 -31.06
C PHE D 49 -1.85 7.67 -30.75
N LYS D 50 -2.67 8.26 -31.61
CA LYS D 50 -3.26 9.57 -31.36
C LYS D 50 -4.59 9.34 -30.66
N TYR D 51 -5.04 10.32 -29.87
CA TYR D 51 -6.23 10.14 -29.04
C TYR D 51 -7.01 11.42 -28.78
N LYS D 52 -8.29 11.25 -28.43
CA LYS D 52 -9.17 12.35 -28.05
C LYS D 52 -9.74 12.03 -26.67
N LEU D 53 -9.50 12.92 -25.71
CA LEU D 53 -10.08 12.78 -24.37
C LEU D 53 -11.54 13.18 -24.38
N THR D 54 -12.40 12.31 -23.85
CA THR D 54 -13.83 12.61 -23.73
C THR D 54 -14.25 12.33 -22.29
N ILE D 55 -15.18 13.14 -21.79
CA ILE D 55 -15.73 12.92 -20.47
C ILE D 55 -17.00 12.10 -20.58
N VAL D 56 -17.00 10.98 -19.84
CA VAL D 56 -18.14 10.08 -19.75
C VAL D 56 -19.46 10.84 -19.61
N GLY D 57 -20.37 10.54 -20.54
CA GLY D 57 -21.63 11.29 -20.67
C GLY D 57 -22.49 11.29 -19.42
N ASP D 58 -22.58 10.15 -18.74
CA ASP D 58 -23.46 10.07 -17.57
C ASP D 58 -22.74 10.38 -16.25
N GLY D 59 -21.43 10.61 -16.31
CA GLY D 59 -20.65 11.04 -15.13
C GLY D 59 -20.40 9.95 -14.11
N LYS D 60 -20.58 8.70 -14.54
CA LYS D 60 -20.46 7.52 -13.66
C LYS D 60 -19.26 6.63 -13.99
N TYR D 61 -18.80 5.90 -12.98
CA TYR D 61 -17.72 4.94 -13.16
C TYR D 61 -18.22 3.69 -13.88
N GLY D 62 -19.24 3.04 -13.35
CA GLY D 62 -19.82 1.92 -14.07
C GLY D 62 -20.35 0.82 -13.19
N ALA D 63 -21.65 0.57 -13.35
CA ALA D 63 -22.30 -0.57 -12.70
C ALA D 63 -23.37 -1.13 -13.64
N ARG D 64 -23.75 -2.38 -13.38
CA ARG D 64 -24.73 -3.09 -14.19
C ARG D 64 -26.05 -2.95 -13.44
N ASP D 65 -27.05 -2.35 -14.09
CA ASP D 65 -28.42 -2.26 -13.53
C ASP D 65 -29.00 -3.67 -13.30
N ALA D 66 -29.48 -3.93 -12.08
CA ALA D 66 -30.02 -5.25 -11.70
C ALA D 66 -31.23 -5.68 -12.55
N ASP D 67 -32.04 -4.71 -12.97
CA ASP D 67 -33.29 -4.96 -13.70
C ASP D 67 -33.15 -5.06 -15.23
N THR D 68 -32.36 -4.16 -15.82
CA THR D 68 -32.15 -4.14 -17.28
C THR D 68 -30.91 -4.90 -17.77
N LYS D 69 -29.96 -5.13 -16.85
CA LYS D 69 -28.66 -5.76 -17.13
C LYS D 69 -27.72 -4.87 -17.97
N ILE D 70 -28.06 -3.59 -18.11
CA ILE D 70 -27.27 -2.64 -18.92
C ILE D 70 -26.20 -1.98 -18.05
N TRP D 71 -24.96 -1.96 -18.56
CA TRP D 71 -23.87 -1.23 -17.93
C TRP D 71 -23.94 0.27 -18.19
N ASN D 72 -23.72 1.06 -17.15
CA ASN D 72 -23.61 2.50 -17.29
C ASN D 72 -22.16 2.96 -17.11
N GLY D 73 -21.97 4.28 -17.12
CA GLY D 73 -20.65 4.89 -16.88
C GLY D 73 -19.62 4.57 -17.93
N MET D 74 -18.36 4.70 -17.51
CA MET D 74 -17.22 4.40 -18.37
C MET D 74 -17.21 2.95 -18.83
N VAL D 75 -17.58 2.04 -17.91
CA VAL D 75 -17.65 0.62 -18.27
C VAL D 75 -18.63 0.43 -19.42
N GLY D 76 -19.84 1.02 -19.32
CA GLY D 76 -20.81 0.98 -20.42
C GLY D 76 -20.28 1.55 -21.71
N GLU D 77 -19.54 2.65 -21.63
CA GLU D 77 -19.01 3.23 -22.86
C GLU D 77 -18.08 2.25 -23.59
N LEU D 78 -17.30 1.47 -22.85
CA LEU D 78 -16.46 0.43 -23.47
C LEU D 78 -17.29 -0.75 -23.95
N VAL D 79 -18.17 -1.24 -23.10
CA VAL D 79 -18.99 -2.42 -23.44
C VAL D 79 -19.79 -2.21 -24.75
N TYR D 80 -20.39 -1.02 -24.91
CA TYR D 80 -21.28 -0.75 -26.05
C TYR D 80 -20.60 -0.09 -27.25
N GLY D 81 -19.28 0.03 -27.17
CA GLY D 81 -18.47 0.51 -28.29
C GLY D 81 -18.45 2.02 -28.50
N LYS D 82 -18.70 2.79 -27.45
CA LYS D 82 -18.75 4.26 -27.54
C LYS D 82 -17.36 4.88 -27.33
N ALA D 83 -16.47 4.11 -26.68
CA ALA D 83 -15.08 4.54 -26.48
C ALA D 83 -14.16 3.34 -26.63
N ASP D 84 -12.89 3.63 -26.93
CA ASP D 84 -11.88 2.62 -27.19
C ASP D 84 -11.05 2.23 -25.98
N ILE D 85 -10.97 3.12 -24.99
CA ILE D 85 -10.15 2.86 -23.82
C ILE D 85 -10.62 3.79 -22.72
N ALA D 86 -10.53 3.35 -21.47
CA ALA D 86 -10.84 4.21 -20.29
C ALA D 86 -9.56 4.41 -19.52
N ILE D 87 -9.19 5.67 -19.32
CA ILE D 87 -7.99 6.03 -18.58
C ILE D 87 -8.47 6.95 -17.46
N ALA D 88 -8.66 6.35 -16.29
CA ALA D 88 -9.38 6.97 -15.18
C ALA D 88 -9.09 6.22 -13.87
N PRO D 89 -9.49 6.79 -12.71
CA PRO D 89 -9.36 6.00 -11.47
C PRO D 89 -10.44 4.93 -11.38
N LEU D 90 -10.32 3.93 -12.26
CA LEU D 90 -11.33 2.90 -12.43
C LEU D 90 -10.83 1.64 -11.73
N THR D 91 -11.59 1.23 -10.73
CA THR D 91 -11.18 0.10 -9.88
C THR D 91 -11.32 -1.24 -10.60
N ILE D 92 -10.26 -2.03 -10.52
CA ILE D 92 -10.28 -3.40 -11.03
C ILE D 92 -11.19 -4.27 -10.12
N THR D 93 -12.23 -4.83 -10.70
CA THR D 93 -13.16 -5.70 -9.94
C THR D 93 -13.49 -6.92 -10.78
N LEU D 94 -13.85 -8.02 -10.10
CA LEU D 94 -14.26 -9.23 -10.78
C LEU D 94 -15.40 -9.01 -11.78
N VAL D 95 -16.49 -8.36 -11.32
CA VAL D 95 -17.64 -8.19 -12.22
C VAL D 95 -17.30 -7.37 -13.46
N ARG D 96 -16.40 -6.38 -13.30
CA ARG D 96 -15.92 -5.63 -14.48
C ARG D 96 -15.00 -6.44 -15.39
N GLU D 97 -14.07 -7.20 -14.80
CA GLU D 97 -13.09 -7.98 -15.58
C GLU D 97 -13.77 -9.10 -16.40
N GLU D 98 -14.99 -9.45 -16.00
CA GLU D 98 -15.81 -10.38 -16.78
C GLU D 98 -16.31 -9.80 -18.10
N VAL D 99 -16.40 -8.46 -18.17
CA VAL D 99 -16.97 -7.79 -19.35
C VAL D 99 -16.02 -6.86 -20.13
N ILE D 100 -14.98 -6.36 -19.46
CA ILE D 100 -13.90 -5.57 -20.10
C ILE D 100 -12.55 -6.14 -19.69
N ASP D 101 -11.47 -5.74 -20.36
CA ASP D 101 -10.11 -6.13 -19.94
C ASP D 101 -9.44 -4.99 -19.18
N PHE D 102 -8.69 -5.31 -18.14
CA PHE D 102 -7.91 -4.30 -17.43
C PHE D 102 -6.43 -4.59 -17.61
N SER D 103 -5.65 -3.52 -17.72
CA SER D 103 -4.20 -3.59 -17.54
C SER D 103 -3.87 -4.00 -16.10
N LYS D 104 -2.63 -4.40 -15.88
CA LYS D 104 -2.12 -4.44 -14.53
C LYS D 104 -2.33 -3.07 -13.87
N PRO D 105 -2.46 -3.04 -12.54
CA PRO D 105 -2.81 -1.75 -11.93
C PRO D 105 -1.71 -0.70 -12.01
N PHE D 106 -2.13 0.56 -12.06
CA PHE D 106 -1.18 1.67 -12.06
C PHE D 106 -1.15 2.42 -10.74
N MET D 107 -2.02 2.05 -9.82
CA MET D 107 -2.05 2.71 -8.50
C MET D 107 -2.74 1.78 -7.53
N SER D 108 -2.26 1.76 -6.28
CA SER D 108 -2.92 1.02 -5.22
C SER D 108 -3.83 1.95 -4.38
N LEU D 109 -4.88 1.36 -3.82
CA LEU D 109 -5.83 2.10 -2.98
C LEU D 109 -6.62 1.14 -2.13
N GLY D 110 -7.33 1.70 -1.17
CA GLY D 110 -8.33 0.96 -0.39
C GLY D 110 -9.46 1.87 0.01
N ILE D 111 -10.60 1.29 0.33
CA ILE D 111 -11.72 2.07 0.89
C ILE D 111 -11.30 2.64 2.25
N SER D 112 -11.67 3.89 2.48
CA SER D 112 -11.25 4.63 3.69
C SER D 112 -12.38 5.53 4.16
N ILE D 113 -12.23 6.09 5.38
CA ILE D 113 -13.25 6.96 5.98
C ILE D 113 -12.78 8.41 5.97
N MET D 114 -13.60 9.31 5.44
CA MET D 114 -13.36 10.76 5.54
C MET D 114 -14.31 11.35 6.57
N ILE D 115 -13.76 12.11 7.53
CA ILE D 115 -14.56 12.82 8.53
C ILE D 115 -14.26 14.33 8.49
N LYS D 116 -15.22 15.12 8.97
CA LYS D 116 -14.95 16.51 9.30
C LYS D 116 -14.08 16.47 10.56
N LYS D 117 -13.05 17.30 10.59
CA LYS D 117 -12.12 17.36 11.73
C LYS D 117 -12.88 17.47 13.04
N GLY D 118 -12.53 16.59 13.97
CA GLY D 118 -13.12 16.55 15.32
C GLY D 118 -14.28 15.59 15.51
N THR D 119 -14.73 14.95 14.44
CA THR D 119 -15.80 13.94 14.51
C THR D 119 -15.33 12.74 15.36
N PRO D 120 -16.14 12.29 16.34
CA PRO D 120 -15.72 11.20 17.23
C PRO D 120 -15.82 9.79 16.60
N ILE D 121 -15.07 9.58 15.52
CA ILE D 121 -15.02 8.32 14.78
C ILE D 121 -13.57 8.03 14.42
N GLU D 122 -13.14 6.82 14.71
CA GLU D 122 -11.79 6.36 14.36
C GLU D 122 -11.74 5.15 13.44
N SER D 123 -12.87 4.50 13.18
CA SER D 123 -12.89 3.22 12.46
C SER D 123 -14.26 2.88 11.90
N ALA D 124 -14.31 1.91 10.99
CA ALA D 124 -15.59 1.42 10.48
C ALA D 124 -16.40 0.82 11.61
N GLU D 125 -15.72 0.09 12.50
CA GLU D 125 -16.39 -0.43 13.69
C GLU D 125 -17.10 0.67 14.48
N ASP D 126 -16.43 1.82 14.68
CA ASP D 126 -17.04 2.97 15.37
C ASP D 126 -18.29 3.45 14.64
N LEU D 127 -18.25 3.55 13.32
CA LEU D 127 -19.44 3.96 12.55
C LEU D 127 -20.61 2.99 12.74
N SER D 128 -20.30 1.70 12.71
CA SER D 128 -21.30 0.63 12.74
C SER D 128 -22.04 0.52 14.07
N LYS D 129 -21.43 1.00 15.15
CA LYS D 129 -22.00 0.83 16.50
C LYS D 129 -22.69 2.10 17.05
N GLN D 130 -22.94 3.06 16.16
CA GLN D 130 -23.65 4.29 16.50
C GLN D 130 -24.64 4.68 15.42
N THR D 131 -25.52 5.63 15.75
CA THR D 131 -26.56 6.09 14.81
C THR D 131 -26.64 7.63 14.63
N GLU D 132 -25.90 8.37 15.43
CA GLU D 132 -25.92 9.84 15.39
C GLU D 132 -25.30 10.39 14.10
N ILE D 133 -24.25 9.73 13.63
CA ILE D 133 -23.51 10.16 12.44
C ILE D 133 -23.89 9.25 11.28
N ALA D 134 -24.40 9.87 10.21
CA ALA D 134 -24.75 9.13 8.98
C ALA D 134 -23.51 8.88 8.16
N TYR D 135 -23.59 7.92 7.23
CA TYR D 135 -22.43 7.63 6.39
C TYR D 135 -22.87 6.93 5.13
N GLY D 136 -22.18 7.22 4.04
CA GLY D 136 -22.52 6.64 2.75
C GLY D 136 -21.35 6.60 1.80
N THR D 137 -21.67 6.28 0.55
CA THR D 137 -20.66 6.05 -0.49
C THR D 137 -21.13 6.69 -1.81
N LEU D 138 -20.24 6.68 -2.79
CA LEU D 138 -20.59 7.07 -4.17
C LEU D 138 -21.57 6.07 -4.78
N ASP D 139 -22.55 6.58 -5.56
CA ASP D 139 -23.38 5.70 -6.39
C ASP D 139 -22.64 5.14 -7.60
N SER D 140 -23.06 3.96 -8.08
CA SER D 140 -22.58 3.37 -9.34
C SER D 140 -21.08 3.08 -9.36
N GLY D 141 -20.51 2.79 -8.19
CA GLY D 141 -19.07 2.54 -8.08
C GLY D 141 -18.72 1.30 -7.29
N SER D 142 -17.42 1.04 -7.18
CA SER D 142 -16.91 -0.17 -6.55
C SER D 142 -17.05 -0.15 -5.02
N THR D 143 -17.05 1.05 -4.41
CA THR D 143 -17.20 1.13 -2.95
C THR D 143 -18.59 0.64 -2.52
N LYS D 144 -19.61 1.08 -3.23
CA LYS D 144 -20.98 0.68 -2.94
C LYS D 144 -21.08 -0.85 -3.07
N GLU D 145 -20.49 -1.41 -4.12
CA GLU D 145 -20.55 -2.87 -4.36
C GLU D 145 -19.80 -3.67 -3.27
N PHE D 146 -18.69 -3.13 -2.77
CA PHE D 146 -17.97 -3.77 -1.64
C PHE D 146 -18.90 -3.98 -0.43
N PHE D 147 -19.68 -2.95 -0.10
CA PHE D 147 -20.60 -3.04 1.02
C PHE D 147 -21.79 -3.93 0.72
N ARG D 148 -22.32 -3.84 -0.50
CA ARG D 148 -23.48 -4.67 -0.92
C ARG D 148 -23.14 -6.16 -0.80
N ARG D 149 -21.88 -6.49 -1.08
CA ARG D 149 -21.45 -7.89 -1.15
C ARG D 149 -20.78 -8.47 0.10
N SER D 150 -20.34 -7.61 1.03
CA SER D 150 -19.52 -8.08 2.17
C SER D 150 -20.25 -9.03 3.11
N LYS D 151 -19.52 -10.08 3.52
CA LYS D 151 -19.98 -11.01 4.55
C LYS D 151 -19.26 -10.79 5.89
N ILE D 152 -18.42 -9.75 5.96
CA ILE D 152 -17.72 -9.36 7.18
C ILE D 152 -18.75 -8.64 8.07
N ALA D 153 -18.83 -9.01 9.36
CA ALA D 153 -19.89 -8.52 10.28
C ALA D 153 -20.07 -7.00 10.33
N VAL D 154 -18.98 -6.28 10.56
CA VAL D 154 -19.02 -4.81 10.63
C VAL D 154 -19.54 -4.20 9.30
N PHE D 155 -19.01 -4.67 8.17
CA PHE D 155 -19.38 -4.14 6.86
C PHE D 155 -20.79 -4.55 6.44
N ASP D 156 -21.20 -5.76 6.80
CA ASP D 156 -22.58 -6.20 6.60
C ASP D 156 -23.57 -5.31 7.36
N LYS D 157 -23.24 -5.00 8.63
CA LYS D 157 -24.04 -4.12 9.48
C LYS D 157 -24.14 -2.73 8.86
N MET D 158 -23.02 -2.24 8.31
CA MET D 158 -22.97 -0.92 7.68
C MET D 158 -23.85 -0.86 6.43
N TRP D 159 -23.79 -1.89 5.61
CA TRP D 159 -24.62 -1.98 4.40
C TRP D 159 -26.11 -2.03 4.75
N THR D 160 -26.43 -2.83 5.76
CA THR D 160 -27.83 -2.92 6.24
C THR D 160 -28.40 -1.56 6.61
N TYR D 161 -27.61 -0.76 7.29
CA TYR D 161 -27.98 0.63 7.57
C TYR D 161 -28.03 1.49 6.29
N MET D 162 -26.96 1.47 5.49
CA MET D 162 -26.86 2.42 4.36
C MET D 162 -27.98 2.21 3.34
N ARG D 163 -28.31 0.95 3.06
CA ARG D 163 -29.24 0.60 1.98
C ARG D 163 -30.66 1.17 2.19
N SER D 164 -31.05 1.39 3.44
CA SER D 164 -32.39 1.87 3.77
C SER D 164 -32.43 3.20 4.53
N ALA D 165 -31.28 3.86 4.65
CA ALA D 165 -31.17 5.15 5.34
C ALA D 165 -31.93 6.22 4.57
N GLU D 166 -32.59 7.10 5.32
CA GLU D 166 -33.31 8.23 4.72
C GLU D 166 -32.91 9.51 5.46
N PRO D 167 -32.57 10.59 4.75
CA PRO D 167 -32.45 10.62 3.29
C PRO D 167 -31.29 9.77 2.80
N SER D 168 -31.27 9.50 1.49
CA SER D 168 -30.21 8.70 0.90
C SER D 168 -28.85 9.15 1.35
N VAL D 169 -28.04 8.17 1.76
CA VAL D 169 -26.66 8.47 2.14
C VAL D 169 -25.72 8.39 0.94
N PHE D 170 -26.25 8.03 -0.23
CA PHE D 170 -25.42 7.92 -1.40
C PHE D 170 -25.34 9.24 -2.13
N VAL D 171 -24.21 9.46 -2.81
CA VAL D 171 -23.97 10.70 -3.54
C VAL D 171 -23.65 10.42 -5.01
N ARG D 172 -23.88 11.41 -5.87
CA ARG D 172 -23.68 11.25 -7.32
C ARG D 172 -22.22 11.38 -7.74
N THR D 173 -21.47 12.21 -7.00
CA THR D 173 -20.07 12.49 -7.34
C THR D 173 -19.25 12.58 -6.07
N THR D 174 -17.95 12.28 -6.17
CA THR D 174 -17.05 12.49 -5.03
C THR D 174 -17.16 13.90 -4.44
N ALA D 175 -17.24 14.93 -5.29
CA ALA D 175 -17.38 16.31 -4.80
C ALA D 175 -18.63 16.50 -3.93
N GLU D 176 -19.74 15.84 -4.29
CA GLU D 176 -20.97 15.92 -3.51
C GLU D 176 -20.78 15.32 -2.11
N GLY D 177 -20.11 14.18 -2.05
CA GLY D 177 -19.79 13.49 -0.80
C GLY D 177 -18.93 14.37 0.11
N VAL D 178 -17.88 14.96 -0.46
CA VAL D 178 -16.99 15.86 0.29
C VAL D 178 -17.74 17.10 0.77
N ALA D 179 -18.57 17.70 -0.09
CA ALA D 179 -19.36 18.87 0.33
C ALA D 179 -20.30 18.53 1.48
N ARG D 180 -20.86 17.32 1.44
CA ARG D 180 -21.77 16.84 2.47
C ARG D 180 -21.07 16.65 3.80
N VAL D 181 -19.87 16.06 3.79
CA VAL D 181 -19.04 16.01 5.01
C VAL D 181 -18.80 17.44 5.54
N ARG D 182 -18.39 18.36 4.66
CA ARG D 182 -17.99 19.71 5.07
C ARG D 182 -19.12 20.53 5.66
N LYS D 183 -20.35 20.29 5.16
CA LYS D 183 -21.54 21.05 5.58
C LYS D 183 -22.31 20.41 6.73
N SER D 184 -21.87 19.21 7.15
CA SER D 184 -22.57 18.33 8.09
C SER D 184 -22.42 18.61 9.58
N LYS D 185 -21.49 19.50 9.94
CA LYS D 185 -21.09 19.76 11.35
C LYS D 185 -20.66 18.46 12.06
N GLY D 186 -20.11 17.52 11.30
CA GLY D 186 -19.67 16.23 11.81
C GLY D 186 -20.71 15.11 11.79
N LYS D 187 -21.89 15.38 11.24
CA LYS D 187 -22.97 14.37 11.26
C LYS D 187 -23.04 13.48 10.01
N TYR D 188 -22.08 13.64 9.10
CA TYR D 188 -21.95 12.75 7.93
C TYR D 188 -20.49 12.45 7.75
N ALA D 189 -20.20 11.16 7.56
CA ALA D 189 -18.87 10.68 7.22
C ALA D 189 -18.98 10.00 5.84
N TYR D 190 -17.90 10.06 5.06
CA TYR D 190 -17.99 9.63 3.67
C TYR D 190 -16.99 8.50 3.46
N LEU D 191 -17.46 7.41 2.84
CA LEU D 191 -16.59 6.26 2.57
C LEU D 191 -16.13 6.36 1.12
N LEU D 192 -14.82 6.49 0.92
CA LEU D 192 -14.29 6.72 -0.42
C LEU D 192 -12.90 6.15 -0.50
N GLU D 193 -12.38 6.09 -1.71
CA GLU D 193 -11.04 5.51 -1.90
C GLU D 193 -9.92 6.37 -1.27
N SER D 194 -8.93 5.69 -0.68
CA SER D 194 -7.84 6.37 0.03
C SER D 194 -7.12 7.42 -0.81
N THR D 195 -6.97 7.19 -2.12
CA THR D 195 -6.34 8.12 -3.05
C THR D 195 -7.06 9.47 -3.07
N MET D 196 -8.39 9.41 -3.19
CA MET D 196 -9.19 10.64 -3.22
CA MET D 196 -9.24 10.61 -3.21
C MET D 196 -9.22 11.30 -1.85
N ASN D 197 -9.36 10.48 -0.80
CA ASN D 197 -9.37 10.98 0.59
C ASN D 197 -8.06 11.72 0.91
N GLU D 198 -6.92 11.11 0.58
CA GLU D 198 -5.61 11.73 0.87
C GLU D 198 -5.37 13.02 0.08
N TYR D 199 -5.88 13.09 -1.15
CA TYR D 199 -5.86 14.34 -1.93
C TYR D 199 -6.63 15.48 -1.26
N ILE D 200 -7.88 15.20 -0.86
CA ILE D 200 -8.76 16.21 -0.31
C ILE D 200 -8.25 16.69 1.03
N GLU D 201 -7.62 15.79 1.80
CA GLU D 201 -7.09 16.16 3.14
C GLU D 201 -6.00 17.23 3.03
N GLN D 202 -5.34 17.31 1.88
CA GLN D 202 -4.30 18.32 1.69
C GLN D 202 -4.75 19.53 0.84
N ARG D 203 -6.06 19.68 0.67
CA ARG D 203 -6.60 20.87 0.00
C ARG D 203 -7.38 21.77 0.95
N LYS D 204 -7.27 23.08 0.74
CA LYS D 204 -8.12 24.08 1.40
C LYS D 204 -9.61 23.71 1.26
N PRO D 205 -10.42 23.87 2.32
CA PRO D 205 -10.04 24.55 3.56
C PRO D 205 -9.48 23.66 4.67
N CYS D 206 -8.92 22.49 4.33
CA CYS D 206 -8.16 21.69 5.29
C CYS D 206 -9.02 21.33 6.52
N ASP D 207 -10.26 20.90 6.25
CA ASP D 207 -11.24 20.66 7.31
C ASP D 207 -11.69 19.21 7.40
N THR D 208 -11.07 18.37 6.58
CA THR D 208 -11.36 16.93 6.58
C THR D 208 -10.14 16.11 6.92
N MET D 209 -10.38 14.87 7.30
CA MET D 209 -9.26 13.94 7.40
C MET D 209 -9.67 12.49 7.23
N LYS D 210 -8.66 11.71 6.86
CA LYS D 210 -8.76 10.27 6.74
C LYS D 210 -8.57 9.68 8.14
N VAL D 211 -9.49 8.82 8.54
CA VAL D 211 -9.35 8.09 9.81
C VAL D 211 -9.34 6.58 9.64
N GLY D 212 -8.58 5.90 10.51
CA GLY D 212 -8.48 4.44 10.50
C GLY D 212 -7.63 3.91 9.35
N GLY D 213 -7.56 2.58 9.26
CA GLY D 213 -6.85 1.93 8.17
C GLY D 213 -7.79 1.79 7.00
N ASN D 214 -7.25 1.38 5.85
CA ASN D 214 -8.09 1.03 4.70
C ASN D 214 -8.84 -0.26 4.98
N LEU D 215 -10.06 -0.34 4.45
CA LEU D 215 -10.92 -1.51 4.66
C LEU D 215 -10.60 -2.65 3.70
N ASP D 216 -9.91 -2.33 2.61
CA ASP D 216 -9.53 -3.35 1.61
C ASP D 216 -8.27 -2.89 0.86
N SER D 217 -7.85 -3.68 -0.11
CA SER D 217 -6.65 -3.37 -0.90
C SER D 217 -6.91 -3.77 -2.33
N LYS D 218 -6.74 -2.84 -3.24
CA LYS D 218 -7.01 -3.10 -4.66
C LYS D 218 -6.30 -2.06 -5.53
N GLY D 219 -6.61 -2.09 -6.83
CA GLY D 219 -5.91 -1.18 -7.73
C GLY D 219 -6.82 -0.57 -8.79
N TYR D 220 -6.34 0.53 -9.40
CA TYR D 220 -6.93 1.08 -10.63
C TYR D 220 -6.21 0.50 -11.83
N GLY D 221 -6.97 0.22 -12.90
CA GLY D 221 -6.36 -0.26 -14.14
C GLY D 221 -6.90 0.51 -15.33
N ILE D 222 -6.13 0.48 -16.43
CA ILE D 222 -6.60 1.02 -17.71
C ILE D 222 -7.46 -0.07 -18.38
N ALA D 223 -8.67 0.32 -18.80
CA ALA D 223 -9.59 -0.67 -19.33
C ALA D 223 -9.80 -0.52 -20.83
N THR D 224 -9.93 -1.67 -21.49
CA THR D 224 -10.22 -1.75 -22.94
C THR D 224 -11.36 -2.75 -23.17
N PRO D 225 -12.17 -2.53 -24.25
CA PRO D 225 -13.25 -3.50 -24.56
C PRO D 225 -12.62 -4.84 -24.95
N LYS D 226 -13.33 -5.93 -24.66
CA LYS D 226 -12.88 -7.26 -25.12
C LYS D 226 -12.65 -7.22 -26.63
N GLY D 227 -11.54 -7.81 -27.06
CA GLY D 227 -11.14 -7.88 -28.46
C GLY D 227 -10.34 -6.71 -29.01
N SER D 228 -10.03 -5.73 -28.14
CA SER D 228 -9.23 -4.57 -28.51
C SER D 228 -7.81 -4.93 -28.96
N SER D 229 -7.38 -4.33 -30.07
CA SER D 229 -5.98 -4.48 -30.52
C SER D 229 -4.98 -3.77 -29.61
N LEU D 230 -5.49 -2.93 -28.69
CA LEU D 230 -4.64 -2.17 -27.76
C LEU D 230 -4.30 -2.93 -26.48
N ARG D 231 -5.02 -4.02 -26.19
CA ARG D 231 -4.88 -4.70 -24.89
C ARG D 231 -3.44 -4.99 -24.43
N ASN D 232 -2.67 -5.70 -25.27
CA ASN D 232 -1.33 -6.13 -24.86
CA ASN D 232 -1.31 -6.13 -24.89
C ASN D 232 -0.36 -4.96 -24.71
N ALA D 233 -0.37 -4.04 -25.69
CA ALA D 233 0.53 -2.89 -25.65
C ALA D 233 0.24 -2.02 -24.44
N VAL D 234 -1.04 -1.82 -24.12
CA VAL D 234 -1.41 -0.99 -22.96
C VAL D 234 -0.90 -1.63 -21.66
N ASN D 235 -1.09 -2.95 -21.56
CA ASN D 235 -0.65 -3.68 -20.39
C ASN D 235 0.88 -3.56 -20.17
N LEU D 236 1.64 -3.81 -21.23
CA LEU D 236 3.10 -3.67 -21.18
C LEU D 236 3.53 -2.22 -20.87
N ALA D 237 2.84 -1.24 -21.46
CA ALA D 237 3.13 0.16 -21.18
C ALA D 237 2.95 0.53 -19.70
N VAL D 238 1.86 0.07 -19.07
CA VAL D 238 1.66 0.34 -17.64
C VAL D 238 2.84 -0.20 -16.80
N LEU D 239 3.31 -1.40 -17.16
CA LEU D 239 4.45 -1.98 -16.43
C LEU D 239 5.74 -1.19 -16.64
N LYS D 240 5.95 -0.76 -17.89
CA LYS D 240 7.11 0.10 -18.24
C LYS D 240 7.06 1.40 -17.46
N LEU D 241 5.89 2.07 -17.44
CA LEU D 241 5.76 3.29 -16.67
C LEU D 241 6.08 3.12 -15.18
N ASN D 242 5.66 2.01 -14.59
CA ASN D 242 5.91 1.83 -13.16
C ASN D 242 7.39 1.68 -12.88
N GLU D 243 8.03 0.87 -13.69
CA GLU D 243 9.45 0.56 -13.51
C GLU D 243 10.37 1.72 -13.82
N GLN D 244 9.95 2.58 -14.74
CA GLN D 244 10.72 3.78 -15.09
C GLN D 244 10.59 4.88 -14.02
N GLY D 245 9.73 4.63 -13.03
CA GLY D 245 9.51 5.54 -11.91
C GLY D 245 8.52 6.65 -12.24
N LEU D 246 7.92 6.55 -13.44
CA LEU D 246 6.97 7.56 -13.93
C LEU D 246 5.71 7.66 -13.06
N LEU D 247 5.14 6.51 -12.68
CA LEU D 247 3.90 6.55 -11.89
C LEU D 247 4.13 7.21 -10.52
N ASP D 248 5.28 6.92 -9.90
CA ASP D 248 5.69 7.59 -8.66
C ASP D 248 5.88 9.11 -8.83
N LYS D 249 6.49 9.52 -9.94
CA LYS D 249 6.65 10.94 -10.28
C LYS D 249 5.29 11.64 -10.39
N LEU D 250 4.34 10.97 -11.04
CA LEU D 250 3.01 11.55 -11.25
C LEU D 250 2.22 11.67 -9.97
N LYS D 251 2.33 10.65 -9.11
CA LYS D 251 1.69 10.67 -7.80
C LYS D 251 2.20 11.86 -6.98
N ASN D 252 3.51 12.04 -6.93
CA ASN D 252 4.12 13.16 -6.21
C ASN D 252 3.73 14.52 -6.80
N LYS D 253 3.63 14.59 -8.13
CA LYS D 253 3.20 15.83 -8.81
C LYS D 253 1.80 16.25 -8.42
N TRP D 254 0.86 15.30 -8.40
CA TRP D 254 -0.55 15.62 -8.27
C TRP D 254 -1.09 15.54 -6.83
N TRP D 255 -0.32 14.90 -5.93
CA TRP D 255 -0.72 14.80 -4.52
C TRP D 255 0.24 15.69 -3.70
N TYR D 256 1.46 15.21 -3.43
CA TYR D 256 2.44 15.91 -2.56
C TYR D 256 2.69 17.38 -2.98
N ASP D 257 3.01 17.56 -4.26
CA ASP D 257 3.36 18.90 -4.78
C ASP D 257 2.14 19.82 -4.85
N LYS D 258 0.94 19.25 -4.90
CA LYS D 258 -0.30 20.04 -4.92
C LYS D 258 -0.81 20.41 -3.51
N GLY D 259 -0.10 19.99 -2.47
CA GLY D 259 -0.48 20.24 -1.07
C GLY D 259 -0.65 21.71 -0.68
N GLU D 260 -1.75 21.99 0.03
CA GLU D 260 -2.12 23.36 0.43
C GLU D 260 -2.22 23.54 1.94
N CYS D 261 -2.18 22.43 2.67
CA CYS D 261 -2.44 22.42 4.10
C CYS D 261 -1.16 22.40 4.92
N GLY D 262 -0.04 22.73 4.27
CA GLY D 262 1.28 22.78 4.91
C GLY D 262 1.82 21.39 5.23
N ASN E 3 -37.90 6.23 -22.02
CA ASN E 3 -37.71 7.01 -20.76
C ASN E 3 -37.56 8.50 -21.05
N LYS E 4 -38.35 9.30 -20.36
CA LYS E 4 -38.36 10.75 -20.54
C LYS E 4 -38.20 11.48 -19.21
N THR E 5 -37.46 12.60 -19.27
CA THR E 5 -37.30 13.48 -18.12
C THR E 5 -38.65 14.08 -17.69
N VAL E 6 -38.98 13.87 -16.43
CA VAL E 6 -40.26 14.29 -15.86
C VAL E 6 -40.19 15.80 -15.55
N VAL E 7 -41.19 16.56 -16.01
CA VAL E 7 -41.20 18.00 -15.78
C VAL E 7 -41.93 18.30 -14.46
N VAL E 8 -41.19 18.88 -13.52
CA VAL E 8 -41.74 19.18 -12.18
C VAL E 8 -42.06 20.67 -12.09
N THR E 9 -43.32 20.98 -11.85
CA THR E 9 -43.69 22.38 -11.57
C THR E 9 -43.64 22.63 -10.06
N THR E 10 -43.11 23.78 -9.68
CA THR E 10 -43.03 24.14 -8.28
C THR E 10 -43.08 25.65 -8.20
N ILE E 11 -42.91 26.20 -7.01
CA ILE E 11 -43.16 27.62 -6.78
C ILE E 11 -42.11 28.18 -5.82
N LEU E 12 -41.61 29.39 -6.09
CA LEU E 12 -40.65 30.02 -5.18
C LEU E 12 -41.38 30.53 -3.95
N GLU E 13 -41.29 29.73 -2.90
CA GLU E 13 -41.94 29.98 -1.62
C GLU E 13 -41.02 29.40 -0.56
N SER E 14 -40.53 30.24 0.35
CA SER E 14 -39.61 29.81 1.41
C SER E 14 -40.36 29.05 2.52
N PRO E 15 -39.80 27.97 3.07
CA PRO E 15 -38.48 27.40 2.72
C PRO E 15 -38.57 26.19 1.77
N TYR E 16 -39.68 26.10 1.03
CA TYR E 16 -39.94 24.96 0.13
C TYR E 16 -39.03 24.95 -1.09
N VAL E 17 -38.93 26.09 -1.78
CA VAL E 17 -38.03 26.26 -2.93
C VAL E 17 -37.52 27.69 -2.89
N MET E 18 -36.19 27.80 -2.89
CA MET E 18 -35.48 29.07 -2.85
C MET E 18 -34.33 29.03 -3.82
N MET E 19 -33.94 30.20 -4.33
CA MET E 19 -32.72 30.30 -5.13
C MET E 19 -31.50 30.17 -4.23
N LYS E 20 -30.55 29.31 -4.61
CA LYS E 20 -29.25 29.24 -3.92
C LYS E 20 -28.48 30.54 -4.13
N LYS E 21 -27.71 30.94 -3.11
CA LYS E 21 -26.83 32.14 -3.17
C LYS E 21 -26.04 32.30 -4.46
N ASN E 22 -25.47 31.20 -4.94
CA ASN E 22 -24.60 31.22 -6.10
C ASN E 22 -25.25 30.65 -7.37
N HIS E 23 -26.59 30.75 -7.44
CA HIS E 23 -27.37 30.08 -8.49
C HIS E 23 -26.96 30.40 -9.94
N GLU E 24 -26.48 31.63 -10.18
CA GLU E 24 -26.05 32.02 -11.54
C GLU E 24 -24.85 31.22 -12.05
N MET E 25 -24.10 30.64 -11.11
CA MET E 25 -22.93 29.80 -11.42
C MET E 25 -23.26 28.30 -11.41
N LEU E 26 -24.54 27.98 -11.23
CA LEU E 26 -25.04 26.60 -11.22
C LEU E 26 -26.06 26.35 -12.34
N GLU E 27 -26.31 25.08 -12.66
CA GLU E 27 -27.21 24.75 -13.77
C GLU E 27 -28.32 23.80 -13.34
N GLY E 28 -29.47 23.91 -14.02
CA GLY E 28 -30.58 22.98 -13.83
C GLY E 28 -31.09 22.91 -12.41
N ASN E 29 -31.31 21.69 -11.91
CA ASN E 29 -31.85 21.48 -10.57
C ASN E 29 -30.97 21.99 -9.45
N GLU E 30 -29.67 22.13 -9.74
CA GLU E 30 -28.70 22.59 -8.74
C GLU E 30 -28.87 24.06 -8.35
N ARG E 31 -29.64 24.82 -9.14
CA ARG E 31 -29.92 26.24 -8.82
C ARG E 31 -30.78 26.47 -7.57
N TYR E 32 -31.49 25.42 -7.13
CA TYR E 32 -32.56 25.53 -6.14
C TYR E 32 -32.24 24.76 -4.87
N GLU E 33 -32.78 25.22 -3.75
CA GLU E 33 -32.68 24.50 -2.47
C GLU E 33 -33.96 24.65 -1.67
N GLY E 34 -34.18 23.73 -0.73
CA GLY E 34 -35.37 23.82 0.10
C GLY E 34 -36.02 22.48 0.36
N TYR E 35 -37.05 22.51 1.19
CA TYR E 35 -37.77 21.31 1.56
C TYR E 35 -38.28 20.54 0.33
N CYS E 36 -38.92 21.27 -0.60
CA CYS E 36 -39.49 20.63 -1.80
C CYS E 36 -38.43 20.17 -2.78
N VAL E 37 -37.27 20.83 -2.77
CA VAL E 37 -36.14 20.42 -3.60
C VAL E 37 -35.62 19.07 -3.08
N ASP E 38 -35.45 18.97 -1.76
CA ASP E 38 -35.03 17.70 -1.14
C ASP E 38 -36.06 16.59 -1.35
N LEU E 39 -37.34 16.95 -1.22
CA LEU E 39 -38.42 15.97 -1.39
C LEU E 39 -38.48 15.46 -2.83
N ALA E 40 -38.33 16.38 -3.80
CA ALA E 40 -38.37 15.98 -5.22
C ALA E 40 -37.29 14.97 -5.55
N ALA E 41 -36.07 15.21 -5.01
CA ALA E 41 -34.96 14.30 -5.24
C ALA E 41 -35.30 12.90 -4.70
N GLU E 42 -35.93 12.85 -3.54
CA GLU E 42 -36.30 11.56 -2.93
C GLU E 42 -37.44 10.86 -3.65
N ILE E 43 -38.47 11.63 -4.02
CA ILE E 43 -39.57 11.05 -4.81
C ILE E 43 -39.04 10.45 -6.12
N ALA E 44 -38.18 11.21 -6.80
CA ALA E 44 -37.59 10.74 -8.07
C ALA E 44 -36.74 9.47 -7.93
N LYS E 45 -35.95 9.40 -6.85
CA LYS E 45 -35.10 8.24 -6.56
C LYS E 45 -35.95 6.99 -6.29
N HIS E 46 -37.01 7.15 -5.51
CA HIS E 46 -37.84 6.00 -5.10
C HIS E 46 -38.76 5.54 -6.21
N CYS E 47 -39.12 6.44 -7.11
CA CYS E 47 -39.97 6.11 -8.28
C CYS E 47 -39.17 5.77 -9.54
N GLY E 48 -37.87 6.03 -9.50
CA GLY E 48 -36.95 5.69 -10.57
C GLY E 48 -37.08 6.57 -11.81
N PHE E 49 -37.17 7.88 -11.63
CA PHE E 49 -37.20 8.82 -12.77
C PHE E 49 -36.22 9.97 -12.70
N LYS E 50 -35.85 10.48 -13.88
CA LYS E 50 -35.07 11.70 -14.04
C LYS E 50 -36.07 12.84 -14.11
N TYR E 51 -35.67 14.02 -13.65
CA TYR E 51 -36.61 15.15 -13.57
C TYR E 51 -35.93 16.48 -13.77
N LYS E 52 -36.75 17.46 -14.15
CA LYS E 52 -36.34 18.86 -14.29
C LYS E 52 -37.25 19.76 -13.47
N LEU E 53 -36.67 20.46 -12.50
CA LEU E 53 -37.45 21.45 -11.74
C LEU E 53 -37.69 22.71 -12.57
N THR E 54 -38.96 23.13 -12.63
CA THR E 54 -39.34 24.36 -13.33
C THR E 54 -40.20 25.21 -12.39
N ILE E 55 -40.01 26.52 -12.40
CA ILE E 55 -40.82 27.43 -11.55
C ILE E 55 -42.05 27.88 -12.34
N VAL E 56 -43.23 27.69 -11.72
CA VAL E 56 -44.51 28.03 -12.35
C VAL E 56 -44.45 29.47 -12.92
N GLY E 57 -44.75 29.59 -14.21
CA GLY E 57 -44.64 30.85 -14.96
C GLY E 57 -45.35 32.04 -14.34
N ASP E 58 -46.57 31.83 -13.83
CA ASP E 58 -47.37 32.94 -13.28
C ASP E 58 -47.22 33.17 -11.77
N GLY E 59 -46.40 32.32 -11.12
CA GLY E 59 -46.12 32.44 -9.69
C GLY E 59 -47.32 32.14 -8.79
N LYS E 60 -48.31 31.45 -9.34
CA LYS E 60 -49.54 31.14 -8.60
C LYS E 60 -49.71 29.65 -8.27
N TYR E 61 -50.53 29.38 -7.25
CA TYR E 61 -50.79 28.00 -6.84
C TYR E 61 -51.81 27.33 -7.75
N GLY E 62 -52.98 27.95 -7.89
CA GLY E 62 -53.98 27.39 -8.79
C GLY E 62 -55.40 27.69 -8.40
N ALA E 63 -56.07 28.46 -9.25
CA ALA E 63 -57.50 28.76 -9.11
C ALA E 63 -58.13 28.74 -10.50
N ARG E 64 -59.43 28.44 -10.54
CA ARG E 64 -60.19 28.48 -11.79
C ARG E 64 -60.89 29.85 -11.90
N ASP E 65 -60.64 30.55 -13.00
CA ASP E 65 -61.30 31.84 -13.31
C ASP E 65 -62.82 31.65 -13.44
N ALA E 66 -63.56 32.53 -12.77
CA ALA E 66 -65.03 32.46 -12.67
C ALA E 66 -65.78 32.35 -14.02
N ASP E 67 -65.32 33.10 -15.02
CA ASP E 67 -66.02 33.19 -16.31
C ASP E 67 -65.33 32.52 -17.52
N THR E 68 -63.99 32.53 -17.54
CA THR E 68 -63.23 31.83 -18.60
C THR E 68 -63.13 30.33 -18.32
N LYS E 69 -63.23 29.98 -17.03
CA LYS E 69 -63.08 28.60 -16.52
C LYS E 69 -61.66 28.03 -16.70
N ILE E 70 -60.70 28.91 -16.96
CA ILE E 70 -59.31 28.52 -17.15
C ILE E 70 -58.58 28.43 -15.81
N TRP E 71 -57.89 27.31 -15.60
CA TRP E 71 -57.06 27.12 -14.42
C TRP E 71 -55.72 27.85 -14.57
N ASN E 72 -55.31 28.59 -13.54
CA ASN E 72 -53.97 29.19 -13.53
C ASN E 72 -53.00 28.41 -12.62
N GLY E 73 -51.77 28.91 -12.49
CA GLY E 73 -50.82 28.38 -11.51
C GLY E 73 -50.34 26.98 -11.81
N MET E 74 -49.85 26.33 -10.76
CA MET E 74 -49.36 24.94 -10.88
C MET E 74 -50.46 23.96 -11.31
N VAL E 75 -51.68 24.16 -10.81
CA VAL E 75 -52.81 23.32 -11.20
C VAL E 75 -53.01 23.43 -12.72
N GLY E 76 -53.03 24.66 -13.24
CA GLY E 76 -53.14 24.89 -14.69
C GLY E 76 -52.04 24.18 -15.47
N GLU E 77 -50.80 24.28 -15.00
CA GLU E 77 -49.69 23.59 -15.66
C GLU E 77 -49.91 22.07 -15.79
N LEU E 78 -50.47 21.44 -14.76
CA LEU E 78 -50.84 20.03 -14.85
C LEU E 78 -52.03 19.78 -15.78
N VAL E 79 -53.10 20.57 -15.59
CA VAL E 79 -54.35 20.38 -16.32
C VAL E 79 -54.10 20.52 -17.84
N TYR E 80 -53.30 21.51 -18.22
CA TYR E 80 -53.06 21.84 -19.63
C TYR E 80 -51.83 21.15 -20.25
N GLY E 81 -51.19 20.28 -19.46
CA GLY E 81 -50.12 19.40 -19.97
C GLY E 81 -48.74 20.04 -20.08
N LYS E 82 -48.53 21.14 -19.38
CA LYS E 82 -47.23 21.84 -19.36
C LYS E 82 -46.23 21.18 -18.41
N ALA E 83 -46.73 20.51 -17.37
CA ALA E 83 -45.90 19.78 -16.42
C ALA E 83 -46.46 18.40 -16.13
N ASP E 84 -45.61 17.49 -15.68
CA ASP E 84 -45.97 16.11 -15.39
C ASP E 84 -46.32 15.88 -13.93
N ILE E 85 -45.82 16.77 -13.07
CA ILE E 85 -45.97 16.59 -11.62
C ILE E 85 -45.73 17.94 -10.94
N ALA E 86 -46.45 18.18 -9.84
CA ALA E 86 -46.22 19.36 -9.00
C ALA E 86 -45.75 18.87 -7.65
N ILE E 87 -44.56 19.34 -7.26
CA ILE E 87 -43.97 19.07 -5.94
C ILE E 87 -43.74 20.42 -5.27
N ALA E 88 -44.69 20.77 -4.40
CA ALA E 88 -44.83 22.13 -3.88
C ALA E 88 -45.78 22.11 -2.67
N PRO E 89 -45.84 23.23 -1.91
CA PRO E 89 -46.83 23.31 -0.84
C PRO E 89 -48.24 23.55 -1.42
N LEU E 90 -48.72 22.56 -2.17
CA LEU E 90 -50.00 22.64 -2.88
C LEU E 90 -51.06 21.91 -2.06
N THR E 91 -52.09 22.67 -1.68
CA THR E 91 -53.11 22.19 -0.76
C THR E 91 -54.08 21.28 -1.47
N ILE E 92 -54.30 20.08 -0.89
CA ILE E 92 -55.36 19.18 -1.33
C ILE E 92 -56.74 19.83 -1.06
N THR E 93 -57.53 20.00 -2.13
CA THR E 93 -58.90 20.55 -2.03
C THR E 93 -59.83 19.78 -2.95
N LEU E 94 -61.14 19.82 -2.63
CA LEU E 94 -62.13 19.12 -3.45
C LEU E 94 -62.12 19.60 -4.90
N VAL E 95 -62.18 20.92 -5.11
CA VAL E 95 -62.21 21.46 -6.47
C VAL E 95 -60.98 21.04 -7.28
N ARG E 96 -59.80 20.99 -6.63
CA ARG E 96 -58.60 20.53 -7.31
C ARG E 96 -58.60 19.01 -7.57
N GLU E 97 -59.04 18.24 -6.57
CA GLU E 97 -59.09 16.77 -6.70
C GLU E 97 -60.06 16.30 -7.80
N GLU E 98 -61.01 17.15 -8.19
CA GLU E 98 -61.86 16.89 -9.34
C GLU E 98 -61.16 16.97 -10.69
N VAL E 99 -60.01 17.67 -10.76
CA VAL E 99 -59.33 17.91 -12.04
C VAL E 99 -57.91 17.32 -12.13
N ILE E 100 -57.27 17.13 -10.98
CA ILE E 100 -55.94 16.46 -10.89
C ILE E 100 -55.98 15.41 -9.77
N ASP E 101 -54.92 14.59 -9.67
CA ASP E 101 -54.79 13.63 -8.57
C ASP E 101 -53.75 14.13 -7.58
N PHE E 102 -54.01 13.90 -6.30
CA PHE E 102 -53.04 14.16 -5.26
C PHE E 102 -52.64 12.83 -4.61
N SER E 103 -51.37 12.75 -4.26
CA SER E 103 -50.90 11.71 -3.33
C SER E 103 -51.52 11.92 -1.95
N LYS E 104 -51.37 10.92 -1.08
CA LYS E 104 -51.61 11.14 0.33
C LYS E 104 -50.77 12.31 0.80
N PRO E 105 -51.22 13.04 1.84
CA PRO E 105 -50.46 14.23 2.22
C PRO E 105 -49.04 13.96 2.70
N PHE E 106 -48.12 14.88 2.38
CA PHE E 106 -46.76 14.77 2.89
C PHE E 106 -46.50 15.75 4.05
N MET E 107 -47.47 16.63 4.31
CA MET E 107 -47.31 17.62 5.38
C MET E 107 -48.69 18.04 5.84
N SER E 108 -48.88 18.22 7.15
CA SER E 108 -50.15 18.71 7.67
C SER E 108 -50.12 20.24 7.86
N LEU E 109 -51.30 20.87 7.73
CA LEU E 109 -51.43 22.30 7.96
C LEU E 109 -52.88 22.66 8.21
N GLY E 110 -53.06 23.89 8.69
CA GLY E 110 -54.37 24.50 8.77
C GLY E 110 -54.19 25.99 8.54
N ILE E 111 -55.28 26.68 8.17
CA ILE E 111 -55.25 28.12 8.06
C ILE E 111 -55.08 28.69 9.49
N SER E 112 -54.28 29.74 9.60
CA SER E 112 -53.86 30.28 10.89
C SER E 112 -53.74 31.79 10.80
N ILE E 113 -53.55 32.43 11.95
CA ILE E 113 -53.46 33.89 12.05
C ILE E 113 -52.03 34.29 12.39
N MET E 114 -51.45 35.14 11.55
CA MET E 114 -50.17 35.77 11.84
C MET E 114 -50.43 37.19 12.29
N ILE E 115 -49.90 37.52 13.46
CA ILE E 115 -49.92 38.87 13.99
C ILE E 115 -48.51 39.40 14.22
N LYS E 116 -48.38 40.71 14.20
CA LYS E 116 -47.21 41.38 14.75
C LYS E 116 -47.29 41.21 16.27
N LYS E 117 -46.18 40.85 16.90
CA LYS E 117 -46.16 40.59 18.35
C LYS E 117 -46.78 41.75 19.13
N GLY E 118 -47.71 41.40 20.01
CA GLY E 118 -48.41 42.36 20.86
C GLY E 118 -49.76 42.84 20.35
N THR E 119 -50.19 42.32 19.20
CA THR E 119 -51.50 42.66 18.62
C THR E 119 -52.61 42.04 19.47
N PRO E 120 -53.61 42.82 19.88
CA PRO E 120 -54.66 42.31 20.78
C PRO E 120 -55.68 41.36 20.09
N ILE E 121 -55.19 40.23 19.58
CA ILE E 121 -55.99 39.24 18.86
C ILE E 121 -55.54 37.85 19.27
N GLU E 122 -56.50 36.99 19.64
CA GLU E 122 -56.22 35.60 20.01
C GLU E 122 -56.86 34.56 19.07
N SER E 123 -57.82 35.00 18.24
CA SER E 123 -58.65 34.05 17.47
C SER E 123 -59.30 34.70 16.25
N ALA E 124 -59.86 33.86 15.37
CA ALA E 124 -60.66 34.31 14.21
C ALA E 124 -61.94 35.01 14.67
N GLU E 125 -62.53 34.52 15.76
CA GLU E 125 -63.66 35.18 16.44
C GLU E 125 -63.33 36.64 16.74
N ASP E 126 -62.18 36.86 17.40
CA ASP E 126 -61.66 38.19 17.74
C ASP E 126 -61.54 39.12 16.53
N LEU E 127 -60.95 38.63 15.45
CA LEU E 127 -60.87 39.37 14.19
C LEU E 127 -62.23 39.74 13.60
N SER E 128 -63.18 38.81 13.64
CA SER E 128 -64.52 39.02 13.06
C SER E 128 -65.39 40.01 13.85
N LYS E 129 -65.05 40.24 15.12
CA LYS E 129 -65.83 41.11 16.02
C LYS E 129 -65.32 42.56 16.07
N GLN E 130 -64.25 42.87 15.33
CA GLN E 130 -63.64 44.20 15.34
C GLN E 130 -63.28 44.72 13.94
N THR E 131 -62.87 45.98 13.86
CA THR E 131 -62.58 46.66 12.58
C THR E 131 -61.26 47.44 12.52
N GLU E 132 -60.68 47.74 13.69
CA GLU E 132 -59.41 48.48 13.81
C GLU E 132 -58.25 47.76 13.12
N ILE E 133 -58.19 46.44 13.32
CA ILE E 133 -57.13 45.62 12.74
C ILE E 133 -57.68 44.97 11.46
N ALA E 134 -57.09 45.35 10.34
CA ALA E 134 -57.45 44.82 9.02
C ALA E 134 -56.87 43.41 8.88
N TYR E 135 -57.48 42.59 8.03
CA TYR E 135 -56.97 41.24 7.80
C TYR E 135 -57.26 40.73 6.42
N GLY E 136 -56.37 39.89 5.90
CA GLY E 136 -56.49 39.41 4.53
C GLY E 136 -55.77 38.11 4.26
N THR E 137 -55.79 37.70 2.99
CA THR E 137 -55.22 36.41 2.57
C THR E 137 -54.37 36.59 1.29
N LEU E 138 -53.66 35.53 0.90
CA LEU E 138 -53.05 35.43 -0.44
C LEU E 138 -54.14 35.45 -1.53
N ASP E 139 -53.91 36.25 -2.58
CA ASP E 139 -54.97 36.64 -3.56
C ASP E 139 -55.51 35.57 -4.53
N SER E 140 -54.85 34.41 -4.59
CA SER E 140 -55.18 33.35 -5.57
C SER E 140 -54.87 31.89 -5.09
N GLY E 141 -55.28 31.58 -3.86
CA GLY E 141 -54.98 30.26 -3.28
C GLY E 141 -56.12 29.62 -2.52
N SER E 142 -55.79 28.53 -1.84
CA SER E 142 -56.80 27.75 -1.13
C SER E 142 -57.34 28.49 0.10
N THR E 143 -56.52 29.36 0.70
CA THR E 143 -56.97 30.12 1.89
C THR E 143 -58.06 31.10 1.50
N LYS E 144 -57.88 31.82 0.40
CA LYS E 144 -58.93 32.73 -0.10
C LYS E 144 -60.22 31.98 -0.43
N GLU E 145 -60.08 30.85 -1.13
CA GLU E 145 -61.24 30.01 -1.49
C GLU E 145 -61.97 29.44 -0.28
N PHE E 146 -61.23 29.15 0.79
CA PHE E 146 -61.83 28.67 2.04
C PHE E 146 -62.87 29.66 2.57
N PHE E 147 -62.52 30.93 2.59
CA PHE E 147 -63.42 31.99 3.05
C PHE E 147 -64.53 32.26 2.05
N ARG E 148 -64.21 32.28 0.77
CA ARG E 148 -65.20 32.56 -0.30
C ARG E 148 -66.32 31.52 -0.36
N ARG E 149 -65.98 30.24 -0.12
CA ARG E 149 -66.91 29.13 -0.33
C ARG E 149 -67.48 28.59 0.97
N SER E 150 -67.12 29.22 2.09
CA SER E 150 -67.49 28.73 3.40
C SER E 150 -69.02 28.74 3.58
N LYS E 151 -69.52 27.78 4.35
CA LYS E 151 -70.95 27.77 4.70
C LYS E 151 -71.10 28.03 6.18
N ILE E 152 -69.97 28.37 6.83
CA ILE E 152 -69.86 28.62 8.26
C ILE E 152 -70.02 30.11 8.51
N ALA E 153 -70.98 30.47 9.37
CA ALA E 153 -71.35 31.87 9.65
C ALA E 153 -70.18 32.83 9.96
N VAL E 154 -69.28 32.45 10.89
CA VAL E 154 -68.13 33.29 11.32
C VAL E 154 -67.13 33.56 10.18
N PHE E 155 -66.86 32.53 9.37
CA PHE E 155 -65.97 32.67 8.23
C PHE E 155 -66.64 33.40 7.07
N ASP E 156 -67.96 33.24 6.93
CA ASP E 156 -68.76 34.02 5.97
C ASP E 156 -68.70 35.51 6.30
N LYS E 157 -68.72 35.83 7.60
CA LYS E 157 -68.66 37.22 8.08
C LYS E 157 -67.30 37.83 7.72
N MET E 158 -66.24 37.05 7.95
CA MET E 158 -64.87 37.43 7.61
C MET E 158 -64.70 37.65 6.10
N TRP E 159 -65.29 36.75 5.30
CA TRP E 159 -65.26 36.90 3.83
C TRP E 159 -66.00 38.14 3.38
N THR E 160 -67.17 38.37 3.96
CA THR E 160 -67.98 39.53 3.64
C THR E 160 -67.19 40.82 3.91
N TYR E 161 -66.41 40.85 4.99
CA TYR E 161 -65.52 42.00 5.26
C TYR E 161 -64.39 42.07 4.23
N MET E 162 -63.65 40.96 4.07
CA MET E 162 -62.46 40.93 3.22
C MET E 162 -62.73 41.30 1.76
N ARG E 163 -63.83 40.79 1.20
CA ARG E 163 -64.10 40.99 -0.22
C ARG E 163 -64.38 42.46 -0.54
N SER E 164 -64.82 43.22 0.46
CA SER E 164 -65.19 44.63 0.26
C SER E 164 -64.21 45.63 0.89
N ALA E 165 -63.17 45.14 1.56
CA ALA E 165 -62.21 46.00 2.26
C ALA E 165 -61.40 46.89 1.30
N GLU E 166 -61.24 48.16 1.69
CA GLU E 166 -60.48 49.12 0.89
C GLU E 166 -59.48 49.89 1.78
N PRO E 167 -58.19 49.98 1.40
CA PRO E 167 -57.63 49.34 0.20
C PRO E 167 -57.61 47.81 0.34
N SER E 168 -57.36 47.12 -0.77
CA SER E 168 -57.40 45.65 -0.78
C SER E 168 -56.58 45.02 0.34
N VAL E 169 -57.18 44.04 1.01
CA VAL E 169 -56.49 43.25 2.04
C VAL E 169 -55.79 42.02 1.48
N PHE E 170 -55.96 41.77 0.17
CA PHE E 170 -55.33 40.61 -0.45
C PHE E 170 -53.93 40.94 -0.96
N VAL E 171 -53.04 39.95 -0.90
CA VAL E 171 -51.64 40.10 -1.32
C VAL E 171 -51.24 39.12 -2.44
N ARG E 172 -50.18 39.47 -3.18
CA ARG E 172 -49.73 38.68 -4.34
C ARG E 172 -48.87 37.48 -3.96
N THR E 173 -48.13 37.61 -2.85
CA THR E 173 -47.20 36.60 -2.40
C THR E 173 -47.20 36.58 -0.88
N THR E 174 -46.80 35.44 -0.31
CA THR E 174 -46.62 35.32 1.14
C THR E 174 -45.69 36.40 1.69
N ALA E 175 -44.55 36.62 1.02
CA ALA E 175 -43.63 37.71 1.36
C ALA E 175 -44.32 39.08 1.52
N GLU E 176 -45.23 39.42 0.60
CA GLU E 176 -46.01 40.67 0.68
C GLU E 176 -46.92 40.74 1.93
N GLY E 177 -47.55 39.61 2.26
CA GLY E 177 -48.40 39.50 3.45
C GLY E 177 -47.60 39.72 4.73
N VAL E 178 -46.43 39.07 4.79
CA VAL E 178 -45.51 39.17 5.94
C VAL E 178 -45.00 40.59 6.11
N ALA E 179 -44.52 41.20 5.02
CA ALA E 179 -44.06 42.59 5.04
C ALA E 179 -45.16 43.55 5.52
N ARG E 180 -46.40 43.31 5.08
CA ARG E 180 -47.54 44.11 5.51
C ARG E 180 -47.79 44.01 7.02
N VAL E 181 -47.75 42.79 7.56
CA VAL E 181 -47.86 42.60 9.01
C VAL E 181 -46.75 43.39 9.72
N ARG E 182 -45.51 43.21 9.25
CA ARG E 182 -44.34 43.81 9.91
C ARG E 182 -44.33 45.33 9.88
N LYS E 183 -44.92 45.91 8.83
CA LYS E 183 -44.94 47.38 8.64
C LYS E 183 -46.20 48.10 9.17
N SER E 184 -47.23 47.36 9.54
CA SER E 184 -48.54 47.98 9.84
C SER E 184 -48.83 48.30 11.32
N LYS E 185 -47.81 48.14 12.17
CA LYS E 185 -47.86 48.50 13.60
C LYS E 185 -49.00 47.80 14.35
N GLY E 186 -49.23 46.54 14.00
CA GLY E 186 -50.31 45.74 14.60
C GLY E 186 -51.70 45.95 14.01
N LYS E 187 -51.80 46.77 12.96
CA LYS E 187 -53.09 47.07 12.30
C LYS E 187 -53.44 46.17 11.09
N TYR E 188 -52.62 45.16 10.84
CA TYR E 188 -52.92 44.17 9.80
C TYR E 188 -52.51 42.81 10.30
N ALA E 189 -53.45 41.86 10.24
CA ALA E 189 -53.17 40.45 10.54
C ALA E 189 -53.30 39.66 9.24
N TYR E 190 -52.48 38.62 9.10
CA TYR E 190 -52.43 37.87 7.84
C TYR E 190 -52.92 36.44 8.07
N LEU E 191 -53.85 35.98 7.22
CA LEU E 191 -54.38 34.63 7.28
C LEU E 191 -53.64 33.76 6.27
N LEU E 192 -52.93 32.76 6.79
CA LEU E 192 -52.04 31.95 5.96
C LEU E 192 -51.90 30.60 6.61
N GLU E 193 -51.36 29.68 5.85
CA GLU E 193 -51.23 28.32 6.32
C GLU E 193 -50.21 28.22 7.46
N SER E 194 -50.49 27.35 8.42
CA SER E 194 -49.72 27.25 9.67
C SER E 194 -48.25 26.95 9.44
N THR E 195 -47.98 26.19 8.39
CA THR E 195 -46.63 25.84 7.95
C THR E 195 -45.81 27.08 7.64
N MET E 196 -46.37 28.00 6.86
CA MET E 196 -45.64 29.20 6.51
CA MET E 196 -45.68 29.24 6.50
C MET E 196 -45.55 30.12 7.72
N ASN E 197 -46.64 30.17 8.51
CA ASN E 197 -46.69 31.01 9.71
C ASN E 197 -45.55 30.56 10.66
N GLU E 198 -45.43 29.24 10.88
CA GLU E 198 -44.42 28.68 11.78
C GLU E 198 -43.01 28.96 11.29
N TYR E 199 -42.82 28.91 9.97
CA TYR E 199 -41.53 29.20 9.39
C TYR E 199 -41.13 30.65 9.67
N ILE E 200 -42.06 31.58 9.42
CA ILE E 200 -41.78 33.01 9.56
C ILE E 200 -41.50 33.40 11.01
N GLU E 201 -42.19 32.74 11.92
CA GLU E 201 -42.02 32.92 13.37
C GLU E 201 -40.56 32.63 13.81
N GLN E 202 -39.87 31.75 13.06
CA GLN E 202 -38.48 31.39 13.34
C GLN E 202 -37.44 32.21 12.55
N ARG E 203 -37.88 33.30 11.92
CA ARG E 203 -36.98 34.14 11.12
C ARG E 203 -36.84 35.55 11.69
N LYS E 204 -35.61 36.08 11.64
CA LYS E 204 -35.35 37.49 11.94
C LYS E 204 -36.30 38.39 11.11
N PRO E 205 -36.84 39.48 11.68
CA PRO E 205 -36.47 40.01 13.01
C PRO E 205 -37.28 39.46 14.21
N CYS E 206 -37.91 38.30 14.04
CA CYS E 206 -38.61 37.61 15.13
C CYS E 206 -39.74 38.46 15.74
N ASP E 207 -40.47 39.17 14.87
CA ASP E 207 -41.48 40.14 15.29
C ASP E 207 -42.92 39.71 15.00
N THR E 208 -43.09 38.49 14.48
CA THR E 208 -44.40 37.92 14.22
C THR E 208 -44.63 36.67 15.05
N MET E 209 -45.90 36.34 15.25
CA MET E 209 -46.25 35.04 15.80
C MET E 209 -47.59 34.50 15.32
N LYS E 210 -47.70 33.16 15.37
CA LYS E 210 -48.96 32.47 15.15
C LYS E 210 -49.78 32.56 16.43
N VAL E 211 -51.03 32.99 16.30
CA VAL E 211 -51.97 33.02 17.44
C VAL E 211 -53.22 32.16 17.22
N GLY E 212 -53.61 31.47 18.29
CA GLY E 212 -54.85 30.70 18.33
C GLY E 212 -54.72 29.34 17.67
N GLY E 213 -55.86 28.67 17.53
CA GLY E 213 -55.92 27.36 16.88
C GLY E 213 -56.00 27.55 15.37
N ASN E 214 -55.74 26.48 14.63
CA ASN E 214 -56.00 26.51 13.19
C ASN E 214 -57.50 26.49 12.89
N LEU E 215 -57.88 27.10 11.78
CA LEU E 215 -59.28 27.22 11.40
C LEU E 215 -59.80 25.96 10.70
N ASP E 216 -58.88 25.16 10.15
CA ASP E 216 -59.21 23.90 9.48
C ASP E 216 -58.02 22.93 9.56
N SER E 217 -58.16 21.76 8.94
CA SER E 217 -57.14 20.72 8.99
C SER E 217 -57.07 20.09 7.62
N LYS E 218 -55.89 20.13 7.02
CA LYS E 218 -55.71 19.56 5.70
C LYS E 218 -54.24 19.22 5.46
N GLY E 219 -53.91 19.03 4.19
CA GLY E 219 -52.58 18.54 3.82
C GLY E 219 -52.11 19.09 2.49
N TYR E 220 -50.78 19.09 2.32
CA TYR E 220 -50.19 19.25 0.99
C TYR E 220 -50.01 17.88 0.38
N GLY E 221 -50.27 17.78 -0.92
CA GLY E 221 -50.09 16.54 -1.65
C GLY E 221 -49.27 16.79 -2.91
N ILE E 222 -48.62 15.74 -3.38
CA ILE E 222 -47.95 15.79 -4.67
CA ILE E 222 -47.93 15.75 -4.68
C ILE E 222 -48.99 15.52 -5.75
N ALA E 223 -49.07 16.44 -6.71
CA ALA E 223 -50.13 16.37 -7.72
C ALA E 223 -49.65 15.90 -9.08
N THR E 224 -50.48 15.08 -9.73
CA THR E 224 -50.25 14.59 -11.09
C THR E 224 -51.52 14.81 -11.92
N PRO E 225 -51.38 14.96 -13.25
CA PRO E 225 -52.59 15.04 -14.09
C PRO E 225 -53.33 13.71 -14.10
N LYS E 226 -54.64 13.74 -14.28
CA LYS E 226 -55.42 12.49 -14.37
C LYS E 226 -54.86 11.58 -15.46
N GLY E 227 -54.84 10.28 -15.17
CA GLY E 227 -54.30 9.28 -16.10
C GLY E 227 -52.79 9.10 -16.09
N SER E 228 -52.08 9.86 -15.24
CA SER E 228 -50.62 9.75 -15.11
C SER E 228 -50.16 8.35 -14.69
N SER E 229 -49.13 7.85 -15.37
CA SER E 229 -48.53 6.56 -15.01
C SER E 229 -47.70 6.66 -13.72
N LEU E 230 -47.43 7.89 -13.27
CA LEU E 230 -46.69 8.16 -12.03
C LEU E 230 -47.53 8.08 -10.75
N ARG E 231 -48.85 8.10 -10.89
CA ARG E 231 -49.76 8.26 -9.76
C ARG E 231 -49.51 7.27 -8.60
N ASN E 232 -49.56 5.97 -8.89
CA ASN E 232 -49.41 4.94 -7.84
C ASN E 232 -48.04 5.02 -7.14
N ALA E 233 -46.98 5.12 -7.94
CA ALA E 233 -45.61 5.07 -7.41
C ALA E 233 -45.33 6.27 -6.51
N VAL E 234 -45.84 7.43 -6.91
CA VAL E 234 -45.64 8.64 -6.13
C VAL E 234 -46.35 8.55 -4.79
N ASN E 235 -47.58 8.01 -4.81
CA ASN E 235 -48.37 7.84 -3.60
C ASN E 235 -47.68 6.92 -2.61
N LEU E 236 -47.21 5.76 -3.11
CA LEU E 236 -46.49 4.81 -2.26
C LEU E 236 -45.17 5.39 -1.75
N ALA E 237 -44.48 6.18 -2.58
CA ALA E 237 -43.26 6.85 -2.14
C ALA E 237 -43.50 7.81 -0.99
N VAL E 238 -44.59 8.60 -1.05
CA VAL E 238 -44.91 9.50 0.04
C VAL E 238 -45.14 8.71 1.33
N LEU E 239 -45.90 7.62 1.25
CA LEU E 239 -46.14 6.78 2.44
C LEU E 239 -44.84 6.19 3.01
N LYS E 240 -43.98 5.70 2.12
CA LYS E 240 -42.70 5.13 2.54
C LYS E 240 -41.85 6.18 3.25
N LEU E 241 -41.77 7.39 2.67
CA LEU E 241 -40.97 8.44 3.25
C LEU E 241 -41.50 8.96 4.57
N ASN E 242 -42.83 8.97 4.73
CA ASN E 242 -43.38 9.34 6.03
C ASN E 242 -43.04 8.27 7.07
N GLU E 243 -43.24 7.01 6.69
CA GLU E 243 -43.00 5.89 7.63
C GLU E 243 -41.55 5.74 8.07
N GLN E 244 -40.62 6.09 7.18
CA GLN E 244 -39.17 6.06 7.49
C GLN E 244 -38.65 7.32 8.21
N GLY E 245 -39.54 8.26 8.48
CA GLY E 245 -39.20 9.44 9.26
C GLY E 245 -38.57 10.58 8.46
N LEU E 246 -38.44 10.40 7.14
CA LEU E 246 -37.84 11.45 6.28
C LEU E 246 -38.57 12.79 6.29
N LEU E 247 -39.90 12.76 6.19
CA LEU E 247 -40.66 14.00 6.12
C LEU E 247 -40.47 14.87 7.39
N ASP E 248 -40.48 14.22 8.56
CA ASP E 248 -40.25 14.92 9.83
C ASP E 248 -38.85 15.50 9.90
N LYS E 249 -37.87 14.71 9.44
CA LYS E 249 -36.47 15.14 9.33
C LYS E 249 -36.33 16.37 8.45
N LEU E 250 -37.01 16.36 7.31
CA LEU E 250 -36.92 17.51 6.38
C LEU E 250 -37.62 18.76 6.93
N LYS E 251 -38.73 18.57 7.64
CA LYS E 251 -39.39 19.73 8.24
C LYS E 251 -38.48 20.34 9.30
N ASN E 252 -37.85 19.49 10.12
CA ASN E 252 -36.92 19.99 11.13
C ASN E 252 -35.75 20.76 10.51
N LYS E 253 -35.19 20.18 9.44
CA LYS E 253 -34.06 20.79 8.72
C LYS E 253 -34.37 22.22 8.27
N TRP E 254 -35.55 22.41 7.67
CA TRP E 254 -35.86 23.65 6.97
C TRP E 254 -36.60 24.67 7.80
N TRP E 255 -37.21 24.22 8.90
CA TRP E 255 -37.96 25.12 9.80
C TRP E 255 -37.18 25.50 11.05
N TYR E 256 -36.62 24.50 11.73
CA TYR E 256 -36.21 24.65 13.13
C TYR E 256 -34.72 24.53 13.38
N ASP E 257 -34.08 23.56 12.71
CA ASP E 257 -32.62 23.35 12.84
C ASP E 257 -31.79 24.62 12.61
N LYS E 258 -32.14 25.38 11.58
CA LYS E 258 -31.49 26.67 11.27
C LYS E 258 -32.38 27.88 11.61
N GLY E 259 -33.27 27.71 12.59
CA GLY E 259 -34.11 28.80 13.11
C GLY E 259 -33.28 29.92 13.71
N GLU E 260 -33.72 31.17 13.46
CA GLU E 260 -32.96 32.37 13.81
C GLU E 260 -33.46 33.08 15.07
N CYS E 261 -34.45 32.48 15.74
CA CYS E 261 -35.12 33.12 16.88
C CYS E 261 -34.98 32.32 18.19
N GLY E 262 -33.88 31.58 18.31
CA GLY E 262 -33.57 30.78 19.50
C GLY E 262 -34.44 29.55 19.65
N ASN F 3 -78.04 0.31 -6.17
CA ASN F 3 -78.37 -1.07 -6.66
C ASN F 3 -78.42 -2.07 -5.49
N LYS F 4 -77.27 -2.28 -4.84
CA LYS F 4 -77.18 -3.25 -3.74
C LYS F 4 -76.75 -2.60 -2.41
N THR F 5 -77.12 -3.24 -1.31
CA THR F 5 -76.72 -2.76 0.02
C THR F 5 -75.22 -2.97 0.24
N VAL F 6 -74.56 -1.87 0.59
CA VAL F 6 -73.12 -1.83 0.84
C VAL F 6 -72.81 -2.39 2.23
N VAL F 7 -71.94 -3.39 2.29
CA VAL F 7 -71.53 -3.98 3.57
C VAL F 7 -70.35 -3.18 4.10
N VAL F 8 -70.59 -2.51 5.23
CA VAL F 8 -69.57 -1.69 5.90
C VAL F 8 -68.94 -2.54 7.02
N THR F 9 -67.62 -2.76 6.94
CA THR F 9 -66.89 -3.31 8.08
C THR F 9 -66.36 -2.19 8.98
N THR F 10 -66.48 -2.41 10.28
CA THR F 10 -66.01 -1.45 11.28
C THR F 10 -65.65 -2.24 12.53
N ILE F 11 -65.22 -1.51 13.56
CA ILE F 11 -64.66 -2.12 14.76
C ILE F 11 -65.22 -1.41 15.98
N LEU F 12 -65.52 -2.16 17.05
CA LEU F 12 -65.98 -1.56 18.30
C LEU F 12 -64.81 -0.89 19.01
N GLU F 13 -64.79 0.44 18.97
CA GLU F 13 -63.68 1.21 19.50
C GLU F 13 -64.20 2.60 19.80
N SER F 14 -64.14 2.99 21.08
CA SER F 14 -64.68 4.28 21.52
C SER F 14 -63.76 5.43 21.10
N PRO F 15 -64.30 6.58 20.66
CA PRO F 15 -65.73 6.87 20.50
C PRO F 15 -66.18 6.74 19.05
N TYR F 16 -65.48 5.89 18.27
CA TYR F 16 -65.75 5.71 16.85
C TYR F 16 -67.02 4.89 16.62
N VAL F 17 -67.10 3.70 17.23
CA VAL F 17 -68.30 2.86 17.13
C VAL F 17 -68.50 2.24 18.50
N MET F 18 -69.67 2.49 19.08
CA MET F 18 -70.01 2.01 20.41
C MET F 18 -71.44 1.49 20.37
N MET F 19 -71.73 0.50 21.23
CA MET F 19 -73.11 0.08 21.42
CA MET F 19 -73.09 0.04 21.49
C MET F 19 -73.85 1.12 22.24
N LYS F 20 -75.03 1.51 21.77
CA LYS F 20 -75.87 2.41 22.54
C LYS F 20 -76.25 1.73 23.86
N LYS F 21 -76.47 2.52 24.91
CA LYS F 21 -76.86 1.97 26.23
C LYS F 21 -78.06 1.03 26.16
N ASN F 22 -79.02 1.35 25.30
CA ASN F 22 -80.22 0.52 25.13
C ASN F 22 -80.21 -0.36 23.87
N HIS F 23 -79.01 -0.76 23.43
CA HIS F 23 -78.82 -1.49 22.16
C HIS F 23 -79.61 -2.82 22.03
N GLU F 24 -79.83 -3.50 23.15
CA GLU F 24 -80.57 -4.77 23.17
C GLU F 24 -82.00 -4.66 22.61
N MET F 25 -82.60 -3.48 22.74
CA MET F 25 -83.98 -3.19 22.25
C MET F 25 -83.95 -2.54 20.85
N LEU F 26 -82.76 -2.46 20.26
CA LEU F 26 -82.56 -1.85 18.95
C LEU F 26 -82.07 -2.86 17.91
N GLU F 27 -82.17 -2.49 16.64
CA GLU F 27 -81.94 -3.39 15.50
C GLU F 27 -81.09 -2.72 14.42
N GLY F 28 -80.25 -3.53 13.76
CA GLY F 28 -79.46 -3.07 12.61
C GLY F 28 -78.52 -1.94 12.97
N ASN F 29 -78.42 -0.94 12.09
CA ASN F 29 -77.50 0.18 12.29
C ASN F 29 -77.86 1.01 13.52
N GLU F 30 -79.12 0.95 13.96
CA GLU F 30 -79.57 1.71 15.13
C GLU F 30 -78.93 1.27 16.46
N ARG F 31 -78.34 0.09 16.49
CA ARG F 31 -77.64 -0.44 17.68
C ARG F 31 -76.42 0.39 18.07
N TYR F 32 -75.83 1.05 17.08
CA TYR F 32 -74.50 1.68 17.19
C TYR F 32 -74.56 3.20 17.21
N GLU F 33 -73.57 3.79 17.87
CA GLU F 33 -73.38 5.24 17.84
C GLU F 33 -71.90 5.56 17.85
N GLY F 34 -71.57 6.76 17.43
CA GLY F 34 -70.17 7.18 17.48
C GLY F 34 -69.75 7.99 16.27
N TYR F 35 -68.50 8.45 16.29
CA TYR F 35 -67.94 9.25 15.21
C TYR F 35 -68.10 8.56 13.84
N CYS F 36 -67.71 7.29 13.78
CA CYS F 36 -67.71 6.56 12.52
C CYS F 36 -69.10 6.14 12.09
N VAL F 37 -70.03 6.02 13.05
CA VAL F 37 -71.45 5.76 12.76
C VAL F 37 -72.02 7.01 12.07
N ASP F 38 -71.72 8.19 12.62
CA ASP F 38 -72.13 9.47 11.97
C ASP F 38 -71.46 9.70 10.61
N LEU F 39 -70.17 9.34 10.51
CA LEU F 39 -69.42 9.48 9.25
C LEU F 39 -69.96 8.55 8.17
N ALA F 40 -70.27 7.30 8.54
CA ALA F 40 -70.87 6.35 7.60
C ALA F 40 -72.18 6.91 7.03
N ALA F 41 -73.02 7.47 7.90
CA ALA F 41 -74.30 8.07 7.49
C ALA F 41 -74.11 9.20 6.48
N GLU F 42 -73.11 10.05 6.72
CA GLU F 42 -72.80 11.19 5.85
C GLU F 42 -72.22 10.76 4.50
N ILE F 43 -71.28 9.81 4.53
CA ILE F 43 -70.66 9.28 3.32
C ILE F 43 -71.73 8.61 2.46
N ALA F 44 -72.55 7.77 3.08
CA ALA F 44 -73.64 7.09 2.36
C ALA F 44 -74.58 8.09 1.70
N LYS F 45 -74.89 9.18 2.40
CA LYS F 45 -75.80 10.23 1.89
C LYS F 45 -75.22 10.87 0.63
N HIS F 46 -73.97 11.33 0.70
CA HIS F 46 -73.30 12.00 -0.43
C HIS F 46 -73.01 11.10 -1.63
N CYS F 47 -72.77 9.82 -1.37
CA CYS F 47 -72.49 8.83 -2.42
C CYS F 47 -73.75 8.10 -2.90
N GLY F 48 -74.85 8.28 -2.17
CA GLY F 48 -76.14 7.72 -2.53
C GLY F 48 -76.20 6.20 -2.48
N PHE F 49 -75.79 5.61 -1.36
CA PHE F 49 -75.98 4.17 -1.16
C PHE F 49 -76.62 3.86 0.19
N LYS F 50 -77.34 2.73 0.24
CA LYS F 50 -77.81 2.14 1.49
C LYS F 50 -76.73 1.18 1.99
N TYR F 51 -76.69 0.96 3.29
CA TYR F 51 -75.55 0.24 3.89
C TYR F 51 -75.95 -0.55 5.13
N LYS F 52 -75.13 -1.54 5.46
CA LYS F 52 -75.26 -2.30 6.70
C LYS F 52 -73.94 -2.28 7.44
N LEU F 53 -73.97 -1.76 8.68
CA LEU F 53 -72.79 -1.80 9.54
C LEU F 53 -72.62 -3.21 10.11
N THR F 54 -71.42 -3.76 9.92
CA THR F 54 -71.07 -5.08 10.44
CA THR F 54 -71.08 -5.09 10.41
C THR F 54 -69.79 -4.95 11.22
N ILE F 55 -69.77 -5.53 12.41
CA ILE F 55 -68.56 -5.46 13.22
C ILE F 55 -67.62 -6.58 12.76
N VAL F 56 -66.37 -6.21 12.51
CA VAL F 56 -65.32 -7.14 12.07
C VAL F 56 -65.29 -8.38 12.99
N GLY F 57 -65.36 -9.55 12.35
CA GLY F 57 -65.49 -10.84 13.04
C GLY F 57 -64.41 -11.13 14.06
N ASP F 58 -63.16 -10.89 13.67
CA ASP F 58 -62.02 -11.22 14.54
C ASP F 58 -61.61 -10.08 15.49
N GLY F 59 -62.31 -8.94 15.39
CA GLY F 59 -62.09 -7.78 16.26
C GLY F 59 -60.77 -7.05 16.07
N LYS F 60 -60.13 -7.29 14.91
CA LYS F 60 -58.82 -6.72 14.59
C LYS F 60 -58.85 -5.66 13.47
N TYR F 61 -57.82 -4.81 13.47
CA TYR F 61 -57.67 -3.79 12.43
C TYR F 61 -57.15 -4.43 11.14
N GLY F 62 -56.00 -5.11 11.24
CA GLY F 62 -55.53 -5.90 10.11
C GLY F 62 -54.03 -5.92 9.92
N ALA F 63 -53.49 -7.13 9.87
CA ALA F 63 -52.07 -7.33 9.60
C ALA F 63 -51.94 -8.61 8.76
N ARG F 64 -50.78 -8.77 8.14
CA ARG F 64 -50.53 -9.92 7.27
C ARG F 64 -49.66 -10.91 8.02
N ASP F 65 -50.11 -12.15 8.11
CA ASP F 65 -49.32 -13.25 8.66
C ASP F 65 -48.03 -13.44 7.83
N ALA F 66 -46.88 -13.33 8.49
CA ALA F 66 -45.57 -13.41 7.80
C ALA F 66 -45.32 -14.73 7.07
N ASP F 67 -45.96 -15.80 7.55
CA ASP F 67 -45.78 -17.15 6.99
C ASP F 67 -46.80 -17.52 5.92
N THR F 68 -48.09 -17.32 6.19
CA THR F 68 -49.15 -17.68 5.24
C THR F 68 -49.46 -16.54 4.25
N LYS F 69 -49.06 -15.32 4.62
CA LYS F 69 -49.35 -14.07 3.87
C LYS F 69 -50.85 -13.72 3.82
N ILE F 70 -51.63 -14.30 4.74
CA ILE F 70 -53.06 -14.03 4.83
C ILE F 70 -53.29 -12.80 5.74
N TRP F 71 -54.09 -11.86 5.23
CA TRP F 71 -54.56 -10.69 5.99
C TRP F 71 -55.71 -11.01 6.93
N ASN F 72 -55.67 -10.46 8.15
CA ASN F 72 -56.80 -10.58 9.07
C ASN F 72 -57.47 -9.23 9.25
N GLY F 73 -58.41 -9.16 10.19
CA GLY F 73 -59.02 -7.88 10.53
C GLY F 73 -59.88 -7.29 9.44
N MET F 74 -60.12 -5.98 9.55
CA MET F 74 -60.91 -5.25 8.56
C MET F 74 -60.22 -5.28 7.19
N VAL F 75 -58.90 -5.23 7.19
CA VAL F 75 -58.14 -5.31 5.94
C VAL F 75 -58.45 -6.63 5.21
N GLY F 76 -58.36 -7.76 5.93
CA GLY F 76 -58.74 -9.06 5.35
C GLY F 76 -60.18 -9.09 4.84
N GLU F 77 -61.11 -8.50 5.61
CA GLU F 77 -62.51 -8.44 5.14
C GLU F 77 -62.65 -7.77 3.77
N LEU F 78 -61.91 -6.70 3.55
CA LEU F 78 -61.90 -6.06 2.22
C LEU F 78 -61.17 -6.88 1.16
N VAL F 79 -59.97 -7.37 1.50
CA VAL F 79 -59.14 -8.15 0.59
C VAL F 79 -59.84 -9.43 0.05
N TYR F 80 -60.56 -10.14 0.92
CA TYR F 80 -61.15 -11.45 0.57
C TYR F 80 -62.62 -11.36 0.14
N GLY F 81 -63.14 -10.14 0.04
CA GLY F 81 -64.49 -9.88 -0.50
C GLY F 81 -65.65 -10.02 0.48
N LYS F 82 -65.35 -9.92 1.79
CA LYS F 82 -66.39 -10.05 2.82
C LYS F 82 -67.15 -8.75 3.12
N ALA F 83 -66.53 -7.61 2.78
CA ALA F 83 -67.11 -6.29 2.99
C ALA F 83 -66.77 -5.41 1.81
N ASP F 84 -67.59 -4.39 1.60
CA ASP F 84 -67.40 -3.47 0.47
C ASP F 84 -66.58 -2.23 0.83
N ILE F 85 -66.54 -1.88 2.11
CA ILE F 85 -65.93 -0.63 2.56
C ILE F 85 -65.64 -0.75 4.07
N ALA F 86 -64.54 -0.16 4.52
CA ALA F 86 -64.25 -0.05 5.96
C ALA F 86 -64.35 1.41 6.36
N ILE F 87 -65.21 1.68 7.34
CA ILE F 87 -65.37 3.03 7.89
C ILE F 87 -65.05 2.91 9.37
N ALA F 88 -63.82 3.23 9.72
CA ALA F 88 -63.26 2.94 11.05
C ALA F 88 -62.01 3.79 11.28
N PRO F 89 -61.49 3.84 12.52
CA PRO F 89 -60.17 4.47 12.73
C PRO F 89 -59.03 3.58 12.17
N LEU F 90 -58.98 3.43 10.85
CA LEU F 90 -58.06 2.53 10.16
C LEU F 90 -56.91 3.36 9.59
N THR F 91 -55.72 3.12 10.10
CA THR F 91 -54.53 3.91 9.77
C THR F 91 -54.06 3.64 8.34
N ILE F 92 -53.84 4.72 7.58
CA ILE F 92 -53.28 4.64 6.24
C ILE F 92 -51.80 4.27 6.36
N THR F 93 -51.44 3.13 5.79
CA THR F 93 -50.06 2.65 5.83
C THR F 93 -49.65 2.15 4.47
N LEU F 94 -48.33 2.15 4.24
CA LEU F 94 -47.77 1.64 3.01
C LEU F 94 -48.18 0.19 2.72
N VAL F 95 -48.00 -0.72 3.67
CA VAL F 95 -48.32 -2.14 3.41
C VAL F 95 -49.80 -2.37 3.12
N ARG F 96 -50.67 -1.54 3.70
CA ARG F 96 -52.12 -1.62 3.45
C ARG F 96 -52.49 -1.03 2.09
N GLU F 97 -51.92 0.14 1.77
CA GLU F 97 -52.16 0.82 0.49
C GLU F 97 -51.71 -0.02 -0.71
N GLU F 98 -50.82 -0.99 -0.49
CA GLU F 98 -50.45 -1.95 -1.51
C GLU F 98 -51.55 -2.94 -1.88
N VAL F 99 -52.49 -3.19 -0.95
CA VAL F 99 -53.54 -4.20 -1.14
C VAL F 99 -54.99 -3.70 -1.13
N ILE F 100 -55.21 -2.51 -0.57
CA ILE F 100 -56.53 -1.86 -0.55
C ILE F 100 -56.32 -0.39 -0.93
N ASP F 101 -57.42 0.34 -1.22
CA ASP F 101 -57.33 1.79 -1.45
C ASP F 101 -57.87 2.54 -0.25
N PHE F 102 -57.28 3.69 0.04
CA PHE F 102 -57.75 4.58 1.08
C PHE F 102 -58.18 5.90 0.47
N SER F 103 -59.27 6.46 1.00
CA SER F 103 -59.61 7.88 0.81
C SER F 103 -58.45 8.75 1.37
N LYS F 104 -58.44 10.03 0.97
CA LYS F 104 -57.74 11.03 1.75
C LYS F 104 -58.12 10.91 3.23
N PRO F 105 -57.19 11.26 4.13
CA PRO F 105 -57.49 11.14 5.56
C PRO F 105 -58.68 11.99 6.05
N PHE F 106 -59.48 11.42 6.95
CA PHE F 106 -60.56 12.17 7.59
C PHE F 106 -60.17 12.67 8.99
N MET F 107 -59.05 12.19 9.53
CA MET F 107 -58.61 12.57 10.88
C MET F 107 -57.10 12.39 10.99
N SER F 108 -56.46 13.29 11.71
CA SER F 108 -55.02 13.16 12.01
C SER F 108 -54.77 12.51 13.38
N LEU F 109 -53.64 11.80 13.49
CA LEU F 109 -53.23 11.16 14.75
C LEU F 109 -51.74 10.88 14.77
N GLY F 110 -51.21 10.56 15.95
CA GLY F 110 -49.85 10.03 16.05
C GLY F 110 -49.80 9.02 17.17
N ILE F 111 -48.79 8.16 17.13
CA ILE F 111 -48.58 7.25 18.25
C ILE F 111 -48.19 8.08 19.49
N SER F 112 -48.72 7.67 20.64
CA SER F 112 -48.58 8.44 21.89
C SER F 112 -48.47 7.48 23.06
N ILE F 113 -48.13 8.03 24.22
CA ILE F 113 -47.96 7.24 25.43
C ILE F 113 -49.08 7.54 26.45
N MET F 114 -49.73 6.46 26.94
CA MET F 114 -50.69 6.55 28.02
C MET F 114 -50.07 5.99 29.32
N ILE F 115 -50.10 6.82 30.37
CA ILE F 115 -49.68 6.42 31.72
C ILE F 115 -50.80 6.59 32.74
N LYS F 116 -50.73 5.83 33.84
CA LYS F 116 -51.54 6.14 35.00
C LYS F 116 -50.96 7.43 35.61
N LYS F 117 -51.84 8.33 36.04
CA LYS F 117 -51.44 9.63 36.62
C LYS F 117 -50.40 9.41 37.71
N GLY F 118 -49.31 10.17 37.60
CA GLY F 118 -48.22 10.11 38.58
C GLY F 118 -47.04 9.23 38.20
N THR F 119 -47.20 8.45 37.13
CA THR F 119 -46.15 7.56 36.61
C THR F 119 -44.95 8.41 36.20
N PRO F 120 -43.76 8.10 36.69
CA PRO F 120 -42.59 8.94 36.40
C PRO F 120 -41.99 8.67 35.01
N ILE F 121 -42.76 9.02 33.98
CA ILE F 121 -42.40 8.85 32.56
C ILE F 121 -42.95 10.08 31.85
N GLU F 122 -42.12 10.74 31.04
CA GLU F 122 -42.59 11.85 30.24
C GLU F 122 -42.27 11.74 28.73
N SER F 123 -41.58 10.67 28.34
CA SER F 123 -41.22 10.44 26.92
C SER F 123 -40.94 8.96 26.59
N ALA F 124 -40.87 8.68 25.28
CA ALA F 124 -40.46 7.37 24.76
C ALA F 124 -39.04 7.02 25.22
N GLU F 125 -38.12 7.98 25.16
CA GLU F 125 -36.76 7.82 25.68
C GLU F 125 -36.74 7.40 27.16
N ASP F 126 -37.62 7.99 27.96
CA ASP F 126 -37.79 7.63 29.37
C ASP F 126 -38.19 6.17 29.55
N LEU F 127 -39.15 5.69 28.75
CA LEU F 127 -39.55 4.27 28.81
C LEU F 127 -38.39 3.33 28.47
N SER F 128 -37.64 3.69 27.43
CA SER F 128 -36.55 2.87 26.90
C SER F 128 -35.36 2.72 27.86
N LYS F 129 -35.18 3.71 28.74
CA LYS F 129 -34.05 3.78 29.69
C LYS F 129 -34.27 3.04 31.03
N GLN F 130 -35.41 2.37 31.18
CA GLN F 130 -35.75 1.69 32.45
C GLN F 130 -36.41 0.32 32.22
N THR F 131 -36.69 -0.38 33.32
CA THR F 131 -37.25 -1.74 33.28
C THR F 131 -38.43 -1.93 34.25
N GLU F 132 -38.55 -1.05 35.24
CA GLU F 132 -39.57 -1.19 36.29
C GLU F 132 -40.99 -1.04 35.73
N ILE F 133 -41.16 -0.13 34.78
CA ILE F 133 -42.44 0.08 34.11
C ILE F 133 -42.46 -0.65 32.76
N ALA F 134 -43.36 -1.64 32.66
CA ALA F 134 -43.59 -2.39 31.42
C ALA F 134 -44.37 -1.53 30.42
N TYR F 135 -44.21 -1.81 29.13
CA TYR F 135 -44.97 -1.10 28.08
C TYR F 135 -45.20 -1.94 26.84
N GLY F 136 -46.34 -1.72 26.18
CA GLY F 136 -46.74 -2.52 25.02
C GLY F 136 -47.66 -1.79 24.06
N THR F 137 -48.16 -2.53 23.07
CA THR F 137 -49.04 -1.99 22.03
C THR F 137 -50.18 -2.98 21.73
N LEU F 138 -51.12 -2.52 20.92
CA LEU F 138 -52.18 -3.37 20.36
C LEU F 138 -51.61 -4.39 19.36
N ASP F 139 -52.06 -5.64 19.45
CA ASP F 139 -51.79 -6.65 18.41
C ASP F 139 -52.49 -6.35 17.08
N SER F 140 -51.86 -6.75 15.98
CA SER F 140 -52.47 -6.72 14.61
C SER F 140 -52.88 -5.33 14.13
N GLY F 141 -52.12 -4.32 14.54
CA GLY F 141 -52.38 -2.95 14.15
C GLY F 141 -51.14 -2.19 13.72
N SER F 142 -51.34 -0.92 13.40
CA SER F 142 -50.29 -0.11 12.81
C SER F 142 -49.23 0.33 13.82
N THR F 143 -49.61 0.45 15.09
CA THR F 143 -48.66 0.85 16.14
C THR F 143 -47.61 -0.23 16.35
N LYS F 144 -48.04 -1.49 16.45
CA LYS F 144 -47.09 -2.60 16.56
C LYS F 144 -46.11 -2.60 15.38
N GLU F 145 -46.65 -2.42 14.17
CA GLU F 145 -45.84 -2.50 12.95
C GLU F 145 -44.77 -1.39 12.95
N PHE F 146 -45.16 -0.20 13.41
CA PHE F 146 -44.24 0.93 13.58
C PHE F 146 -42.99 0.57 14.39
N PHE F 147 -43.19 -0.10 15.53
CA PHE F 147 -42.08 -0.50 16.39
C PHE F 147 -41.26 -1.64 15.83
N ARG F 148 -41.94 -2.63 15.24
CA ARG F 148 -41.29 -3.76 14.53
C ARG F 148 -40.30 -3.25 13.47
N ARG F 149 -40.72 -2.24 12.72
CA ARG F 149 -39.99 -1.73 11.55
C ARG F 149 -39.07 -0.52 11.80
N SER F 150 -39.12 0.05 13.01
CA SER F 150 -38.37 1.28 13.31
C SER F 150 -36.85 1.07 13.36
N LYS F 151 -36.15 2.07 12.80
CA LYS F 151 -34.68 2.14 12.80
C LYS F 151 -34.15 3.22 13.77
N ILE F 152 -35.06 4.00 14.35
CA ILE F 152 -34.72 5.00 15.36
C ILE F 152 -34.28 4.26 16.62
N ALA F 153 -33.14 4.67 17.17
CA ALA F 153 -32.48 3.97 18.29
C ALA F 153 -33.38 3.72 19.50
N VAL F 154 -34.09 4.77 19.94
CA VAL F 154 -35.03 4.66 21.07
C VAL F 154 -36.13 3.63 20.77
N PHE F 155 -36.71 3.71 19.58
CA PHE F 155 -37.85 2.85 19.21
C PHE F 155 -37.43 1.42 18.91
N ASP F 156 -36.20 1.24 18.40
CA ASP F 156 -35.60 -0.08 18.16
C ASP F 156 -35.36 -0.80 19.48
N LYS F 157 -34.81 -0.07 20.46
CA LYS F 157 -34.60 -0.55 21.81
C LYS F 157 -35.92 -0.97 22.47
N MET F 158 -36.95 -0.14 22.29
CA MET F 158 -38.29 -0.42 22.81
C MET F 158 -38.87 -1.72 22.26
N TRP F 159 -38.76 -1.90 20.94
CA TRP F 159 -39.22 -3.11 20.28
C TRP F 159 -38.49 -4.36 20.75
N THR F 160 -37.16 -4.26 20.88
CA THR F 160 -36.32 -5.38 21.35
C THR F 160 -36.83 -5.84 22.71
N TYR F 161 -37.15 -4.88 23.58
CA TYR F 161 -37.77 -5.17 24.87
C TYR F 161 -39.16 -5.80 24.70
N MET F 162 -40.02 -5.16 23.90
CA MET F 162 -41.44 -5.56 23.83
C MET F 162 -41.64 -6.95 23.25
N ARG F 163 -40.93 -7.25 22.17
CA ARG F 163 -41.07 -8.54 21.48
C ARG F 163 -40.72 -9.75 22.37
N SER F 164 -39.80 -9.55 23.33
CA SER F 164 -39.27 -10.62 24.18
C SER F 164 -39.82 -10.62 25.61
N ALA F 165 -40.46 -9.52 26.02
CA ALA F 165 -40.94 -9.32 27.40
C ALA F 165 -41.86 -10.43 27.91
N GLU F 166 -41.62 -10.83 29.17
CA GLU F 166 -42.46 -11.82 29.85
C GLU F 166 -42.89 -11.30 31.23
N PRO F 167 -44.20 -11.31 31.53
CA PRO F 167 -45.26 -11.77 30.62
C PRO F 167 -45.56 -10.78 29.49
N SER F 168 -46.23 -11.27 28.45
CA SER F 168 -46.51 -10.52 27.22
C SER F 168 -47.06 -9.11 27.48
N VAL F 169 -46.51 -8.15 26.75
CA VAL F 169 -46.90 -6.74 26.88
C VAL F 169 -47.93 -6.31 25.84
N PHE F 170 -48.17 -7.16 24.83
CA PHE F 170 -49.14 -6.84 23.79
C PHE F 170 -50.54 -7.22 24.24
N VAL F 171 -51.53 -6.47 23.75
CA VAL F 171 -52.94 -6.66 24.13
C VAL F 171 -53.80 -6.89 22.88
N ARG F 172 -54.94 -7.55 23.08
CA ARG F 172 -55.87 -7.87 21.98
C ARG F 172 -56.78 -6.69 21.59
N THR F 173 -57.12 -5.83 22.54
CA THR F 173 -58.01 -4.68 22.29
C THR F 173 -57.52 -3.45 23.03
N THR F 174 -57.91 -2.27 22.55
CA THR F 174 -57.58 -1.03 23.24
C THR F 174 -58.10 -1.06 24.69
N ALA F 175 -59.34 -1.54 24.88
CA ALA F 175 -59.93 -1.64 26.21
C ALA F 175 -59.06 -2.43 27.18
N GLU F 176 -58.44 -3.51 26.68
CA GLU F 176 -57.49 -4.34 27.47
C GLU F 176 -56.21 -3.58 27.84
N GLY F 177 -55.68 -2.79 26.89
CA GLY F 177 -54.53 -1.91 27.15
C GLY F 177 -54.81 -0.87 28.23
N VAL F 178 -55.97 -0.22 28.11
CA VAL F 178 -56.40 0.82 29.06
C VAL F 178 -56.62 0.23 30.46
N ALA F 179 -57.31 -0.91 30.52
CA ALA F 179 -57.56 -1.60 31.80
C ALA F 179 -56.27 -1.98 32.50
N ARG F 180 -55.31 -2.48 31.71
CA ARG F 180 -53.97 -2.81 32.20
C ARG F 180 -53.26 -1.62 32.82
N VAL F 181 -53.24 -0.48 32.14
CA VAL F 181 -52.69 0.76 32.71
C VAL F 181 -53.37 1.07 34.05
N ARG F 182 -54.70 1.04 34.07
CA ARG F 182 -55.50 1.48 35.21
C ARG F 182 -55.32 0.59 36.44
N LYS F 183 -54.98 -0.68 36.22
CA LYS F 183 -54.89 -1.68 37.29
C LYS F 183 -53.46 -2.00 37.74
N SER F 184 -52.46 -1.46 37.06
CA SER F 184 -51.05 -1.84 37.29
C SER F 184 -50.25 -0.91 38.21
N LYS F 185 -50.92 0.03 38.87
CA LYS F 185 -50.30 0.92 39.88
C LYS F 185 -49.05 1.68 39.39
N GLY F 186 -49.10 2.11 38.12
CA GLY F 186 -48.00 2.85 37.50
C GLY F 186 -46.95 2.01 36.79
N LYS F 187 -47.10 0.68 36.82
CA LYS F 187 -46.07 -0.23 36.31
C LYS F 187 -46.29 -0.71 34.87
N TYR F 188 -47.36 -0.22 34.23
CA TYR F 188 -47.59 -0.45 32.80
C TYR F 188 -47.96 0.85 32.10
N ALA F 189 -47.27 1.12 31.00
CA ALA F 189 -47.61 2.22 30.09
C ALA F 189 -48.02 1.65 28.73
N TYR F 190 -48.99 2.29 28.10
CA TYR F 190 -49.55 1.76 26.87
C TYR F 190 -49.28 2.70 25.67
N LEU F 191 -48.83 2.12 24.56
CA LEU F 191 -48.55 2.90 23.35
C LEU F 191 -49.75 2.75 22.42
N LEU F 192 -50.39 3.86 22.10
CA LEU F 192 -51.65 3.87 21.35
C LEU F 192 -51.80 5.21 20.65
N GLU F 193 -52.75 5.27 19.72
CA GLU F 193 -52.93 6.47 18.92
C GLU F 193 -53.49 7.63 19.76
N SER F 194 -53.03 8.82 19.43
CA SER F 194 -53.32 10.04 20.20
C SER F 194 -54.82 10.31 20.34
N THR F 195 -55.58 10.01 19.28
CA THR F 195 -57.04 10.15 19.25
C THR F 195 -57.71 9.36 20.35
N MET F 196 -57.29 8.09 20.49
CA MET F 196 -57.87 7.22 21.50
CA MET F 196 -57.84 7.19 21.52
C MET F 196 -57.39 7.65 22.89
N ASN F 197 -56.10 7.96 23.00
CA ASN F 197 -55.50 8.41 24.26
C ASN F 197 -56.23 9.66 24.81
N GLU F 198 -56.40 10.68 23.97
CA GLU F 198 -57.08 11.93 24.33
C GLU F 198 -58.55 11.72 24.75
N TYR F 199 -59.25 10.80 24.07
CA TYR F 199 -60.61 10.46 24.46
C TYR F 199 -60.66 9.87 25.87
N ILE F 200 -59.84 8.85 26.12
CA ILE F 200 -59.82 8.13 27.40
C ILE F 200 -59.44 9.07 28.56
N GLU F 201 -58.53 10.00 28.27
CA GLU F 201 -58.08 11.00 29.24
C GLU F 201 -59.24 11.86 29.77
N GLN F 202 -60.27 12.06 28.96
CA GLN F 202 -61.44 12.86 29.35
C GLN F 202 -62.66 12.04 29.82
N ARG F 203 -62.43 10.78 30.21
CA ARG F 203 -63.50 9.90 30.70
C ARG F 203 -63.20 9.40 32.12
N LYS F 204 -64.26 9.25 32.93
CA LYS F 204 -64.14 8.66 34.27
C LYS F 204 -63.49 7.27 34.15
N PRO F 205 -62.60 6.87 35.08
CA PRO F 205 -62.31 7.58 36.35
C PRO F 205 -61.24 8.68 36.30
N CYS F 206 -60.88 9.16 35.10
CA CYS F 206 -59.94 10.29 34.96
C CYS F 206 -58.59 10.02 35.66
N ASP F 207 -58.07 8.82 35.47
CA ASP F 207 -56.84 8.38 36.12
C ASP F 207 -55.70 8.10 35.14
N THR F 208 -55.89 8.48 33.88
CA THR F 208 -54.84 8.32 32.88
C THR F 208 -54.47 9.66 32.27
N MET F 209 -53.32 9.71 31.62
CA MET F 209 -52.97 10.86 30.80
C MET F 209 -51.99 10.55 29.67
N LYS F 210 -52.06 11.40 28.64
CA LYS F 210 -51.12 11.38 27.54
C LYS F 210 -49.91 12.17 27.95
N VAL F 211 -48.74 11.56 27.77
CA VAL F 211 -47.46 12.24 28.07
C VAL F 211 -46.55 12.25 26.86
N GLY F 212 -45.79 13.34 26.72
CA GLY F 212 -44.86 13.52 25.60
C GLY F 212 -45.54 13.90 24.31
N GLY F 213 -44.73 14.17 23.29
CA GLY F 213 -45.23 14.49 21.96
C GLY F 213 -45.63 13.20 21.25
N ASN F 214 -46.34 13.34 20.15
CA ASN F 214 -46.62 12.19 19.30
C ASN F 214 -45.32 11.68 18.65
N LEU F 215 -45.23 10.37 18.44
CA LEU F 215 -44.03 9.75 17.88
C LEU F 215 -43.96 9.84 16.35
N ASP F 216 -45.13 10.02 15.74
CA ASP F 216 -45.26 10.13 14.28
C ASP F 216 -46.48 10.97 13.93
N SER F 217 -46.74 11.14 12.63
CA SER F 217 -47.87 11.91 12.12
C SER F 217 -48.49 11.17 10.96
N LYS F 218 -49.76 10.82 11.08
CA LYS F 218 -50.42 10.07 10.01
C LYS F 218 -51.95 10.27 10.09
N GLY F 219 -52.69 9.49 9.31
CA GLY F 219 -54.13 9.72 9.21
C GLY F 219 -54.91 8.42 9.16
N TYR F 220 -56.19 8.51 9.52
CA TYR F 220 -57.15 7.47 9.22
C TYR F 220 -57.80 7.76 7.89
N GLY F 221 -58.05 6.71 7.11
CA GLY F 221 -58.78 6.85 5.84
C GLY F 221 -59.91 5.83 5.71
N ILE F 222 -60.85 6.11 4.84
CA ILE F 222 -61.92 5.17 4.52
C ILE F 222 -61.38 4.24 3.44
N ALA F 223 -61.42 2.93 3.70
CA ALA F 223 -60.80 1.96 2.81
C ALA F 223 -61.79 1.18 1.95
N THR F 224 -61.40 0.93 0.70
CA THR F 224 -62.20 0.12 -0.25
C THR F 224 -61.30 -0.93 -0.88
N PRO F 225 -61.85 -2.08 -1.30
CA PRO F 225 -61.04 -3.07 -2.02
C PRO F 225 -60.63 -2.54 -3.39
N LYS F 226 -59.52 -3.02 -3.93
CA LYS F 226 -59.11 -2.58 -5.26
C LYS F 226 -60.16 -2.96 -6.32
N GLY F 227 -60.39 -2.04 -7.24
CA GLY F 227 -61.42 -2.21 -8.26
C GLY F 227 -62.81 -1.74 -7.88
N SER F 228 -62.99 -1.26 -6.64
CA SER F 228 -64.30 -0.76 -6.16
C SER F 228 -64.86 0.43 -6.95
N SER F 229 -66.14 0.34 -7.31
CA SER F 229 -66.83 1.45 -7.99
C SER F 229 -67.11 2.64 -7.05
N LEU F 230 -66.89 2.44 -5.75
CA LEU F 230 -67.10 3.46 -4.72
C LEU F 230 -65.89 4.37 -4.48
N ARG F 231 -64.71 3.95 -4.94
CA ARG F 231 -63.46 4.63 -4.60
C ARG F 231 -63.46 6.15 -4.81
N ASN F 232 -63.78 6.59 -6.04
CA ASN F 232 -63.74 8.03 -6.36
C ASN F 232 -64.75 8.82 -5.52
N ALA F 233 -65.99 8.33 -5.46
CA ALA F 233 -67.09 9.06 -4.80
C ALA F 233 -66.77 9.24 -3.31
N VAL F 234 -66.23 8.19 -2.70
CA VAL F 234 -65.92 8.17 -1.28
C VAL F 234 -64.80 9.17 -1.00
N ASN F 235 -63.76 9.15 -1.82
CA ASN F 235 -62.66 10.10 -1.69
C ASN F 235 -63.15 11.56 -1.76
N LEU F 236 -63.95 11.86 -2.79
CA LEU F 236 -64.50 13.21 -2.95
C LEU F 236 -65.44 13.57 -1.81
N ALA F 237 -66.23 12.60 -1.32
CA ALA F 237 -67.11 12.81 -0.19
C ALA F 237 -66.35 13.20 1.10
N VAL F 238 -65.23 12.52 1.39
CA VAL F 238 -64.37 12.85 2.53
C VAL F 238 -63.87 14.30 2.45
N LEU F 239 -63.42 14.70 1.26
CA LEU F 239 -63.00 16.08 1.05
C LEU F 239 -64.14 17.09 1.24
N LYS F 240 -65.32 16.75 0.72
CA LYS F 240 -66.52 17.58 0.85
C LYS F 240 -66.84 17.78 2.33
N LEU F 241 -66.87 16.68 3.09
CA LEU F 241 -67.18 16.74 4.52
C LEU F 241 -66.18 17.56 5.32
N ASN F 242 -64.90 17.51 4.95
CA ASN F 242 -63.91 18.29 5.65
C ASN F 242 -64.12 19.77 5.36
N GLU F 243 -64.36 20.08 4.10
CA GLU F 243 -64.49 21.48 3.66
C GLU F 243 -65.76 22.13 4.18
N GLN F 244 -66.80 21.32 4.43
CA GLN F 244 -68.08 21.81 4.98
C GLN F 244 -68.06 22.03 6.49
N GLY F 245 -66.97 21.60 7.14
CA GLY F 245 -66.77 21.69 8.58
C GLY F 245 -67.33 20.52 9.38
N LEU F 246 -67.92 19.56 8.69
CA LEU F 246 -68.62 18.43 9.33
C LEU F 246 -67.67 17.52 10.13
N LEU F 247 -66.47 17.26 9.60
CA LEU F 247 -65.50 16.43 10.31
C LEU F 247 -65.08 17.07 11.63
N ASP F 248 -64.89 18.39 11.62
CA ASP F 248 -64.51 19.12 12.84
C ASP F 248 -65.64 19.13 13.87
N LYS F 249 -66.87 19.26 13.37
CA LYS F 249 -68.08 19.21 14.21
C LYS F 249 -68.19 17.85 14.90
N LEU F 250 -67.96 16.79 14.14
CA LEU F 250 -68.03 15.41 14.67
C LEU F 250 -66.97 15.11 15.71
N LYS F 251 -65.75 15.65 15.51
CA LYS F 251 -64.68 15.50 16.50
C LYS F 251 -65.07 16.21 17.81
N ASN F 252 -65.63 17.42 17.71
CA ASN F 252 -66.09 18.13 18.91
C ASN F 252 -67.23 17.38 19.63
N LYS F 253 -68.14 16.80 18.84
CA LYS F 253 -69.30 16.06 19.38
C LYS F 253 -68.87 14.85 20.24
N TRP F 254 -67.89 14.11 19.73
CA TRP F 254 -67.53 12.82 20.30
C TRP F 254 -66.34 12.84 21.24
N TRP F 255 -65.52 13.89 21.15
CA TRP F 255 -64.39 14.00 22.08
C TRP F 255 -64.68 14.91 23.26
N TYR F 256 -64.97 16.17 22.97
CA TYR F 256 -64.96 17.19 24.02
C TYR F 256 -66.31 17.47 24.63
N ASP F 257 -67.38 17.32 23.83
CA ASP F 257 -68.74 17.30 24.34
C ASP F 257 -69.00 16.05 25.20
N LYS F 258 -68.25 14.98 24.95
CA LYS F 258 -68.32 13.75 25.77
C LYS F 258 -67.35 13.74 26.99
N GLY F 259 -66.75 14.90 27.28
CA GLY F 259 -65.81 15.05 28.40
C GLY F 259 -66.46 14.91 29.77
N GLU F 260 -65.83 14.14 30.64
CA GLU F 260 -66.32 13.89 32.00
C GLU F 260 -65.39 14.41 33.11
N CYS F 261 -64.18 14.83 32.72
CA CYS F 261 -63.16 15.21 33.71
C CYS F 261 -62.99 16.73 33.80
N GLY F 262 -64.05 17.45 33.44
CA GLY F 262 -64.05 18.92 33.42
C GLY F 262 -64.10 19.46 32.01
N1 9C6 G . 58.36 -15.06 -3.34
C4 9C6 G . 59.47 -14.22 -3.01
C5 9C6 G . 57.07 -14.47 -3.27
C6 9C6 G . 57.48 -16.57 -5.23
C7 9C6 G . 58.64 -16.07 -4.39
C8 9C6 G . 55.57 -12.51 -2.63
C10 9C6 G . 54.28 -10.61 -3.33
C13 9C6 G . 54.44 -13.11 -2.04
C15 9C6 G . 49.74 -10.97 -2.83
C17 9C6 G . 48.54 -10.87 -0.73
O2 9C6 G . 55.02 -16.47 -5.44
S1 9C6 G . 56.02 -16.47 -4.42
O1 9C6 G . 55.88 -17.63 -3.54
C3 9C6 G . 59.33 -12.92 -2.51
C2 9C6 G . 58.06 -12.36 -2.37
N2 9C6 G . 55.94 -15.17 -3.60
C1 9C6 G . 56.92 -13.10 -2.69
C12 9C6 G . 53.23 -12.41 -2.10
C11 9C6 G . 53.16 -11.17 -2.76
C9 9C6 G . 55.47 -11.28 -3.26
O3 9C6 G . 52.02 -10.43 -2.89
C14 9C6 G . 50.89 -10.58 -2.16
C19 9C6 G . 50.89 -10.31 -0.79
C18 9C6 G . 49.71 -10.46 -0.07
C16 9C6 G . 48.57 -11.12 -2.10
N GLU H . 51.83 -24.33 3.71
CA GLU H . 52.68 -25.56 3.87
C GLU H . 52.65 -26.41 2.61
O GLU H . 53.31 -27.47 2.55
CB GLU H . 52.25 -26.38 5.08
CG GLU H . 52.72 -25.84 6.43
CD GLU H . 54.23 -25.95 6.66
OE1 GLU H . 54.71 -25.24 7.58
OE2 GLU H . 54.92 -26.77 6.01
OXT GLU H . 52.01 -26.03 1.62
N GLU I . 56.52 -0.45 -9.83
CA GLU I . 55.56 0.52 -10.43
C GLU I . 55.03 0.02 -11.77
O GLU I . 54.25 0.73 -12.42
CB GLU I . 56.22 1.90 -10.60
CG GLU I . 56.32 2.71 -9.31
CD GLU I . 55.01 3.31 -8.81
OE1 GLU I . 55.00 3.78 -7.64
OE2 GLU I . 54.01 3.39 -9.58
OXT GLU I . 55.35 -1.10 -12.16
ZN ZN J . 72.28 -19.08 -9.47
C ACT K . 78.41 -4.46 -9.45
O ACT K . 78.93 -3.33 -9.41
OXT ACT K . 77.97 -4.95 -10.52
CH3 ACT K . 78.30 -5.24 -8.17
C ACT L . 49.47 6.96 -19.17
O ACT L . 48.83 7.34 -18.16
OXT ACT L . 50.71 7.08 -19.24
CH3 ACT L . 48.73 6.36 -20.32
ZN ZN M . 68.77 -23.72 -13.09
ZN ZN N . 33.74 -10.68 -5.57
N GLU O . 9.84 -11.35 -5.20
CA GLU O . 11.16 -11.24 -5.88
C GLU O . 11.11 -11.77 -7.31
O GLU O . 12.15 -11.79 -7.99
CB GLU O . 12.25 -11.97 -5.08
CG GLU O . 12.74 -11.20 -3.84
CD GLU O . 13.57 -9.96 -4.17
OE1 GLU O . 13.72 -9.13 -3.25
OE2 GLU O . 14.06 -9.79 -5.31
OXT GLU O . 10.04 -12.20 -7.76
ZN ZN P . -12.56 -19.34 -2.18
C ACT Q . 29.17 -7.57 5.33
O ACT Q . 28.48 -8.54 5.75
OXT ACT Q . 29.61 -7.51 4.15
CH3 ACT Q . 29.49 -6.45 6.26
C ACT R . -6.63 -4.37 4.22
O ACT R . -5.83 -3.52 4.67
OXT ACT R . -6.60 -4.76 3.04
CH3 ACT R . -7.66 -4.95 5.15
C ACT S . 6.75 4.73 -3.62
O ACT S . 6.28 4.87 -2.47
OXT ACT S . 6.23 3.95 -4.45
CH3 ACT S . 7.97 5.51 -4.02
ZN ZN T . -26.27 -8.90 4.54
N1 9C6 U . 2.19 -1.85 -9.71
N1 9C6 U . -5.62 -6.38 -5.52
C4 9C6 U . 2.27 -0.47 -9.44
C4 9C6 U . -5.35 -6.96 -4.27
C5 9C6 U . 1.18 -2.55 -8.98
C5 9C6 U . -4.57 -5.56 -6.05
C6 9C6 U . 1.56 -3.38 -11.61
C6 9C6 U . -6.00 -7.10 -7.92
C7 9C6 U . 2.30 -2.14 -11.16
C7 9C6 U . -6.24 -7.36 -6.44
C8 9C6 U . -0.62 -2.60 -7.19
C8 9C6 U . -2.31 -4.42 -5.81
C10 9C6 U . -2.89 -2.64 -6.51
C10 9C6 U . 0.00 -4.24 -6.28
C13 9C6 U . -0.40 -3.86 -6.63
C13 9C6 U . -2.56 -3.22 -6.48
C15 9C6 U . -4.48 -6.60 -4.95
C15 9C6 U . 1.28 -0.96 -9.24
C17 9C6 U . -4.08 -7.58 -2.83
C17 9C6 U . 1.44 1.37 -8.80
O2 9C6 U . 0.62 -5.53 -10.93
O2 9C6 U . -5.27 -5.51 -9.60
S1 9C6 U . 1.50 -4.55 -10.41
S1 9C6 U . -5.71 -5.48 -8.25
O1 9C6 U . 2.79 -5.16 -10.18
O1 9C6 U . -6.93 -4.70 -8.19
C3 9C6 U . 1.50 0.19 -8.48
C3 9C6 U . -4.20 -6.71 -3.51
C2 9C6 U . 0.56 -0.49 -7.74
C2 9C6 U . -3.21 -5.89 -4.00
N2 9C6 U . 0.99 -3.89 -9.15
N2 9C6 U . -4.70 -4.96 -7.26
C1 9C6 U . 0.41 -1.86 -7.93
C1 9C6 U . -3.37 -5.27 -5.23
C12 9C6 U . -1.45 -4.51 -5.97
C12 9C6 U . -1.49 -2.51 -7.03
C11 9C6 U . -2.68 -3.87 -5.93
C11 9C6 U . -0.21 -3.03 -6.93
C9 9C6 U . -1.85 -1.99 -7.14
C9 9C6 U . -1.04 -4.93 -5.72
O3 9C6 U . -3.79 -4.41 -5.35
O3 9C6 U . 0.90 -2.45 -7.46
C14 9C6 U . -3.84 -5.46 -4.52
C14 9C6 U . 1.04 -1.18 -7.88
C19 9C6 U . -3.33 -5.36 -3.23
C19 9C6 U . 1.01 -0.13 -6.98
C18 9C6 U . -3.45 -6.43 -2.38
C18 9C6 U . 1.21 1.15 -7.45
C16 9C6 U . -4.60 -7.68 -4.11
C16 9C6 U . 1.47 0.32 -9.70
N GLU V . -12.92 4.05 -8.34
CA GLU V . -14.33 3.68 -8.11
C GLU V . -14.88 2.83 -9.26
O GLU V . -16.06 2.46 -9.24
CB GLU V . -15.22 4.92 -7.93
CG GLU V . -15.10 5.55 -6.55
CD GLU V . -15.78 4.75 -5.43
OE1 GLU V . -15.46 5.06 -4.27
OE2 GLU V . -16.59 3.84 -5.72
OXT GLU V . -14.12 2.52 -10.17
ZN ZN W . -3.75 25.91 -21.71
ZN ZN X . 7.35 6.95 -20.80
C ACT Y . -26.60 13.84 6.48
O ACT Y . -25.98 14.64 5.72
OXT ACT Y . -27.35 12.92 6.06
CH3 ACT Y . -26.41 13.99 7.96
C ACT Z . -2.22 26.45 -19.46
O ACT Z . -2.80 27.52 -19.74
OXT ACT Z . -2.33 25.46 -20.21
CH3 ACT Z . -1.39 26.36 -18.22
ZN ZN AA . -34.95 7.68 0.11
N1 9C6 BA . -57.77 16.44 6.00
C4 9C6 BA . -58.52 16.42 7.22
C5 9C6 BA . -56.44 15.92 6.08
C6 9C6 BA . -57.85 15.58 3.59
C7 9C6 BA . -58.56 16.24 4.76
C8 9C6 BA . -54.47 15.04 7.45
C10 9C6 BA . -53.17 13.17 8.24
C13 9C6 BA . -53.34 15.65 6.87
C15 9C6 BA . -48.89 12.90 6.60
C17 9C6 BA . -47.02 14.30 7.27
O2 9C6 BA . -55.65 14.97 2.69
S1 9C6 BA . -56.22 15.94 3.56
O1 9C6 BA . -56.05 17.30 3.05
C3 9C6 BA . -57.98 16.05 8.45
C2 9C6 BA . -56.66 15.62 8.54
N2 9C6 BA . -55.64 15.85 4.97
C1 9C6 BA . -55.86 15.57 7.40
C12 9C6 BA . -52.12 14.98 6.99
C11 9C6 BA . -52.04 13.76 7.66
C9 9C6 BA . -54.37 13.83 8.12
O3 9C6 BA . -50.89 13.03 7.81
C14 9C6 BA . -49.63 13.47 7.63
C19 9C6 BA . -49.09 14.43 8.50
C18 9C6 BA . -47.77 14.84 8.30
C16 9C6 BA . -47.58 13.33 6.42
N GLU CA . -51.01 26.18 -0.22
CA GLU CA . -51.97 27.15 -0.80
C GLU CA . -52.57 26.62 -2.11
O GLU CA . -53.38 27.31 -2.77
CB GLU CA . -51.32 28.52 -1.03
CG GLU CA . -51.21 29.40 0.22
CD GLU CA . -52.55 29.91 0.76
OE1 GLU CA . -52.58 30.31 1.94
OE2 GLU CA . -53.55 29.97 0.00
OXT GLU CA . -52.25 25.50 -2.50
ZN ZN DA . -30.63 35.58 -7.81
C ACT EA . -30.69 35.10 -5.17
O ACT EA . -31.94 35.12 -5.18
OXT ACT EA . -30.03 35.48 -6.17
CH3 ACT EA . -29.97 34.60 -3.95
ZN ZN FA . -75.51 -6.30 24.59
N GLU GA . -55.57 2.56 13.94
CA GLU GA . -54.74 1.37 14.09
C GLU GA . -54.78 0.49 12.85
O GLU GA . -54.15 -0.58 12.83
CB GLU GA . -55.17 0.53 15.31
CG GLU GA . -54.69 1.08 16.66
CD GLU GA . -53.19 0.94 16.91
OE1 GLU GA . -52.71 1.64 17.84
OE2 GLU GA . -52.51 0.10 16.26
OXT GLU GA . -55.43 0.89 11.88
ZN ZN HA . -73.47 16.37 4.51
ZN ZN IA . -48.79 -17.45 11.40
C ACT JA . -49.07 -20.04 10.39
O ACT JA . -49.62 -18.92 10.54
OXT ACT JA . -47.83 -20.17 10.48
CH3 ACT JA . -49.91 -21.26 10.12
C ACT KA . -77.03 -7.64 22.66
O ACT KA . -76.88 -7.59 23.90
OXT ACT KA . -76.34 -6.94 21.90
CH3 ACT KA . -78.06 -8.57 22.09
C ACT LA . -50.80 -10.36 12.86
O ACT LA . -49.79 -9.85 13.41
OXT ACT LA . -51.94 -10.27 13.37
CH3 ACT LA . -50.64 -11.09 11.56
#